data_9RZZ
#
_entry.id   9RZZ
#
_cell.length_a   164.549
_cell.length_b   88.040
_cell.length_c   116.662
_cell.angle_alpha   90.000
_cell.angle_beta   90.000
_cell.angle_gamma   90.000
#
_symmetry.space_group_name_H-M   'P 21 21 2'
#
loop_
_entity.id
_entity.type
_entity.pdbx_description
1 polymer 'Isoform 3 of Pyrroline-5-carboxylate reductase 1, mitochondrial'
2 non-polymer 1,2-ETHANEDIOL
3 non-polymer 'pyrrolidine-1-sulfonic acid'
4 water water
#
_entity_poly.entity_id   1
_entity_poly.type   'polypeptide(L)'
_entity_poly.pdbx_seq_one_letter_code
;MHHHHHHSSGVDLGTENLYFQSMSVGFIGAGQLAFALAKGFTAAGVLAAHKIMASSPDMDLATVSALRKMGVKLTPHNKE
TVQHSDVLFLAVKPHIIPFILDEIGADIEDRHIVVSCAAGVTISSIEKKLSAFRPAPRVIRCMTNTPVVVREGATVYATG
THAQVEDGRLMEQLLSSVGFCTEVEEDLIDAVTGLSGSGPAYAFTALDALADGGVKMGLPRRLAVRLGAQALLGAAKMLL
HSEQHPGQLKDNVSSPGGATIHALHVLESGGFRSLLINAVEASCIRTRELQSMADQEQVSPAAIKKTILDKVKLDSPAGT
ALSPSGHTKLLPRSLAPAGKD
;
_entity_poly.pdbx_strand_id   A,B,C,D,E
#
loop_
_chem_comp.id
_chem_comp.type
_chem_comp.name
_chem_comp.formula
A1JKN non-polymer 'pyrrolidine-1-sulfonic acid' 'C4 H9 N O3 S'
EDO non-polymer 1,2-ETHANEDIOL 'C2 H6 O2'
#
# COMPACT_ATOMS: atom_id res chain seq x y z
N MET A 23 43.72 28.29 3.01
CA MET A 23 43.22 27.49 4.14
C MET A 23 43.87 26.11 4.18
N SER A 24 44.08 25.60 5.39
CA SER A 24 44.82 24.36 5.61
C SER A 24 43.87 23.25 6.06
N VAL A 25 43.97 22.09 5.41
CA VAL A 25 43.13 20.94 5.72
C VAL A 25 44.03 19.76 6.04
N GLY A 26 43.64 18.98 7.05
CA GLY A 26 44.38 17.79 7.42
C GLY A 26 43.46 16.61 7.61
N PHE A 27 44.02 15.41 7.42
CA PHE A 27 43.29 14.16 7.54
C PHE A 27 44.02 13.28 8.55
N ILE A 28 43.32 12.87 9.60
CA ILE A 28 43.79 11.81 10.49
C ILE A 28 43.14 10.51 10.04
N GLY A 29 43.97 9.57 9.60
CA GLY A 29 43.48 8.40 8.91
C GLY A 29 43.68 8.56 7.41
N ALA A 30 44.18 7.53 6.76
CA ALA A 30 44.43 7.57 5.33
C ALA A 30 43.82 6.35 4.65
N GLY A 31 42.55 6.10 4.93
CA GLY A 31 41.82 5.01 4.33
C GLY A 31 41.10 5.43 3.07
N GLN A 32 40.07 4.65 2.73
CA GLN A 32 39.28 4.95 1.54
C GLN A 32 38.69 6.35 1.60
N LEU A 33 38.11 6.73 2.73
CA LEU A 33 37.41 8.00 2.81
C LEU A 33 38.37 9.19 2.73
N ALA A 34 39.51 9.10 3.43
CA ALA A 34 40.51 10.16 3.35
C ALA A 34 40.96 10.37 1.91
N PHE A 35 41.36 9.28 1.24
CA PHE A 35 41.77 9.38 -0.15
C PHE A 35 40.65 9.94 -1.02
N ALA A 36 39.42 9.51 -0.77
CA ALA A 36 38.31 9.94 -1.64
C ALA A 36 38.07 11.43 -1.53
N LEU A 37 38.08 11.96 -0.29
CA LEU A 37 37.87 13.39 -0.08
C LEU A 37 39.00 14.22 -0.68
N ALA A 38 40.24 13.82 -0.40
CA ALA A 38 41.38 14.53 -0.99
C ALA A 38 41.30 14.54 -2.51
N LYS A 39 41.05 13.38 -3.12
CA LYS A 39 40.93 13.34 -4.58
C LYS A 39 39.80 14.25 -5.06
N GLY A 40 38.64 14.19 -4.39
CA GLY A 40 37.55 15.06 -4.76
C GLY A 40 37.88 16.54 -4.57
N PHE A 41 38.49 16.87 -3.41
CA PHE A 41 38.79 18.26 -3.10
C PHE A 41 39.74 18.87 -4.13
N THR A 42 40.82 18.16 -4.43
CA THR A 42 41.80 18.68 -5.38
C THR A 42 41.22 18.77 -6.78
N ALA A 43 40.39 17.79 -7.16
CA ALA A 43 39.79 17.82 -8.48
C ALA A 43 38.81 18.97 -8.63
N ALA A 44 38.22 19.43 -7.52
CA ALA A 44 37.33 20.58 -7.56
C ALA A 44 38.07 21.91 -7.66
N GLY A 45 39.39 21.91 -7.46
CA GLY A 45 40.14 23.14 -7.44
C GLY A 45 39.99 23.95 -6.18
N VAL A 46 39.35 23.40 -5.14
CA VAL A 46 39.13 24.16 -3.91
C VAL A 46 40.32 24.06 -2.96
N LEU A 47 41.24 23.12 -3.17
CA LEU A 47 42.40 22.96 -2.31
C LEU A 47 43.57 22.45 -3.15
N ALA A 48 44.73 23.07 -2.95
CA ALA A 48 45.96 22.52 -3.50
C ALA A 48 46.37 21.29 -2.71
N ALA A 49 46.87 20.27 -3.41
CA ALA A 49 47.20 19.01 -2.75
C ALA A 49 48.24 19.19 -1.66
N HIS A 50 49.13 20.19 -1.81
CA HIS A 50 50.16 20.43 -0.80
C HIS A 50 49.60 21.09 0.46
N LYS A 51 48.50 21.84 0.34
CA LYS A 51 47.81 22.39 1.50
C LYS A 51 47.04 21.34 2.28
N ILE A 52 47.29 20.07 1.98
CA ILE A 52 46.63 18.94 2.61
C ILE A 52 47.69 18.03 3.19
N MET A 53 47.49 17.59 4.43
CA MET A 53 48.36 16.63 5.09
C MET A 53 47.53 15.49 5.65
N ALA A 54 48.04 14.27 5.55
CA ALA A 54 47.33 13.09 6.02
C ALA A 54 48.27 12.20 6.82
N SER A 55 47.75 11.58 7.87
CA SER A 55 48.51 10.68 8.71
C SER A 55 47.84 9.33 8.78
N SER A 56 48.66 8.26 8.80
CA SER A 56 48.17 6.90 8.87
C SER A 56 49.05 6.09 9.80
N PRO A 57 48.47 5.28 10.69
CA PRO A 57 49.28 4.33 11.45
C PRO A 57 49.78 3.17 10.60
N ASP A 58 49.16 2.93 9.45
CA ASP A 58 49.56 1.90 8.52
C ASP A 58 49.91 2.59 7.20
N MET A 59 51.20 2.72 6.91
CA MET A 59 51.65 3.31 5.66
C MET A 59 51.66 2.30 4.51
N ASP A 60 51.49 1.01 4.81
CA ASP A 60 51.39 -0.02 3.79
C ASP A 60 50.01 -0.05 3.13
N LEU A 61 49.09 0.82 3.53
CA LEU A 61 47.78 0.86 2.90
C LEU A 61 47.89 1.25 1.43
N ALA A 62 47.08 0.61 0.59
CA ALA A 62 47.03 0.99 -0.81
C ALA A 62 46.52 2.42 -0.98
N THR A 63 45.58 2.84 -0.12
CA THR A 63 45.10 4.21 -0.15
C THR A 63 46.22 5.21 0.07
N VAL A 64 47.22 4.85 0.89
CA VAL A 64 48.32 5.77 1.18
C VAL A 64 49.25 5.90 -0.02
N SER A 65 49.38 4.84 -0.83
CA SER A 65 50.25 4.92 -2.01
C SER A 65 49.79 6.00 -2.97
N ALA A 66 48.48 6.03 -3.28
CA ALA A 66 47.97 6.96 -4.28
C ALA A 66 48.01 8.41 -3.80
N LEU A 67 47.80 8.64 -2.50
CA LEU A 67 47.85 10.01 -1.99
C LEU A 67 49.21 10.64 -2.22
N ARG A 68 50.28 9.85 -2.20
CA ARG A 68 51.60 10.38 -2.50
C ARG A 68 51.67 10.91 -3.93
N LYS A 69 51.12 10.16 -4.89
CA LYS A 69 51.14 10.61 -6.27
C LYS A 69 50.36 11.91 -6.46
N MET A 70 49.36 12.15 -5.61
CA MET A 70 48.57 13.38 -5.72
C MET A 70 49.40 14.60 -5.32
N GLY A 71 50.40 14.43 -4.46
CA GLY A 71 51.10 15.54 -3.88
C GLY A 71 50.67 15.88 -2.46
N VAL A 72 49.81 15.05 -1.86
CA VAL A 72 49.38 15.29 -0.48
C VAL A 72 50.52 14.93 0.47
N LYS A 73 50.82 15.83 1.40
CA LYS A 73 51.82 15.53 2.41
C LYS A 73 51.35 14.38 3.29
N LEU A 74 52.25 13.45 3.59
CA LEU A 74 51.97 12.33 4.47
C LEU A 74 52.98 12.30 5.60
N THR A 75 52.51 11.93 6.79
CA THR A 75 53.30 11.82 8.00
C THR A 75 52.78 10.64 8.81
N PRO A 76 53.65 9.94 9.53
CA PRO A 76 53.18 8.84 10.39
C PRO A 76 52.64 9.29 11.73
N HIS A 77 52.70 10.58 12.05
CA HIS A 77 52.34 11.08 13.37
C HIS A 77 51.14 12.01 13.24
N ASN A 78 50.06 11.68 13.94
CA ASN A 78 48.86 12.51 13.92
C ASN A 78 49.15 13.91 14.45
N LYS A 79 50.11 14.05 15.37
CA LYS A 79 50.43 15.37 15.91
C LYS A 79 50.86 16.33 14.81
N GLU A 80 51.65 15.84 13.85
CA GLU A 80 52.11 16.70 12.77
C GLU A 80 50.96 17.17 11.91
N THR A 81 49.97 16.30 11.68
CA THR A 81 48.76 16.71 10.95
C THR A 81 48.06 17.85 11.67
N VAL A 82 47.92 17.76 12.99
CA VAL A 82 47.20 18.78 13.75
C VAL A 82 47.91 20.13 13.65
N GLN A 83 49.24 20.12 13.64
CA GLN A 83 49.98 21.38 13.61
C GLN A 83 49.85 22.08 12.26
N HIS A 84 49.87 21.31 11.16
CA HIS A 84 49.74 21.89 9.84
C HIS A 84 48.33 22.34 9.52
N SER A 85 47.32 21.78 10.17
CA SER A 85 45.95 21.89 9.70
C SER A 85 45.14 22.93 10.47
N ASP A 86 44.12 23.45 9.79
CA ASP A 86 43.09 24.26 10.42
C ASP A 86 41.77 23.49 10.52
N VAL A 87 41.24 23.02 9.39
CA VAL A 87 40.15 22.07 9.39
C VAL A 87 40.75 20.67 9.48
N LEU A 88 40.30 19.89 10.45
CA LEU A 88 40.88 18.58 10.74
C LEU A 88 39.80 17.52 10.59
N PHE A 89 39.96 16.64 9.60
CA PHE A 89 39.02 15.54 9.37
C PHE A 89 39.46 14.29 10.11
N LEU A 90 38.56 13.72 10.90
CA LEU A 90 38.82 12.46 11.60
C LEU A 90 38.16 11.37 10.76
N ALA A 91 38.95 10.75 9.89
CA ALA A 91 38.44 9.74 8.97
C ALA A 91 38.92 8.37 9.42
N VAL A 92 38.73 8.06 10.70
CA VAL A 92 39.12 6.78 11.27
C VAL A 92 37.87 6.05 11.71
N LYS A 93 38.06 4.78 12.09
CA LYS A 93 36.95 3.93 12.50
C LYS A 93 36.35 4.43 13.81
N PRO A 94 35.04 4.20 14.01
CA PRO A 94 34.38 4.66 15.25
C PRO A 94 35.07 4.24 16.53
N HIS A 95 35.48 2.97 16.65
CA HIS A 95 36.14 2.56 17.89
C HIS A 95 37.54 3.17 18.02
N ILE A 96 38.08 3.77 16.96
CA ILE A 96 39.39 4.40 17.03
C ILE A 96 39.32 5.87 17.48
N ILE A 97 38.18 6.54 17.26
CA ILE A 97 38.07 7.96 17.60
C ILE A 97 38.57 8.29 19.00
N PRO A 98 38.14 7.60 20.07
CA PRO A 98 38.59 8.01 21.42
C PRO A 98 40.10 7.98 21.59
N PHE A 99 40.79 7.04 20.96
CA PHE A 99 42.25 7.01 21.04
C PHE A 99 42.86 8.21 20.34
N ILE A 100 42.34 8.56 19.15
CA ILE A 100 42.86 9.73 18.44
C ILE A 100 42.66 10.98 19.29
N LEU A 101 41.48 11.12 19.90
CA LEU A 101 41.19 12.31 20.70
C LEU A 101 42.11 12.39 21.91
N ASP A 102 42.34 11.26 22.58
CA ASP A 102 43.29 11.24 23.70
C ASP A 102 44.69 11.61 23.24
N GLU A 103 45.06 11.25 22.00
CA GLU A 103 46.43 11.50 21.55
C GLU A 103 46.68 12.96 21.20
N ILE A 104 45.73 13.62 20.55
CA ILE A 104 45.97 14.97 20.03
C ILE A 104 45.19 16.03 20.77
N GLY A 105 44.37 15.67 21.76
CA GLY A 105 43.53 16.65 22.43
C GLY A 105 44.31 17.82 22.99
N ALA A 106 45.52 17.56 23.51
CA ALA A 106 46.36 18.62 24.03
C ALA A 106 46.87 19.56 22.95
N ASP A 107 46.85 19.14 21.69
CA ASP A 107 47.37 19.90 20.57
C ASP A 107 46.29 20.68 19.83
N ILE A 108 45.03 20.56 20.25
CA ILE A 108 43.97 21.35 19.64
C ILE A 108 44.10 22.80 20.06
N GLU A 109 43.98 23.71 19.12
CA GLU A 109 44.06 25.15 19.37
C GLU A 109 42.72 25.80 19.05
N ASP A 110 42.65 27.12 19.31
CA ASP A 110 41.44 27.86 19.02
C ASP A 110 41.08 27.82 17.55
N ARG A 111 42.09 27.75 16.68
CA ARG A 111 41.86 27.83 15.24
C ARG A 111 41.22 26.56 14.66
N HIS A 112 41.28 25.45 15.38
CA HIS A 112 40.89 24.16 14.80
C HIS A 112 39.39 24.00 14.70
N ILE A 113 38.94 23.47 13.57
CA ILE A 113 37.61 22.89 13.44
C ILE A 113 37.82 21.39 13.27
N VAL A 114 37.27 20.61 14.20
CA VAL A 114 37.43 19.16 14.21
C VAL A 114 36.18 18.55 13.58
N VAL A 115 36.36 17.86 12.46
CA VAL A 115 35.26 17.26 11.71
C VAL A 115 35.37 15.75 11.83
N SER A 116 34.45 15.13 12.58
CA SER A 116 34.43 13.68 12.71
C SER A 116 33.56 13.07 11.62
N CYS A 117 34.15 12.14 10.86
CA CYS A 117 33.43 11.41 9.82
C CYS A 117 32.99 10.03 10.28
N ALA A 118 33.31 9.66 11.51
CA ALA A 118 33.03 8.32 12.00
C ALA A 118 31.54 8.09 12.16
N ALA A 119 31.09 6.92 11.73
CA ALA A 119 29.69 6.57 11.89
C ALA A 119 29.33 6.44 13.36
N GLY A 120 28.17 6.98 13.73
CA GLY A 120 27.59 6.71 15.05
C GLY A 120 28.12 7.59 16.17
N VAL A 121 29.37 8.04 16.07
CA VAL A 121 30.03 8.73 17.19
C VAL A 121 29.45 10.12 17.36
N THR A 122 28.96 10.41 18.56
CA THR A 122 28.19 11.64 18.78
C THR A 122 29.10 12.84 19.01
N ILE A 123 28.58 14.02 18.65
CA ILE A 123 29.26 15.28 18.91
C ILE A 123 29.56 15.40 20.40
N SER A 124 28.56 15.14 21.23
CA SER A 124 28.76 15.35 22.65
C SER A 124 29.89 14.47 23.18
N SER A 125 30.04 13.25 22.65
CA SER A 125 31.12 12.38 23.11
C SER A 125 32.50 12.91 22.71
N ILE A 126 32.60 13.48 21.51
CA ILE A 126 33.85 14.11 21.06
C ILE A 126 34.16 15.36 21.88
N GLU A 127 33.16 16.23 22.08
CA GLU A 127 33.38 17.45 22.86
C GLU A 127 33.81 17.12 24.28
N LYS A 128 33.19 16.09 24.87
CA LYS A 128 33.54 15.70 26.23
C LYS A 128 35.02 15.33 26.34
N LYS A 129 35.52 14.53 25.39
CA LYS A 129 36.92 14.16 25.40
C LYS A 129 37.83 15.37 25.18
N LEU A 130 37.51 16.19 24.17
CA LEU A 130 38.37 17.32 23.85
C LEU A 130 38.31 18.40 24.94
N SER A 131 37.18 18.52 25.64
CA SER A 131 37.03 19.59 26.64
C SER A 131 37.89 19.34 27.88
N ALA A 132 38.30 18.11 28.12
CA ALA A 132 39.24 17.83 29.19
C ALA A 132 40.58 18.52 28.96
N PHE A 133 40.88 18.89 27.71
CA PHE A 133 42.14 19.54 27.36
C PHE A 133 42.00 21.06 27.21
N ARG A 134 40.91 21.53 26.61
CA ARG A 134 40.66 22.94 26.31
C ARG A 134 39.16 23.10 26.16
N PRO A 135 38.55 24.18 26.69
CA PRO A 135 37.11 24.12 27.03
C PRO A 135 36.13 24.21 25.86
N ALA A 136 36.41 24.93 24.78
CA ALA A 136 35.42 25.14 23.72
C ALA A 136 35.82 24.58 22.36
N PRO A 137 36.00 23.26 22.24
CA PRO A 137 36.40 22.71 20.94
C PRO A 137 35.30 22.90 19.91
N ARG A 138 35.70 23.30 18.71
CA ARG A 138 34.77 23.48 17.59
C ARG A 138 34.65 22.16 16.85
N VAL A 139 33.50 21.50 16.98
CA VAL A 139 33.31 20.15 16.48
C VAL A 139 32.18 20.15 15.47
N ILE A 140 32.38 19.42 14.37
CA ILE A 140 31.34 19.15 13.39
C ILE A 140 31.31 17.66 13.15
N ARG A 141 30.10 17.09 13.06
CA ARG A 141 29.94 15.69 12.74
C ARG A 141 29.39 15.57 11.33
N CYS A 142 29.95 14.66 10.56
CA CYS A 142 29.49 14.55 9.20
C CYS A 142 29.37 13.09 8.82
N MET A 143 28.55 12.84 7.81
CA MET A 143 28.37 11.52 7.24
C MET A 143 28.40 11.73 5.74
N THR A 144 29.44 11.24 5.08
CA THR A 144 29.60 11.37 3.64
C THR A 144 29.72 9.97 3.07
N ASN A 145 30.08 9.87 1.79
CA ASN A 145 30.16 8.54 1.20
C ASN A 145 31.25 8.56 0.14
N THR A 146 31.61 7.36 -0.34
CA THR A 146 32.79 7.25 -1.21
CA THR A 146 32.78 7.26 -1.21
C THR A 146 32.64 7.98 -2.54
N PRO A 147 31.42 8.16 -3.13
CA PRO A 147 31.36 8.88 -4.41
C PRO A 147 31.85 10.33 -4.37
N VAL A 148 32.24 10.88 -3.20
CA VAL A 148 32.95 12.15 -3.26
C VAL A 148 34.17 12.03 -4.16
N VAL A 149 34.68 10.81 -4.38
CA VAL A 149 35.87 10.63 -5.21
C VAL A 149 35.62 11.00 -6.68
N VAL A 150 34.37 10.96 -7.13
CA VAL A 150 34.02 11.44 -8.47
C VAL A 150 33.13 12.69 -8.37
N ARG A 151 33.20 13.37 -7.22
CA ARG A 151 32.52 14.64 -6.95
C ARG A 151 31.01 14.52 -7.06
N GLU A 152 30.48 13.36 -6.69
CA GLU A 152 29.05 13.12 -6.61
C GLU A 152 28.70 12.47 -5.28
N GLY A 153 29.35 12.91 -4.21
CA GLY A 153 29.01 12.41 -2.90
C GLY A 153 27.68 12.93 -2.41
N ALA A 154 27.22 12.34 -1.32
CA ALA A 154 26.08 12.83 -0.55
C ALA A 154 26.56 13.02 0.88
N THR A 155 26.55 14.27 1.35
CA THR A 155 27.10 14.58 2.66
C THR A 155 26.06 15.32 3.50
N VAL A 156 25.94 14.94 4.78
CA VAL A 156 25.23 15.79 5.73
C VAL A 156 26.20 16.12 6.87
N TYR A 157 25.89 17.20 7.58
CA TYR A 157 26.71 17.54 8.74
C TYR A 157 25.84 18.19 9.79
N ALA A 158 26.27 18.08 11.04
CA ALA A 158 25.66 18.81 12.15
C ALA A 158 26.76 19.54 12.90
N THR A 159 26.44 20.76 13.36
CA THR A 159 27.40 21.62 14.06
C THR A 159 27.32 21.40 15.56
N GLY A 160 28.48 21.44 16.22
CA GLY A 160 28.57 21.20 17.65
C GLY A 160 28.25 22.43 18.47
N THR A 161 28.39 22.26 19.79
CA THR A 161 28.01 23.29 20.77
C THR A 161 28.80 24.59 20.56
N HIS A 162 30.08 24.46 20.24
CA HIS A 162 30.97 25.61 20.18
C HIS A 162 31.33 25.97 18.75
N ALA A 163 30.78 25.26 17.78
CA ALA A 163 30.96 25.65 16.38
C ALA A 163 30.41 27.06 16.17
N GLN A 164 31.21 27.92 15.56
CA GLN A 164 30.73 29.23 15.17
C GLN A 164 29.83 29.10 13.94
N VAL A 165 28.92 30.07 13.76
CA VAL A 165 27.97 29.97 12.66
C VAL A 165 28.68 29.92 11.32
N GLU A 166 29.85 30.57 11.22
CA GLU A 166 30.63 30.50 9.99
C GLU A 166 31.30 29.15 9.80
N ASP A 167 31.48 28.36 10.86
CA ASP A 167 32.09 27.04 10.71
C ASP A 167 31.22 26.11 9.87
N GLY A 168 29.91 26.08 10.13
CA GLY A 168 29.02 25.27 9.32
C GLY A 168 28.99 25.72 7.88
N ARG A 169 28.97 27.04 7.66
CA ARG A 169 29.00 27.58 6.30
C ARG A 169 30.28 27.16 5.59
N LEU A 170 31.42 27.24 6.29
CA LEU A 170 32.68 26.80 5.71
C LEU A 170 32.62 25.33 5.34
N MET A 171 32.10 24.50 6.24
CA MET A 171 31.99 23.07 5.98
CA MET A 171 32.06 23.09 5.93
C MET A 171 31.12 22.80 4.76
N GLU A 172 29.97 23.47 4.69
CA GLU A 172 29.07 23.24 3.57
C GLU A 172 29.73 23.63 2.26
N GLN A 173 30.42 24.77 2.23
CA GLN A 173 31.08 25.19 0.99
C GLN A 173 32.13 24.17 0.58
N LEU A 174 32.93 23.68 1.54
CA LEU A 174 33.95 22.70 1.21
C LEU A 174 33.35 21.39 0.69
N LEU A 175 32.37 20.85 1.42
CA LEU A 175 31.83 19.55 1.02
C LEU A 175 30.89 19.64 -0.17
N SER A 176 30.34 20.82 -0.47
CA SER A 176 29.55 21.00 -1.70
C SER A 176 30.40 20.89 -2.95
N SER A 177 31.72 21.06 -2.84
CA SER A 177 32.58 20.94 -4.00
C SER A 177 32.65 19.49 -4.50
N VAL A 178 32.27 18.53 -3.67
CA VAL A 178 32.39 17.12 -4.03
C VAL A 178 31.04 16.39 -4.00
N GLY A 179 29.93 17.11 -4.01
CA GLY A 179 28.64 16.47 -4.09
C GLY A 179 27.57 17.29 -3.39
N PHE A 180 26.43 16.65 -3.16
CA PHE A 180 25.37 17.25 -2.36
C PHE A 180 25.84 17.38 -0.92
N CYS A 181 25.52 18.51 -0.30
CA CYS A 181 25.83 18.72 1.12
C CYS A 181 24.74 19.55 1.75
N THR A 182 24.23 19.12 2.92
CA THR A 182 23.27 19.94 3.64
C THR A 182 23.43 19.73 5.14
N GLU A 183 23.04 20.75 5.91
CA GLU A 183 23.03 20.65 7.36
C GLU A 183 21.80 19.88 7.82
N VAL A 184 21.99 19.02 8.83
CA VAL A 184 20.89 18.33 9.48
C VAL A 184 21.03 18.44 10.99
N GLU A 185 19.91 18.28 11.68
CA GLU A 185 19.95 18.02 13.10
C GLU A 185 20.67 16.70 13.33
N GLU A 186 21.49 16.66 14.39
CA GLU A 186 22.33 15.49 14.61
C GLU A 186 21.53 14.20 14.73
N ASP A 187 20.30 14.26 15.25
CA ASP A 187 19.59 13.00 15.46
C ASP A 187 19.09 12.39 14.16
N LEU A 188 19.34 13.01 13.01
CA LEU A 188 19.05 12.41 11.71
C LEU A 188 20.24 11.65 11.13
N ILE A 189 21.43 11.74 11.72
CA ILE A 189 22.62 11.29 10.99
C ILE A 189 22.71 9.77 10.96
N ASP A 190 22.28 9.08 12.02
CA ASP A 190 22.25 7.62 11.97
C ASP A 190 21.39 7.12 10.80
N ALA A 191 20.23 7.76 10.57
CA ALA A 191 19.38 7.36 9.46
C ALA A 191 20.02 7.68 8.11
N VAL A 192 20.67 8.84 8.02
CA VAL A 192 21.39 9.19 6.79
C VAL A 192 22.44 8.15 6.49
N THR A 193 23.18 7.73 7.52
CA THR A 193 24.16 6.67 7.35
C THR A 193 23.53 5.43 6.71
N GLY A 194 22.34 5.01 7.18
CA GLY A 194 21.70 3.86 6.57
C GLY A 194 21.25 4.06 5.14
N LEU A 195 21.03 5.30 4.72
CA LEU A 195 20.53 5.61 3.38
C LEU A 195 21.68 5.96 2.43
N SER A 196 22.27 7.15 2.57
CA SER A 196 23.30 7.54 1.61
C SER A 196 24.70 7.11 2.03
N GLY A 197 24.95 6.87 3.32
CA GLY A 197 26.25 6.34 3.70
C GLY A 197 26.49 4.94 3.18
N SER A 198 25.57 4.02 3.48
CA SER A 198 25.64 2.64 2.99
C SER A 198 25.10 2.50 1.57
N GLY A 199 24.36 3.48 1.08
CA GLY A 199 23.72 3.42 -0.21
C GLY A 199 24.57 2.93 -1.37
N PRO A 200 25.77 3.49 -1.55
CA PRO A 200 26.60 3.05 -2.68
C PRO A 200 26.82 1.54 -2.71
N ALA A 201 26.96 0.90 -1.53
CA ALA A 201 27.11 -0.55 -1.50
C ALA A 201 25.88 -1.26 -2.00
N TYR A 202 24.68 -0.75 -1.65
CA TYR A 202 23.46 -1.34 -2.19
C TYR A 202 23.48 -1.26 -3.71
N ALA A 203 23.96 -0.12 -4.22
CA ALA A 203 24.03 0.09 -5.67
C ALA A 203 25.06 -0.82 -6.31
N PHE A 204 26.23 -1.00 -5.68
CA PHE A 204 27.23 -1.90 -6.27
C PHE A 204 26.70 -3.33 -6.31
N THR A 205 25.98 -3.75 -5.27
CA THR A 205 25.38 -5.07 -5.25
C THR A 205 24.34 -5.21 -6.36
N ALA A 206 23.47 -4.21 -6.49
CA ALA A 206 22.44 -4.22 -7.53
C ALA A 206 23.06 -4.27 -8.91
N LEU A 207 24.14 -3.54 -9.12
CA LEU A 207 24.75 -3.49 -10.46
C LEU A 207 25.43 -4.81 -10.82
N ASP A 208 26.08 -5.45 -9.84
CA ASP A 208 26.64 -6.78 -10.05
C ASP A 208 25.55 -7.76 -10.47
N ALA A 209 24.41 -7.71 -9.79
CA ALA A 209 23.31 -8.63 -10.08
C ALA A 209 22.65 -8.32 -11.41
N LEU A 210 22.40 -7.04 -11.69
CA LEU A 210 21.84 -6.65 -12.99
C LEU A 210 22.74 -7.12 -14.13
N ALA A 211 24.06 -7.00 -13.94
CA ALA A 211 25.00 -7.48 -14.95
C ALA A 211 24.94 -9.00 -15.11
N ASP A 212 24.85 -9.74 -13.98
CA ASP A 212 24.61 -11.18 -14.06
C ASP A 212 23.35 -11.47 -14.86
N GLY A 213 22.30 -10.68 -14.66
CA GLY A 213 21.08 -10.85 -15.44
C GLY A 213 21.30 -10.61 -16.92
N GLY A 214 22.04 -9.55 -17.26
CA GLY A 214 22.37 -9.31 -18.65
C GLY A 214 23.19 -10.44 -19.25
N VAL A 215 24.16 -10.96 -18.50
CA VAL A 215 24.97 -12.08 -18.96
C VAL A 215 24.12 -13.32 -19.15
N LYS A 216 23.20 -13.60 -18.22
CA LYS A 216 22.33 -14.77 -18.38
C LYS A 216 21.56 -14.69 -19.69
N MET A 217 21.15 -13.50 -20.10
CA MET A 217 20.35 -13.37 -21.31
C MET A 217 21.20 -13.15 -22.57
N GLY A 218 22.53 -13.26 -22.47
CA GLY A 218 23.37 -13.31 -23.66
C GLY A 218 24.31 -12.13 -23.86
N LEU A 219 24.35 -11.13 -22.89
CA LEU A 219 25.25 -10.01 -23.12
C LEU A 219 26.65 -10.32 -22.60
N PRO A 220 27.69 -9.81 -23.27
CA PRO A 220 29.02 -9.84 -22.67
C PRO A 220 29.02 -9.08 -21.35
N ARG A 221 29.85 -9.55 -20.42
CA ARG A 221 29.86 -8.99 -19.07
CA ARG A 221 29.84 -8.98 -19.07
C ARG A 221 30.19 -7.49 -19.09
N ARG A 222 31.21 -7.12 -19.85
CA ARG A 222 31.64 -5.71 -19.87
C ARG A 222 30.54 -4.78 -20.34
N LEU A 223 29.82 -5.17 -21.40
CA LEU A 223 28.70 -4.37 -21.87
C LEU A 223 27.57 -4.35 -20.85
N ALA A 224 27.29 -5.49 -20.20
CA ALA A 224 26.20 -5.55 -19.24
C ALA A 224 26.45 -4.62 -18.04
N VAL A 225 27.70 -4.60 -17.54
CA VAL A 225 28.05 -3.69 -16.45
C VAL A 225 27.85 -2.24 -16.87
N ARG A 226 28.38 -1.88 -18.05
CA ARG A 226 28.27 -0.50 -18.54
C ARG A 226 26.80 -0.08 -18.68
N LEU A 227 25.98 -0.93 -19.31
CA LEU A 227 24.57 -0.59 -19.52
C LEU A 227 23.82 -0.46 -18.20
N GLY A 228 24.03 -1.40 -17.28
CA GLY A 228 23.35 -1.33 -15.99
C GLY A 228 23.73 -0.08 -15.21
N ALA A 229 25.02 0.26 -15.19
CA ALA A 229 25.46 1.44 -14.46
C ALA A 229 24.92 2.70 -15.12
N GLN A 230 24.94 2.74 -16.46
CA GLN A 230 24.37 3.90 -17.15
C GLN A 230 22.87 4.03 -16.89
N ALA A 231 22.17 2.90 -16.81
CA ALA A 231 20.73 2.96 -16.54
C ALA A 231 20.48 3.54 -15.15
N LEU A 232 21.26 3.11 -14.17
CA LEU A 232 21.12 3.60 -12.81
CA LEU A 232 21.06 3.61 -12.82
C LEU A 232 21.45 5.08 -12.71
N LEU A 233 22.57 5.48 -13.33
CA LEU A 233 22.97 6.88 -13.28
C LEU A 233 21.91 7.77 -13.91
N GLY A 234 21.42 7.38 -15.09
CA GLY A 234 20.45 8.22 -15.77
C GLY A 234 19.14 8.32 -15.02
N ALA A 235 18.68 7.20 -14.45
CA ALA A 235 17.44 7.23 -13.69
C ALA A 235 17.59 8.13 -12.46
N ALA A 236 18.71 8.00 -11.76
CA ALA A 236 18.98 8.85 -10.60
C ALA A 236 18.99 10.32 -10.99
N LYS A 237 19.67 10.66 -12.09
CA LYS A 237 19.71 12.05 -12.54
C LYS A 237 18.33 12.55 -12.92
N MET A 238 17.54 11.73 -13.60
CA MET A 238 16.16 12.13 -13.94
C MET A 238 15.39 12.53 -12.68
N LEU A 239 15.48 11.71 -11.62
CA LEU A 239 14.74 12.00 -10.40
C LEU A 239 15.24 13.28 -9.73
N LEU A 240 16.57 13.47 -9.69
CA LEU A 240 17.13 14.66 -9.09
C LEU A 240 16.71 15.93 -9.83
N HIS A 241 16.46 15.82 -11.14
CA HIS A 241 16.12 16.96 -11.97
C HIS A 241 14.62 17.08 -12.23
N SER A 242 13.82 16.24 -11.60
CA SER A 242 12.38 16.20 -11.80
C SER A 242 11.67 16.67 -10.54
N GLU A 243 10.46 17.20 -10.71
CA GLU A 243 9.61 17.44 -9.56
C GLU A 243 8.68 16.27 -9.26
N GLN A 244 8.65 15.27 -10.15
CA GLN A 244 7.68 14.20 -10.08
C GLN A 244 8.11 13.12 -9.09
N HIS A 245 7.12 12.40 -8.60
CA HIS A 245 7.33 11.29 -7.69
C HIS A 245 8.04 10.15 -8.42
N PRO A 246 8.90 9.39 -7.74
CA PRO A 246 9.50 8.21 -8.40
C PRO A 246 8.47 7.27 -9.00
N GLY A 247 7.28 7.14 -8.39
CA GLY A 247 6.26 6.29 -8.98
C GLY A 247 5.75 6.83 -10.30
N GLN A 248 5.71 8.15 -10.45
CA GLN A 248 5.29 8.72 -11.73
C GLN A 248 6.34 8.47 -12.80
N LEU A 249 7.62 8.63 -12.46
CA LEU A 249 8.64 8.32 -13.47
C LEU A 249 8.61 6.83 -13.80
N LYS A 250 8.31 5.99 -12.81
CA LYS A 250 8.17 4.57 -13.09
C LYS A 250 7.04 4.30 -14.08
N ASP A 251 5.89 4.92 -13.85
CA ASP A 251 4.75 4.76 -14.75
C ASP A 251 5.12 5.12 -16.19
N ASN A 252 5.97 6.14 -16.37
CA ASN A 252 6.33 6.65 -17.70
C ASN A 252 7.20 5.68 -18.48
N VAL A 253 7.89 4.75 -17.80
CA VAL A 253 8.75 3.80 -18.47
C VAL A 253 7.94 2.66 -19.09
N SER A 254 6.83 2.26 -18.46
CA SER A 254 6.18 0.98 -18.77
C SER A 254 5.01 1.20 -19.74
N SER A 255 5.14 0.72 -20.96
CA SER A 255 3.98 0.58 -21.82
C SER A 255 3.05 -0.50 -21.28
N PRO A 256 1.74 -0.36 -21.46
CA PRO A 256 0.82 -1.42 -21.02
C PRO A 256 1.14 -2.73 -21.70
N GLY A 257 1.11 -3.81 -20.91
CA GLY A 257 1.42 -5.15 -21.37
C GLY A 257 2.88 -5.40 -21.70
N GLY A 258 3.75 -4.42 -21.45
CA GLY A 258 5.09 -4.45 -21.99
C GLY A 258 6.10 -5.19 -21.12
N ALA A 259 7.36 -5.11 -21.57
CA ALA A 259 8.43 -5.84 -20.92
C ALA A 259 8.70 -5.29 -19.52
N THR A 260 8.71 -3.98 -19.38
CA THR A 260 9.05 -3.37 -18.10
C THR A 260 8.05 -3.76 -17.02
N ILE A 261 6.75 -3.64 -17.31
CA ILE A 261 5.76 -3.96 -16.27
C ILE A 261 5.82 -5.43 -15.89
N HIS A 262 6.17 -6.32 -16.84
CA HIS A 262 6.37 -7.71 -16.47
C HIS A 262 7.55 -7.87 -15.52
N ALA A 263 8.65 -7.14 -15.76
CA ALA A 263 9.79 -7.22 -14.87
C ALA A 263 9.48 -6.63 -13.50
N LEU A 264 8.71 -5.54 -13.46
CA LEU A 264 8.37 -4.94 -12.17
C LEU A 264 7.57 -5.92 -11.32
N HIS A 265 6.70 -6.71 -11.97
CA HIS A 265 5.90 -7.68 -11.21
C HIS A 265 6.79 -8.67 -10.50
N VAL A 266 7.84 -9.17 -11.17
CA VAL A 266 8.65 -10.17 -10.49
C VAL A 266 9.49 -9.53 -9.38
N LEU A 267 9.90 -8.27 -9.55
CA LEU A 267 10.48 -7.56 -8.41
C LEU A 267 9.52 -7.52 -7.23
N GLU A 268 8.26 -7.14 -7.49
CA GLU A 268 7.27 -7.02 -6.43
C GLU A 268 7.02 -8.37 -5.76
N SER A 269 6.95 -9.45 -6.55
CA SER A 269 6.66 -10.75 -5.96
C SER A 269 7.74 -11.20 -4.98
N GLY A 270 8.97 -10.72 -5.16
CA GLY A 270 10.01 -11.03 -4.21
C GLY A 270 10.14 -10.05 -3.06
N GLY A 271 9.27 -9.05 -2.96
CA GLY A 271 9.38 -8.10 -1.87
C GLY A 271 10.57 -7.19 -1.98
N PHE A 272 10.96 -6.88 -3.23
CA PHE A 272 12.10 -6.02 -3.53
C PHE A 272 12.09 -4.73 -2.71
N ARG A 273 10.94 -4.03 -2.68
CA ARG A 273 10.87 -2.80 -1.90
C ARG A 273 11.19 -3.05 -0.44
N SER A 274 10.60 -4.10 0.14
CA SER A 274 10.83 -4.41 1.55
C SER A 274 12.30 -4.67 1.86
N LEU A 275 13.05 -5.26 0.91
CA LEU A 275 14.47 -5.54 1.17
C LEU A 275 15.28 -4.25 1.31
N LEU A 276 14.98 -3.24 0.48
CA LEU A 276 15.70 -1.97 0.59
C LEU A 276 15.32 -1.22 1.86
N ILE A 277 14.04 -1.27 2.26
CA ILE A 277 13.67 -0.71 3.57
C ILE A 277 14.43 -1.44 4.67
N ASN A 278 14.47 -2.78 4.61
CA ASN A 278 15.20 -3.58 5.60
C ASN A 278 16.65 -3.12 5.71
N ALA A 279 17.27 -2.83 4.55
CA ALA A 279 18.68 -2.46 4.53
C ALA A 279 18.91 -1.12 5.22
N VAL A 280 18.14 -0.09 4.84
CA VAL A 280 18.30 1.22 5.49
C VAL A 280 18.11 1.07 6.99
N GLU A 281 17.09 0.33 7.40
CA GLU A 281 16.83 0.12 8.82
C GLU A 281 18.01 -0.56 9.51
N ALA A 282 18.52 -1.64 8.89
CA ALA A 282 19.58 -2.41 9.53
C ALA A 282 20.85 -1.60 9.67
N SER A 283 21.18 -0.84 8.63
CA SER A 283 22.37 0.00 8.71
C SER A 283 22.20 1.09 9.76
N CYS A 284 21.01 1.70 9.84
CA CYS A 284 20.76 2.73 10.84
C CYS A 284 20.83 2.16 12.25
N ILE A 285 20.20 1.00 12.47
CA ILE A 285 20.21 0.38 13.79
C ILE A 285 21.63 -0.01 14.20
N ARG A 286 22.39 -0.58 13.26
CA ARG A 286 23.77 -0.93 13.59
C ARG A 286 24.60 0.31 13.89
N THR A 287 24.35 1.42 13.17
CA THR A 287 25.08 2.66 13.43
C THR A 287 24.87 3.14 14.86
N ARG A 288 23.64 3.02 15.37
CA ARG A 288 23.38 3.41 16.75
C ARG A 288 24.16 2.52 17.73
N GLU A 289 24.36 1.25 17.36
CA GLU A 289 25.11 0.35 18.25
C GLU A 289 26.59 0.70 18.27
N LEU A 290 27.10 1.32 17.20
CA LEU A 290 28.51 1.63 17.06
C LEU A 290 28.98 2.77 17.97
N GLN A 291 28.07 3.43 18.69
N GLN A 291 28.07 3.42 18.70
CA GLN A 291 28.50 4.42 19.65
CA GLN A 291 28.50 4.45 19.65
C GLN A 291 29.49 3.80 20.62
C GLN A 291 29.46 3.86 20.67
N SER A 292 30.67 4.42 20.74
CA SER A 292 31.76 3.88 21.52
C SER A 292 31.97 4.61 22.84
N MET A 293 32.06 5.94 22.80
CA MET A 293 32.39 6.72 23.99
C MET A 293 31.13 7.09 24.76
N ALA A 294 31.35 7.53 26.00
CA ALA A 294 30.27 8.12 26.78
C ALA A 294 29.91 9.48 26.19
N ASP A 295 28.62 9.70 26.00
CA ASP A 295 28.17 10.96 25.41
C ASP A 295 28.34 12.15 26.32
N LEU B 18 33.68 13.92 -37.37
CA LEU B 18 32.34 14.43 -37.09
C LEU B 18 31.55 14.56 -38.38
N TYR B 19 30.24 14.78 -38.26
CA TYR B 19 29.36 14.84 -39.42
C TYR B 19 28.42 16.03 -39.32
N PHE B 20 28.40 16.86 -40.36
CA PHE B 20 27.52 18.02 -40.41
C PHE B 20 26.09 17.56 -40.58
N GLN B 21 25.22 17.94 -39.63
CA GLN B 21 23.84 17.48 -39.67
C GLN B 21 22.92 18.56 -40.24
N SER B 22 22.24 19.31 -39.36
CA SER B 22 21.24 20.29 -39.78
C SER B 22 20.19 19.63 -40.67
N MET B 23 19.77 18.44 -40.26
CA MET B 23 18.83 17.60 -40.99
C MET B 23 17.46 17.66 -40.32
N SER B 24 16.49 16.99 -40.93
CA SER B 24 15.14 16.93 -40.39
C SER B 24 14.93 15.58 -39.73
N VAL B 25 14.37 15.61 -38.52
CA VAL B 25 14.07 14.40 -37.77
C VAL B 25 12.56 14.34 -37.56
N GLY B 26 12.01 13.16 -37.67
CA GLY B 26 10.60 12.94 -37.43
C GLY B 26 10.40 11.85 -36.40
N PHE B 27 9.29 11.98 -35.67
CA PHE B 27 8.85 10.95 -34.75
C PHE B 27 7.45 10.51 -35.14
N ILE B 28 7.30 9.22 -35.44
N ILE B 28 7.30 9.22 -35.44
CA ILE B 28 5.98 8.61 -35.53
C ILE B 28 5.64 8.12 -34.13
N GLY B 29 4.72 8.81 -33.49
CA GLY B 29 4.45 8.67 -32.07
C GLY B 29 4.91 9.92 -31.35
N ALA B 30 4.09 10.42 -30.45
CA ALA B 30 4.43 11.58 -29.62
C ALA B 30 4.22 11.25 -28.16
N GLY B 31 4.76 10.11 -27.73
CA GLY B 31 4.67 9.67 -26.36
C GLY B 31 5.92 10.02 -25.57
N GLN B 32 6.16 9.23 -24.52
CA GLN B 32 7.25 9.53 -23.59
C GLN B 32 8.61 9.50 -24.29
N LEU B 33 8.84 8.47 -25.13
CA LEU B 33 10.15 8.34 -25.77
C LEU B 33 10.41 9.47 -26.75
N ALA B 34 9.41 9.83 -27.56
CA ALA B 34 9.59 10.93 -28.49
C ALA B 34 9.86 12.23 -27.76
N PHE B 35 9.09 12.49 -26.71
CA PHE B 35 9.36 13.68 -25.91
C PHE B 35 10.76 13.62 -25.30
N ALA B 36 11.15 12.46 -24.78
CA ALA B 36 12.45 12.38 -24.11
C ALA B 36 13.59 12.60 -25.09
N LEU B 37 13.51 11.99 -26.28
CA LEU B 37 14.54 12.17 -27.29
C LEU B 37 14.55 13.60 -27.81
N ALA B 38 13.38 14.17 -28.10
CA ALA B 38 13.33 15.54 -28.59
C ALA B 38 13.90 16.51 -27.57
N LYS B 39 13.55 16.33 -26.29
CA LYS B 39 14.10 17.15 -25.23
C LYS B 39 15.62 17.00 -25.15
N GLY B 40 16.10 15.75 -25.12
CA GLY B 40 17.54 15.53 -25.07
C GLY B 40 18.27 16.12 -26.26
N PHE B 41 17.75 15.87 -27.47
CA PHE B 41 18.40 16.36 -28.68
C PHE B 41 18.47 17.88 -28.69
N THR B 42 17.39 18.55 -28.30
CA THR B 42 17.42 20.01 -28.31
C THR B 42 18.32 20.54 -27.20
N ALA B 43 18.34 19.86 -26.04
CA ALA B 43 19.22 20.28 -24.97
C ALA B 43 20.69 20.12 -25.37
N ALA B 44 20.99 19.08 -26.16
CA ALA B 44 22.36 18.90 -26.62
C ALA B 44 22.76 19.95 -27.66
N GLY B 45 21.78 20.63 -28.27
CA GLY B 45 22.08 21.54 -29.36
C GLY B 45 22.41 20.89 -30.68
N VAL B 46 22.17 19.59 -30.83
CA VAL B 46 22.45 18.95 -32.12
C VAL B 46 21.31 19.14 -33.10
N LEU B 47 20.08 19.39 -32.61
CA LEU B 47 18.92 19.69 -33.43
C LEU B 47 18.19 20.89 -32.87
N ALA B 48 17.75 21.77 -33.75
CA ALA B 48 16.81 22.81 -33.40
C ALA B 48 15.39 22.24 -33.37
N ALA B 49 14.58 22.71 -32.42
CA ALA B 49 13.26 22.15 -32.21
C ALA B 49 12.38 22.23 -33.45
N HIS B 50 12.54 23.27 -34.28
CA HIS B 50 11.69 23.41 -35.46
C HIS B 50 12.08 22.48 -36.60
N LYS B 51 13.27 21.87 -36.55
CA LYS B 51 13.64 20.80 -37.48
C LYS B 51 13.05 19.46 -37.08
N ILE B 52 12.27 19.42 -36.01
CA ILE B 52 11.65 18.19 -35.50
C ILE B 52 10.16 18.26 -35.78
N MET B 53 9.60 17.15 -36.23
CA MET B 53 8.17 17.01 -36.41
C MET B 53 7.76 15.69 -35.80
N ALA B 54 6.63 15.70 -35.10
CA ALA B 54 6.10 14.48 -34.52
C ALA B 54 4.62 14.36 -34.83
N SER B 55 4.17 13.12 -35.00
CA SER B 55 2.76 12.85 -35.24
C SER B 55 2.27 11.87 -34.18
N SER B 56 1.03 12.08 -33.75
CA SER B 56 0.39 11.20 -32.78
C SER B 56 -1.07 11.02 -33.15
N PRO B 57 -1.60 9.81 -32.97
CA PRO B 57 -3.05 9.62 -33.14
C PRO B 57 -3.86 10.22 -32.01
N ASP B 58 -3.23 10.73 -30.96
CA ASP B 58 -3.90 11.33 -29.80
C ASP B 58 -3.19 12.64 -29.46
N MET B 59 -3.81 13.76 -29.84
CA MET B 59 -3.25 15.08 -29.58
C MET B 59 -3.49 15.57 -28.16
N ASP B 60 -4.19 14.80 -27.33
CA ASP B 60 -4.51 15.19 -25.97
C ASP B 60 -3.49 14.69 -24.94
N LEU B 61 -2.37 14.14 -25.39
CA LEU B 61 -1.36 13.63 -24.46
C LEU B 61 -0.59 14.78 -23.85
N ALA B 62 -0.29 14.67 -22.55
CA ALA B 62 0.52 15.69 -21.90
C ALA B 62 1.89 15.81 -22.55
N THR B 63 2.42 14.71 -23.10
CA THR B 63 3.68 14.77 -23.82
C THR B 63 3.54 15.57 -25.11
N VAL B 64 2.35 15.60 -25.70
CA VAL B 64 2.14 16.38 -26.91
C VAL B 64 2.18 17.87 -26.61
N SER B 65 1.57 18.29 -25.50
CA SER B 65 1.54 19.70 -25.13
C SER B 65 2.95 20.24 -24.88
N ALA B 66 3.79 19.47 -24.19
CA ALA B 66 5.15 19.92 -23.92
C ALA B 66 5.98 20.01 -25.19
N LEU B 67 5.75 19.12 -26.16
CA LEU B 67 6.43 19.22 -27.43
C LEU B 67 6.06 20.50 -28.17
N ARG B 68 4.77 20.88 -28.11
CA ARG B 68 4.36 22.15 -28.69
C ARG B 68 5.12 23.32 -28.09
N LYS B 69 5.20 23.37 -26.76
CA LYS B 69 5.88 24.49 -26.11
C LYS B 69 7.37 24.52 -26.46
N MET B 70 7.97 23.34 -26.68
CA MET B 70 9.34 23.27 -27.15
C MET B 70 9.53 23.89 -28.52
N GLY B 71 8.45 24.05 -29.28
CA GLY B 71 8.57 24.45 -30.67
C GLY B 71 8.64 23.30 -31.65
N VAL B 72 8.43 22.06 -31.19
CA VAL B 72 8.34 20.93 -32.11
C VAL B 72 7.04 21.04 -32.90
N LYS B 73 7.11 20.72 -34.19
CA LYS B 73 5.93 20.71 -35.04
C LYS B 73 5.13 19.44 -34.80
N LEU B 74 3.83 19.60 -34.59
CA LEU B 74 2.93 18.48 -34.34
C LEU B 74 1.92 18.37 -35.48
N THR B 75 1.59 17.14 -35.87
CA THR B 75 0.63 16.90 -36.93
C THR B 75 -0.09 15.61 -36.64
N PRO B 76 -1.37 15.50 -37.00
CA PRO B 76 -2.05 14.21 -36.89
C PRO B 76 -1.71 13.23 -38.00
N HIS B 77 -0.99 13.66 -39.03
CA HIS B 77 -0.80 12.89 -40.25
C HIS B 77 0.60 12.30 -40.28
N ASN B 78 0.69 10.98 -40.20
CA ASN B 78 1.99 10.31 -40.27
C ASN B 78 2.69 10.58 -41.60
N LYS B 79 1.92 10.64 -42.70
CA LYS B 79 2.53 10.91 -44.00
C LYS B 79 3.26 12.25 -44.01
N GLU B 80 2.73 13.25 -43.30
CA GLU B 80 3.39 14.55 -43.25
C GLU B 80 4.73 14.47 -42.50
N THR B 81 4.77 13.70 -41.41
CA THR B 81 6.04 13.46 -40.72
C THR B 81 7.07 12.85 -41.66
N VAL B 82 6.65 11.85 -42.45
CA VAL B 82 7.57 11.21 -43.37
C VAL B 82 8.07 12.20 -44.42
N GLN B 83 7.17 13.02 -44.96
CA GLN B 83 7.56 13.99 -45.98
C GLN B 83 8.46 15.08 -45.41
N HIS B 84 8.35 15.34 -44.11
CA HIS B 84 9.22 16.31 -43.45
C HIS B 84 10.61 15.74 -43.17
N SER B 85 10.72 14.44 -42.90
CA SER B 85 11.85 13.88 -42.18
C SER B 85 12.92 13.31 -43.10
N ASP B 86 14.16 13.37 -42.63
CA ASP B 86 15.26 12.58 -43.17
C ASP B 86 15.49 11.35 -42.33
N VAL B 87 15.70 11.55 -41.03
CA VAL B 87 15.76 10.46 -40.07
C VAL B 87 14.38 10.32 -39.45
N LEU B 88 13.82 9.12 -39.53
CA LEU B 88 12.44 8.86 -39.09
C LEU B 88 12.46 7.86 -37.94
N PHE B 89 12.20 8.33 -36.72
CA PHE B 89 12.09 7.44 -35.57
C PHE B 89 10.68 6.86 -35.50
N LEU B 90 10.58 5.54 -35.35
CA LEU B 90 9.29 4.90 -35.07
C LEU B 90 9.21 4.70 -33.57
N ALA B 91 8.54 5.63 -32.89
CA ALA B 91 8.41 5.60 -31.44
C ALA B 91 6.98 5.26 -31.03
N VAL B 92 6.46 4.15 -31.56
CA VAL B 92 5.13 3.66 -31.25
C VAL B 92 5.26 2.27 -30.64
N LYS B 93 4.16 1.79 -30.06
CA LYS B 93 4.14 0.48 -29.46
C LYS B 93 4.46 -0.59 -30.50
N PRO B 94 5.03 -1.72 -30.10
CA PRO B 94 5.44 -2.74 -31.08
C PRO B 94 4.31 -3.23 -31.97
N HIS B 95 3.12 -3.45 -31.43
CA HIS B 95 2.03 -3.93 -32.28
C HIS B 95 1.52 -2.85 -33.23
N ILE B 96 1.87 -1.59 -33.00
CA ILE B 96 1.48 -0.50 -33.89
C ILE B 96 2.40 -0.44 -35.13
N ILE B 97 3.65 -0.91 -34.98
CA ILE B 97 4.63 -0.82 -36.07
C ILE B 97 4.09 -1.32 -37.40
N PRO B 98 3.46 -2.51 -37.49
CA PRO B 98 3.01 -2.97 -38.82
C PRO B 98 1.97 -2.08 -39.48
N PHE B 99 1.08 -1.45 -38.72
CA PHE B 99 0.10 -0.55 -39.32
C PHE B 99 0.78 0.70 -39.87
N ILE B 100 1.69 1.26 -39.10
CA ILE B 100 2.47 2.41 -39.57
C ILE B 100 3.15 2.06 -40.89
N LEU B 101 3.76 0.88 -40.95
CA LEU B 101 4.55 0.52 -42.13
C LEU B 101 3.66 0.41 -43.36
N ASP B 102 2.48 -0.20 -43.24
CA ASP B 102 1.55 -0.24 -44.35
C ASP B 102 1.08 1.16 -44.72
N GLU B 103 0.97 2.04 -43.72
CA GLU B 103 0.42 3.37 -43.97
C GLU B 103 1.41 4.24 -44.74
N ILE B 104 2.69 4.21 -44.39
CA ILE B 104 3.65 5.15 -44.97
C ILE B 104 4.69 4.47 -45.85
N GLY B 105 4.58 3.16 -46.08
CA GLY B 105 5.60 2.47 -46.87
C GLY B 105 5.80 3.08 -48.26
N ALA B 106 4.71 3.46 -48.91
CA ALA B 106 4.84 4.05 -50.24
C ALA B 106 5.49 5.43 -50.20
N ASP B 107 5.54 6.07 -49.03
CA ASP B 107 6.10 7.41 -48.88
C ASP B 107 7.59 7.39 -48.49
N ILE B 108 8.17 6.21 -48.26
CA ILE B 108 9.58 6.11 -47.94
C ILE B 108 10.40 6.40 -49.20
N GLU B 109 11.34 7.32 -49.09
CA GLU B 109 12.19 7.70 -50.20
C GLU B 109 13.61 7.19 -49.95
N ASP B 110 14.46 7.32 -50.96
CA ASP B 110 15.84 6.86 -50.83
C ASP B 110 16.56 7.59 -49.71
N ARG B 111 16.17 8.84 -49.43
CA ARG B 111 16.88 9.65 -48.44
C ARG B 111 16.62 9.19 -47.01
N HIS B 112 15.59 8.39 -46.79
CA HIS B 112 15.14 8.12 -45.42
C HIS B 112 16.01 7.09 -44.72
N ILE B 113 16.33 7.36 -43.45
CA ILE B 113 16.78 6.33 -42.52
C ILE B 113 15.64 6.06 -41.55
N VAL B 114 15.14 4.83 -41.54
CA VAL B 114 14.05 4.45 -40.65
C VAL B 114 14.66 3.82 -39.40
N VAL B 115 14.40 4.43 -38.24
CA VAL B 115 14.97 4.00 -36.96
C VAL B 115 13.83 3.49 -36.10
N SER B 116 13.74 2.18 -35.92
CA SER B 116 12.70 1.62 -35.08
C SER B 116 13.18 1.52 -33.64
N CYS B 117 12.39 2.07 -32.72
CA CYS B 117 12.70 2.03 -31.30
C CYS B 117 11.84 1.04 -30.55
N ALA B 118 10.93 0.37 -31.24
CA ALA B 118 10.00 -0.54 -30.58
C ALA B 118 10.74 -1.73 -29.99
N ALA B 119 10.34 -2.13 -28.80
CA ALA B 119 10.87 -3.36 -28.21
C ALA B 119 10.46 -4.55 -29.05
N GLY B 120 11.41 -5.46 -29.30
CA GLY B 120 11.10 -6.75 -29.86
C GLY B 120 11.04 -6.81 -31.39
N VAL B 121 10.72 -5.70 -32.05
CA VAL B 121 10.44 -5.74 -33.49
C VAL B 121 11.75 -5.85 -34.26
N THR B 122 11.87 -6.89 -35.08
CA THR B 122 13.15 -7.19 -35.74
C THR B 122 13.34 -6.36 -37.01
N ILE B 123 14.61 -6.14 -37.36
CA ILE B 123 14.95 -5.44 -38.59
C ILE B 123 14.34 -6.14 -39.79
N SER B 124 14.46 -7.46 -39.85
CA SER B 124 14.01 -8.17 -41.03
C SER B 124 12.50 -8.02 -41.21
N SER B 125 11.74 -7.97 -40.11
CA SER B 125 10.29 -7.77 -40.22
C SER B 125 9.96 -6.39 -40.78
N ILE B 126 10.75 -5.37 -40.42
CA ILE B 126 10.54 -4.03 -40.95
C ILE B 126 10.95 -3.97 -42.42
N GLU B 127 12.11 -4.55 -42.75
CA GLU B 127 12.59 -4.54 -44.13
C GLU B 127 11.65 -5.28 -45.06
N LYS B 128 11.06 -6.38 -44.58
CA LYS B 128 10.14 -7.14 -45.42
C LYS B 128 8.92 -6.29 -45.78
N LYS B 129 8.30 -5.66 -44.79
CA LYS B 129 7.14 -4.82 -45.06
C LYS B 129 7.50 -3.64 -45.97
N LEU B 130 8.61 -2.95 -45.67
CA LEU B 130 8.97 -1.78 -46.46
C LEU B 130 9.43 -2.16 -47.88
N SER B 131 10.08 -3.32 -48.03
CA SER B 131 10.57 -3.73 -49.35
C SER B 131 9.44 -3.97 -50.33
N ALA B 132 8.22 -4.17 -49.85
CA ALA B 132 7.09 -4.32 -50.77
C ALA B 132 6.81 -3.04 -51.55
N PHE B 133 7.36 -1.91 -51.13
CA PHE B 133 7.13 -0.62 -51.77
C PHE B 133 8.35 -0.11 -52.54
N ARG B 134 9.53 -0.10 -51.91
CA ARG B 134 10.79 0.34 -52.48
C ARG B 134 11.86 -0.61 -51.99
N PRO B 135 12.75 -1.07 -52.86
CA PRO B 135 13.47 -2.34 -52.58
C PRO B 135 14.55 -2.31 -51.49
N ALA B 136 15.21 -1.19 -51.23
CA ALA B 136 16.35 -1.17 -50.32
C ALA B 136 16.17 -0.16 -49.17
N PRO B 137 15.17 -0.36 -48.33
CA PRO B 137 14.95 0.60 -47.23
C PRO B 137 16.11 0.55 -46.25
N ARG B 138 16.53 1.73 -45.81
CA ARG B 138 17.63 1.87 -44.85
C ARG B 138 17.04 1.84 -43.45
N VAL B 139 17.30 0.75 -42.72
CA VAL B 139 16.63 0.48 -41.45
C VAL B 139 17.66 0.34 -40.35
N ILE B 140 17.38 0.96 -39.21
CA ILE B 140 18.19 0.78 -38.00
C ILE B 140 17.25 0.44 -36.86
N ARG B 141 17.66 -0.53 -36.03
CA ARG B 141 16.90 -0.88 -34.84
C ARG B 141 17.65 -0.34 -33.63
N CYS B 142 16.92 0.31 -32.73
CA CYS B 142 17.60 0.81 -31.55
C CYS B 142 16.78 0.51 -30.31
N MET B 143 17.47 0.47 -29.17
CA MET B 143 16.84 0.38 -27.86
C MET B 143 17.51 1.43 -27.00
N THR B 144 16.75 2.42 -26.58
CA THR B 144 17.23 3.53 -25.77
C THR B 144 16.37 3.57 -24.51
N ASN B 145 16.51 4.63 -23.71
CA ASN B 145 15.72 4.67 -22.49
C ASN B 145 15.39 6.13 -22.14
N THR B 146 14.48 6.32 -21.20
CA THR B 146 13.98 7.67 -20.91
CA THR B 146 13.98 7.67 -20.93
C THR B 146 15.07 8.63 -20.42
N PRO B 147 16.13 8.20 -19.72
CA PRO B 147 17.14 9.19 -19.28
C PRO B 147 17.82 9.97 -20.41
N VAL B 148 17.51 9.69 -21.68
CA VAL B 148 17.97 10.60 -22.73
C VAL B 148 17.44 12.01 -22.48
N VAL B 149 16.33 12.13 -21.74
CA VAL B 149 15.76 13.44 -21.44
C VAL B 149 16.69 14.31 -20.60
N VAL B 150 17.60 13.71 -19.82
CA VAL B 150 18.65 14.44 -19.11
C VAL B 150 20.03 14.13 -19.69
N ARG B 151 20.06 13.64 -20.93
CA ARG B 151 21.29 13.37 -21.67
C ARG B 151 22.17 12.33 -20.98
N GLU B 152 21.56 11.40 -20.26
CA GLU B 152 22.31 10.28 -19.71
C GLU B 152 21.64 8.97 -20.09
N GLY B 153 21.19 8.87 -21.33
CA GLY B 153 20.56 7.66 -21.79
C GLY B 153 21.59 6.54 -21.98
N ALA B 154 21.07 5.35 -22.24
CA ALA B 154 21.86 4.20 -22.63
C ALA B 154 21.21 3.63 -23.89
N THR B 155 21.92 3.71 -25.00
CA THR B 155 21.37 3.35 -26.30
C THR B 155 22.25 2.33 -27.00
N VAL B 156 21.63 1.30 -27.58
CA VAL B 156 22.33 0.42 -28.52
C VAL B 156 21.57 0.44 -29.83
N TYR B 157 22.27 0.10 -30.91
CA TYR B 157 21.63 0.06 -32.20
C TYR B 157 22.25 -1.04 -33.05
N ALA B 158 21.46 -1.53 -34.01
CA ALA B 158 21.95 -2.47 -35.02
C ALA B 158 21.52 -1.95 -36.39
N THR B 159 22.41 -2.09 -37.37
CA THR B 159 22.15 -1.58 -38.71
C THR B 159 21.58 -2.69 -39.58
N GLY B 160 20.59 -2.33 -40.40
CA GLY B 160 19.93 -3.28 -41.29
C GLY B 160 20.73 -3.58 -42.55
N THR B 161 20.08 -4.37 -43.42
CA THR B 161 20.73 -4.92 -44.61
C THR B 161 21.20 -3.83 -45.55
N HIS B 162 20.40 -2.77 -45.70
CA HIS B 162 20.67 -1.74 -46.70
C HIS B 162 21.13 -0.44 -46.09
N ALA B 163 21.36 -0.43 -44.77
CA ALA B 163 21.94 0.75 -44.11
C ALA B 163 23.24 1.12 -44.81
N GLN B 164 23.37 2.39 -45.15
CA GLN B 164 24.50 2.79 -45.96
C GLN B 164 25.73 2.94 -45.07
N VAL B 165 26.86 3.26 -45.71
CA VAL B 165 28.17 3.20 -45.03
C VAL B 165 28.14 4.02 -43.75
N GLU B 166 27.60 5.23 -43.80
CA GLU B 166 27.68 6.19 -42.72
C GLU B 166 26.38 6.32 -41.93
N ASP B 167 25.36 5.52 -42.25
CA ASP B 167 24.11 5.58 -41.50
C ASP B 167 24.33 5.22 -40.03
N GLY B 168 25.12 4.18 -39.77
CA GLY B 168 25.40 3.82 -38.38
C GLY B 168 26.22 4.87 -37.67
N ARG B 169 27.23 5.42 -38.35
CA ARG B 169 28.01 6.52 -37.79
C ARG B 169 27.13 7.71 -37.46
N LEU B 170 26.20 8.06 -38.37
CA LEU B 170 25.29 9.17 -38.12
C LEU B 170 24.40 8.90 -36.92
N MET B 171 23.84 7.70 -36.86
CA MET B 171 23.00 7.31 -35.73
CA MET B 171 22.98 7.42 -35.72
C MET B 171 23.77 7.39 -34.42
N GLU B 172 25.01 6.90 -34.43
CA GLU B 172 25.79 6.90 -33.20
C GLU B 172 26.14 8.32 -32.77
N GLN B 173 26.51 9.18 -33.72
CA GLN B 173 26.78 10.58 -33.38
C GLN B 173 25.56 11.24 -32.77
N LEU B 174 24.39 11.00 -33.36
CA LEU B 174 23.15 11.59 -32.86
C LEU B 174 22.82 11.07 -31.45
N LEU B 175 22.78 9.76 -31.29
CA LEU B 175 22.37 9.22 -30.00
C LEU B 175 23.44 9.37 -28.92
N SER B 176 24.71 9.56 -29.30
CA SER B 176 25.74 9.83 -28.30
C SER B 176 25.58 11.20 -27.65
N SER B 177 24.88 12.12 -28.32
CA SER B 177 24.69 13.43 -27.74
C SER B 177 23.77 13.40 -26.52
N VAL B 178 23.03 12.30 -26.32
CA VAL B 178 22.08 12.20 -25.21
C VAL B 178 22.39 11.02 -24.29
N GLY B 179 23.57 10.44 -24.40
CA GLY B 179 24.02 9.46 -23.44
C GLY B 179 25.01 8.49 -24.07
N PHE B 180 25.16 7.34 -23.42
CA PHE B 180 25.99 6.28 -23.99
C PHE B 180 25.32 5.69 -25.22
N CYS B 181 26.12 5.38 -26.24
CA CYS B 181 25.61 4.75 -27.45
C CYS B 181 26.68 3.86 -28.05
N THR B 182 26.28 2.66 -28.48
CA THR B 182 27.22 1.77 -29.14
C THR B 182 26.45 0.83 -30.05
N GLU B 183 27.13 0.36 -31.09
CA GLU B 183 26.56 -0.62 -31.99
C GLU B 183 26.65 -2.02 -31.39
N VAL B 184 25.58 -2.81 -31.56
CA VAL B 184 25.58 -4.22 -31.17
C VAL B 184 25.05 -5.05 -32.32
N GLU B 185 25.34 -6.35 -32.26
CA GLU B 185 24.62 -7.33 -33.07
C GLU B 185 23.15 -7.32 -32.67
N GLU B 186 22.27 -7.48 -33.65
CA GLU B 186 20.84 -7.37 -33.37
C GLU B 186 20.39 -8.41 -32.34
N ASP B 187 21.03 -9.59 -32.31
CA ASP B 187 20.52 -10.61 -31.39
C ASP B 187 20.81 -10.30 -29.93
N LEU B 188 21.47 -9.18 -29.61
CA LEU B 188 21.64 -8.75 -28.23
C LEU B 188 20.57 -7.76 -27.78
N ILE B 189 19.72 -7.27 -28.68
CA ILE B 189 18.90 -6.13 -28.31
C ILE B 189 17.78 -6.50 -27.34
N ASP B 190 17.21 -7.70 -27.47
CA ASP B 190 16.18 -8.10 -26.50
C ASP B 190 16.74 -8.14 -25.08
N ALA B 191 17.98 -8.62 -24.91
CA ALA B 191 18.61 -8.63 -23.60
C ALA B 191 18.93 -7.21 -23.12
N VAL B 192 19.40 -6.34 -24.03
CA VAL B 192 19.61 -4.95 -23.64
C VAL B 192 18.30 -4.33 -23.18
N THR B 193 17.20 -4.67 -23.85
CA THR B 193 15.89 -4.16 -23.44
C THR B 193 15.60 -4.51 -21.99
N GLY B 194 15.87 -5.76 -21.59
CA GLY B 194 15.62 -6.15 -20.21
C GLY B 194 16.55 -5.49 -19.21
N LEU B 195 17.72 -5.05 -19.65
CA LEU B 195 18.71 -4.47 -18.73
C LEU B 195 18.59 -2.94 -18.70
N SER B 196 19.01 -2.26 -19.79
CA SER B 196 18.99 -0.80 -19.73
C SER B 196 17.69 -0.19 -20.25
N GLY B 197 16.90 -0.92 -21.04
CA GLY B 197 15.60 -0.40 -21.44
C GLY B 197 14.65 -0.27 -20.27
N SER B 198 14.46 -1.37 -19.54
CA SER B 198 13.61 -1.40 -18.37
C SER B 198 14.34 -0.90 -17.13
N GLY B 199 15.66 -0.87 -17.15
CA GLY B 199 16.46 -0.52 -16.00
C GLY B 199 15.99 0.68 -15.18
N PRO B 200 15.70 1.80 -15.84
CA PRO B 200 15.29 2.99 -15.07
C PRO B 200 14.08 2.74 -14.19
N ALA B 201 13.14 1.89 -14.63
CA ALA B 201 12.01 1.54 -13.77
C ALA B 201 12.46 0.75 -12.54
N TYR B 202 13.45 -0.14 -12.69
CA TYR B 202 13.98 -0.83 -11.51
C TYR B 202 14.53 0.19 -10.54
N ALA B 203 15.27 1.17 -11.06
CA ALA B 203 15.88 2.21 -10.24
C ALA B 203 14.83 3.10 -9.56
N PHE B 204 13.77 3.49 -10.29
CA PHE B 204 12.74 4.31 -9.67
C PHE B 204 12.05 3.56 -8.54
N THR B 205 11.74 2.27 -8.75
CA THR B 205 11.20 1.43 -7.68
C THR B 205 12.14 1.40 -6.49
N ALA B 206 13.43 1.21 -6.73
CA ALA B 206 14.41 1.11 -5.65
C ALA B 206 14.52 2.43 -4.88
N LEU B 207 14.42 3.55 -5.60
CA LEU B 207 14.54 4.86 -4.95
C LEU B 207 13.31 5.16 -4.10
N ASP B 208 12.12 4.77 -4.57
CA ASP B 208 10.92 4.90 -3.75
C ASP B 208 11.07 4.10 -2.46
N ALA B 209 11.55 2.87 -2.57
CA ALA B 209 11.71 2.01 -1.41
C ALA B 209 12.80 2.53 -0.48
N LEU B 210 13.92 2.99 -1.04
CA LEU B 210 14.97 3.53 -0.18
C LEU B 210 14.48 4.76 0.57
N ALA B 211 13.69 5.61 -0.09
CA ALA B 211 13.13 6.77 0.59
C ALA B 211 12.16 6.34 1.69
N ASP B 212 11.34 5.31 1.43
CA ASP B 212 10.49 4.75 2.47
C ASP B 212 11.32 4.30 3.66
N GLY B 213 12.47 3.67 3.41
CA GLY B 213 13.34 3.28 4.52
C GLY B 213 13.89 4.47 5.28
N GLY B 214 14.32 5.51 4.55
CA GLY B 214 14.78 6.72 5.22
C GLY B 214 13.71 7.32 6.10
N VAL B 215 12.48 7.41 5.58
CA VAL B 215 11.36 7.94 6.33
C VAL B 215 11.05 7.08 7.55
N LYS B 216 11.10 5.74 7.39
CA LYS B 216 10.89 4.89 8.56
C LYS B 216 11.88 5.24 9.66
N MET B 217 13.11 5.55 9.31
CA MET B 217 14.15 5.79 10.32
C MET B 217 14.22 7.26 10.75
N GLY B 218 13.26 8.08 10.32
CA GLY B 218 13.10 9.43 10.87
C GLY B 218 13.44 10.57 9.94
N LEU B 219 13.80 10.27 8.63
CA LEU B 219 14.14 11.39 7.76
C LEU B 219 12.89 11.97 7.10
N PRO B 220 12.87 13.27 6.84
CA PRO B 220 11.82 13.84 5.99
C PRO B 220 11.86 13.21 4.60
N ARG B 221 10.68 13.10 3.98
CA ARG B 221 10.57 12.43 2.69
CA ARG B 221 10.59 12.41 2.69
C ARG B 221 11.42 13.10 1.63
N ARG B 222 11.38 14.43 1.56
CA ARG B 222 12.12 15.13 0.52
C ARG B 222 13.62 14.91 0.64
N LEU B 223 14.15 14.97 1.87
CA LEU B 223 15.57 14.69 2.07
C LEU B 223 15.90 13.24 1.72
N ALA B 224 15.05 12.29 2.13
CA ALA B 224 15.33 10.89 1.87
C ALA B 224 15.37 10.59 0.37
N VAL B 225 14.47 11.20 -0.41
CA VAL B 225 14.49 11.00 -1.87
C VAL B 225 15.79 11.54 -2.46
N ARG B 226 16.19 12.73 -2.03
CA ARG B 226 17.40 13.37 -2.55
C ARG B 226 18.65 12.57 -2.23
N LEU B 227 18.80 12.17 -0.96
CA LEU B 227 19.97 11.39 -0.54
C LEU B 227 20.04 10.05 -1.26
N GLY B 228 18.90 9.36 -1.36
CA GLY B 228 18.90 8.07 -2.03
C GLY B 228 19.26 8.19 -3.51
N ALA B 229 18.67 9.16 -4.20
CA ALA B 229 19.00 9.37 -5.60
C ALA B 229 20.46 9.79 -5.76
N GLN B 230 20.94 10.66 -4.89
CA GLN B 230 22.35 11.06 -4.98
C GLN B 230 23.28 9.87 -4.74
N ALA B 231 22.91 8.99 -3.81
CA ALA B 231 23.74 7.81 -3.55
C ALA B 231 23.81 6.90 -4.78
N LEU B 232 22.66 6.65 -5.39
CA LEU B 232 22.60 5.84 -6.61
CA LEU B 232 22.63 5.83 -6.60
C LEU B 232 23.46 6.46 -7.71
N LEU B 233 23.31 7.77 -7.92
CA LEU B 233 24.02 8.44 -9.01
C LEU B 233 25.51 8.39 -8.80
N GLY B 234 25.97 8.69 -7.58
CA GLY B 234 27.40 8.71 -7.34
C GLY B 234 28.01 7.33 -7.45
N ALA B 235 27.30 6.31 -6.97
CA ALA B 235 27.79 4.93 -7.04
C ALA B 235 27.91 4.49 -8.49
N ALA B 236 26.88 4.77 -9.29
CA ALA B 236 26.92 4.42 -10.71
C ALA B 236 28.07 5.13 -11.40
N LYS B 237 28.28 6.41 -11.10
CA LYS B 237 29.39 7.13 -11.69
C LYS B 237 30.73 6.55 -11.26
N MET B 238 30.86 6.18 -9.99
CA MET B 238 32.11 5.58 -9.52
C MET B 238 32.47 4.37 -10.36
N LEU B 239 31.49 3.49 -10.59
CA LEU B 239 31.73 2.28 -11.37
C LEU B 239 32.06 2.60 -12.82
N LEU B 240 31.34 3.53 -13.43
CA LEU B 240 31.65 3.91 -14.81
C LEU B 240 33.04 4.51 -14.92
N HIS B 241 33.55 5.12 -13.85
CA HIS B 241 34.87 5.73 -13.87
C HIS B 241 35.96 4.85 -13.25
N SER B 242 35.59 3.70 -12.72
CA SER B 242 36.53 2.74 -12.15
C SER B 242 36.88 1.67 -13.17
N GLU B 243 38.03 1.03 -12.96
CA GLU B 243 38.34 -0.21 -13.64
C GLU B 243 38.08 -1.43 -12.76
N GLN B 244 37.62 -1.21 -11.53
CA GLN B 244 37.45 -2.27 -10.57
C GLN B 244 36.08 -2.94 -10.72
N HIS B 245 36.03 -4.18 -10.26
CA HIS B 245 34.79 -4.94 -10.21
C HIS B 245 33.84 -4.31 -9.20
N PRO B 246 32.53 -4.29 -9.49
CA PRO B 246 31.56 -3.80 -8.49
C PRO B 246 31.69 -4.47 -7.13
N GLY B 247 32.11 -5.74 -7.09
CA GLY B 247 32.33 -6.38 -5.80
C GLY B 247 33.50 -5.79 -5.04
N GLN B 248 34.55 -5.37 -5.75
CA GLN B 248 35.65 -4.69 -5.08
C GLN B 248 35.21 -3.33 -4.54
N LEU B 249 34.40 -2.59 -5.31
CA LEU B 249 33.89 -1.32 -4.80
C LEU B 249 33.00 -1.55 -3.59
N LYS B 250 32.19 -2.61 -3.63
CA LYS B 250 31.41 -3.01 -2.46
C LYS B 250 32.31 -3.29 -1.26
N ASP B 251 33.40 -4.04 -1.47
CA ASP B 251 34.34 -4.35 -0.40
C ASP B 251 34.95 -3.09 0.20
N ASN B 252 35.35 -2.14 -0.65
CA ASN B 252 35.99 -0.91 -0.19
C ASN B 252 35.07 -0.09 0.70
N VAL B 253 33.77 -0.31 0.57
CA VAL B 253 32.80 0.51 1.27
C VAL B 253 32.43 -0.04 2.63
N SER B 254 32.61 -1.35 2.87
CA SER B 254 32.08 -2.01 4.07
C SER B 254 33.21 -2.25 5.07
N SER B 255 33.28 -1.40 6.10
CA SER B 255 34.18 -1.63 7.22
C SER B 255 33.78 -2.87 8.01
N PRO B 256 34.76 -3.59 8.56
CA PRO B 256 34.42 -4.80 9.32
C PRO B 256 33.52 -4.49 10.51
N GLY B 257 32.49 -5.31 10.67
CA GLY B 257 31.51 -5.16 11.73
C GLY B 257 30.58 -3.97 11.60
N GLY B 258 30.65 -3.21 10.50
CA GLY B 258 29.99 -1.93 10.43
C GLY B 258 28.55 -1.98 9.94
N ALA B 259 27.99 -0.78 9.79
CA ALA B 259 26.59 -0.62 9.39
C ALA B 259 26.33 -1.20 8.00
N THR B 260 27.23 -0.95 7.06
CA THR B 260 26.98 -1.36 5.67
C THR B 260 26.94 -2.87 5.53
N ILE B 261 27.91 -3.58 6.13
CA ILE B 261 27.92 -5.03 5.94
C ILE B 261 26.71 -5.66 6.63
N HIS B 262 26.22 -5.05 7.72
CA HIS B 262 24.97 -5.54 8.31
C HIS B 262 23.79 -5.36 7.35
N ALA B 263 23.75 -4.22 6.64
CA ALA B 263 22.67 -4.00 5.69
C ALA B 263 22.77 -4.92 4.49
N LEU B 264 24.00 -5.17 4.02
CA LEU B 264 24.17 -6.08 2.88
C LEU B 264 23.69 -7.49 3.22
N HIS B 265 23.87 -7.91 4.47
CA HIS B 265 23.40 -9.22 4.87
C HIS B 265 21.88 -9.31 4.71
N VAL B 266 21.14 -8.29 5.16
CA VAL B 266 19.69 -8.44 5.06
C VAL B 266 19.24 -8.39 3.60
N LEU B 267 19.94 -7.65 2.72
CA LEU B 267 19.66 -7.78 1.28
C LEU B 267 19.89 -9.21 0.80
N GLU B 268 21.02 -9.82 1.18
CA GLU B 268 21.30 -11.19 0.74
C GLU B 268 20.25 -12.17 1.24
N SER B 269 19.79 -12.01 2.50
CA SER B 269 18.83 -12.98 3.04
C SER B 269 17.52 -12.97 2.28
N GLY B 270 17.18 -11.86 1.62
CA GLY B 270 15.99 -11.81 0.82
C GLY B 270 16.20 -12.17 -0.64
N GLY B 271 17.42 -12.56 -1.03
CA GLY B 271 17.64 -12.91 -2.43
C GLY B 271 17.63 -11.72 -3.34
N PHE B 272 18.08 -10.56 -2.84
CA PHE B 272 18.11 -9.30 -3.57
C PHE B 272 18.72 -9.46 -4.95
N ARG B 273 19.91 -10.06 -5.04
CA ARG B 273 20.56 -10.22 -6.35
C ARG B 273 19.67 -11.00 -7.30
N SER B 274 19.08 -12.10 -6.82
CA SER B 274 18.24 -12.94 -7.66
C SER B 274 17.02 -12.19 -8.18
N LEU B 275 16.49 -11.22 -7.41
CA LEU B 275 15.32 -10.49 -7.89
C LEU B 275 15.68 -9.66 -9.12
N LEU B 276 16.86 -9.04 -9.10
CA LEU B 276 17.30 -8.23 -10.23
C LEU B 276 17.62 -9.09 -11.45
N ILE B 277 18.22 -10.27 -11.24
CA ILE B 277 18.37 -11.23 -12.35
C ILE B 277 17.00 -11.60 -12.92
N ASN B 278 16.05 -11.95 -12.04
CA ASN B 278 14.70 -12.29 -12.49
C ASN B 278 14.08 -11.18 -13.34
N ALA B 279 14.32 -9.93 -12.95
CA ALA B 279 13.72 -8.80 -13.65
C ALA B 279 14.30 -8.67 -15.06
N VAL B 280 15.63 -8.70 -15.19
CA VAL B 280 16.23 -8.63 -16.53
C VAL B 280 15.70 -9.76 -17.40
N GLU B 281 15.68 -10.97 -16.83
CA GLU B 281 15.20 -12.14 -17.58
C GLU B 281 13.75 -11.96 -18.01
N ALA B 282 12.89 -11.55 -17.07
CA ALA B 282 11.46 -11.43 -17.38
C ALA B 282 11.21 -10.38 -18.44
N SER B 283 11.94 -9.26 -18.36
CA SER B 283 11.76 -8.22 -19.38
C SER B 283 12.26 -8.70 -20.73
N CYS B 284 13.43 -9.34 -20.77
CA CYS B 284 13.95 -9.88 -22.03
C CYS B 284 12.97 -10.91 -22.60
N ILE B 285 12.45 -11.80 -21.77
CA ILE B 285 11.56 -12.85 -22.27
C ILE B 285 10.27 -12.26 -22.81
N ARG B 286 9.68 -11.29 -22.08
CA ARG B 286 8.48 -10.64 -22.58
C ARG B 286 8.76 -9.92 -23.91
N THR B 287 9.93 -9.29 -24.02
CA THR B 287 10.27 -8.58 -25.25
C THR B 287 10.26 -9.52 -26.45
N ARG B 288 10.84 -10.72 -26.29
N ARG B 288 10.80 -10.73 -26.29
CA ARG B 288 10.77 -11.71 -27.35
CA ARG B 288 10.78 -11.70 -27.38
C ARG B 288 9.33 -12.01 -27.73
C ARG B 288 9.36 -12.20 -27.69
N GLU B 289 8.44 -12.09 -26.73
CA GLU B 289 7.03 -12.40 -27.01
C GLU B 289 6.35 -11.29 -27.79
N LEU B 290 6.81 -10.05 -27.62
CA LEU B 290 6.19 -8.92 -28.31
C LEU B 290 6.54 -8.88 -29.79
N GLN B 291 7.31 -9.85 -30.30
CA GLN B 291 7.54 -9.94 -31.75
C GLN B 291 6.16 -9.95 -32.42
N SER B 292 5.85 -8.88 -33.15
CA SER B 292 4.49 -8.67 -33.64
C SER B 292 4.31 -9.05 -35.10
N MET B 293 5.40 -9.20 -35.85
CA MET B 293 5.34 -9.43 -37.28
C MET B 293 6.08 -10.71 -37.63
N ALA B 294 6.03 -11.07 -38.92
CA ALA B 294 6.87 -12.13 -39.47
C ALA B 294 8.25 -11.56 -39.69
N ASP B 295 9.23 -12.00 -38.89
CA ASP B 295 10.59 -11.47 -38.97
C ASP B 295 11.19 -11.75 -40.35
N MET C 23 -17.60 31.80 16.27
CA MET C 23 -16.59 30.90 16.81
C MET C 23 -15.27 30.93 16.03
N SER C 24 -14.17 30.95 16.77
CA SER C 24 -12.83 31.07 16.21
C SER C 24 -12.09 29.74 16.38
N VAL C 25 -11.41 29.32 15.32
CA VAL C 25 -10.65 28.07 15.30
C VAL C 25 -9.20 28.37 14.96
N GLY C 26 -8.28 27.75 15.67
CA GLY C 26 -6.87 27.90 15.39
C GLY C 26 -6.18 26.58 15.17
N PHE C 27 -5.12 26.62 14.37
CA PHE C 27 -4.25 25.47 14.12
C PHE C 27 -2.83 25.85 14.51
N ILE C 28 -2.23 25.09 15.42
CA ILE C 28 -0.81 25.17 15.69
C ILE C 28 -0.15 24.03 14.92
N GLY C 29 0.57 24.38 13.87
CA GLY C 29 1.00 23.41 12.88
C GLY C 29 0.30 23.65 11.56
N ALA C 30 1.05 23.66 10.47
CA ALA C 30 0.46 23.89 9.16
C ALA C 30 0.86 22.81 8.17
N GLY C 31 0.89 21.56 8.64
CA GLY C 31 1.24 20.43 7.82
C GLY C 31 0.05 19.84 7.10
N GLN C 32 0.20 18.59 6.66
CA GLN C 32 -0.80 17.94 5.82
C GLN C 32 -2.16 17.89 6.51
N LEU C 33 -2.18 17.64 7.82
CA LEU C 33 -3.44 17.47 8.53
C LEU C 33 -4.15 18.80 8.77
N ALA C 34 -3.41 19.84 9.15
CA ALA C 34 -4.04 21.13 9.39
C ALA C 34 -4.67 21.68 8.11
N PHE C 35 -3.92 21.59 7.01
CA PHE C 35 -4.47 22.01 5.73
C PHE C 35 -5.74 21.25 5.40
N ALA C 36 -5.72 19.93 5.59
CA ALA C 36 -6.86 19.09 5.21
C ALA C 36 -8.10 19.45 6.00
N LEU C 37 -7.94 19.67 7.32
CA LEU C 37 -9.08 20.08 8.14
C LEU C 37 -9.56 21.48 7.77
N ALA C 38 -8.62 22.40 7.57
CA ALA C 38 -9.00 23.76 7.17
C ALA C 38 -9.72 23.76 5.83
N LYS C 39 -9.22 22.98 4.87
CA LYS C 39 -9.91 22.91 3.58
C LYS C 39 -11.29 22.27 3.74
N GLY C 40 -11.38 21.19 4.51
CA GLY C 40 -12.68 20.57 4.72
C GLY C 40 -13.66 21.47 5.46
N PHE C 41 -13.20 22.11 6.53
CA PHE C 41 -14.07 23.00 7.30
C PHE C 41 -14.63 24.11 6.41
N THR C 42 -13.77 24.72 5.60
CA THR C 42 -14.22 25.80 4.73
C THR C 42 -15.15 25.28 3.64
N ALA C 43 -14.84 24.10 3.08
CA ALA C 43 -15.73 23.52 2.07
C ALA C 43 -17.09 23.15 2.67
N ALA C 44 -17.09 22.78 3.96
CA ALA C 44 -18.35 22.52 4.65
C ALA C 44 -19.17 23.79 4.87
N GLY C 45 -18.50 24.95 4.89
CA GLY C 45 -19.20 26.18 5.18
C GLY C 45 -19.59 26.36 6.64
N VAL C 46 -19.06 25.53 7.54
CA VAL C 46 -19.40 25.65 8.95
C VAL C 46 -18.53 26.69 9.66
N LEU C 47 -17.36 26.99 9.13
CA LEU C 47 -16.53 28.10 9.58
C LEU C 47 -16.22 29.00 8.39
N ALA C 48 -16.35 30.31 8.60
CA ALA C 48 -15.78 31.25 7.64
C ALA C 48 -14.26 31.15 7.72
N ALA C 49 -13.61 31.04 6.56
CA ALA C 49 -12.17 30.85 6.54
C ALA C 49 -11.44 31.96 7.30
N HIS C 50 -12.01 33.18 7.33
CA HIS C 50 -11.37 34.26 8.07
C HIS C 50 -11.45 34.07 9.58
N LYS C 51 -12.38 33.24 10.06
CA LYS C 51 -12.42 32.85 11.46
C LYS C 51 -11.43 31.72 11.78
N ILE C 52 -10.53 31.39 10.85
CA ILE C 52 -9.52 30.35 11.04
C ILE C 52 -8.14 30.99 10.95
N MET C 53 -7.28 30.68 11.91
CA MET C 53 -5.89 31.11 11.90
C MET C 53 -4.99 29.88 12.06
N ALA C 54 -3.82 29.93 11.44
CA ALA C 54 -2.87 28.83 11.49
C ALA C 54 -1.46 29.39 11.63
N SER C 55 -0.67 28.76 12.49
CA SER C 55 0.69 29.21 12.75
C SER C 55 1.67 28.06 12.52
N SER C 56 2.79 28.40 11.89
CA SER C 56 3.87 27.46 11.60
C SER C 56 5.17 28.25 11.59
N PRO C 57 6.25 27.71 12.15
CA PRO C 57 7.55 28.37 12.01
C PRO C 57 8.10 28.26 10.60
N ASP C 58 7.73 27.21 9.88
CA ASP C 58 8.28 26.90 8.57
C ASP C 58 7.13 26.40 7.70
N MET C 59 6.35 27.35 7.16
CA MET C 59 5.22 27.04 6.30
C MET C 59 5.59 26.99 4.83
N ASP C 60 6.81 26.56 4.51
CA ASP C 60 7.32 26.62 3.14
C ASP C 60 6.58 25.70 2.17
N LEU C 61 5.73 24.80 2.68
CA LEU C 61 4.83 24.08 1.78
C LEU C 61 3.90 25.07 1.10
N ALA C 62 3.43 24.70 -0.09
CA ALA C 62 2.58 25.55 -0.91
C ALA C 62 1.34 25.99 -0.14
N THR C 63 1.10 25.38 1.02
CA THR C 63 -0.04 25.73 1.86
C THR C 63 -0.04 27.22 2.21
N VAL C 64 1.13 27.84 2.30
CA VAL C 64 1.18 29.26 2.67
C VAL C 64 0.41 30.10 1.67
N SER C 65 0.66 29.89 0.37
CA SER C 65 -0.10 30.60 -0.64
C SER C 65 -1.46 29.96 -0.90
N ALA C 66 -1.65 28.71 -0.50
CA ALA C 66 -2.94 28.06 -0.66
C ALA C 66 -3.91 28.47 0.46
N LEU C 67 -3.44 28.45 1.70
CA LEU C 67 -4.27 28.92 2.80
C LEU C 67 -4.65 30.38 2.63
N ARG C 68 -3.72 31.20 2.14
CA ARG C 68 -4.03 32.62 1.92
C ARG C 68 -5.13 32.78 0.88
N LYS C 69 -4.98 32.13 -0.28
CA LYS C 69 -6.06 32.15 -1.27
C LYS C 69 -7.35 31.57 -0.71
N MET C 70 -7.24 30.65 0.25
CA MET C 70 -8.41 30.04 0.87
C MET C 70 -9.09 30.99 1.85
N GLY C 71 -8.38 31.99 2.36
CA GLY C 71 -8.92 32.91 3.33
C GLY C 71 -8.43 32.69 4.75
N VAL C 72 -7.50 31.76 4.97
CA VAL C 72 -7.00 31.47 6.30
C VAL C 72 -5.94 32.49 6.67
N LYS C 73 -6.04 33.03 7.88
CA LYS C 73 -5.03 33.96 8.38
C LYS C 73 -3.81 33.19 8.85
N LEU C 74 -2.63 33.71 8.54
CA LEU C 74 -1.37 33.04 8.80
C LEU C 74 -0.46 33.93 9.64
N THR C 75 0.15 33.35 10.66
CA THR C 75 1.07 34.06 11.54
C THR C 75 2.21 33.11 11.93
N PRO C 76 3.42 33.64 12.10
CA PRO C 76 4.52 32.79 12.59
C PRO C 76 4.48 32.52 14.08
N HIS C 77 3.66 33.23 14.84
CA HIS C 77 3.68 33.18 16.30
C HIS C 77 2.53 32.32 16.81
N ASN C 78 2.86 31.20 17.45
CA ASN C 78 1.85 30.33 18.03
C ASN C 78 1.00 31.06 19.06
N LYS C 79 1.56 32.04 19.77
CA LYS C 79 0.78 32.75 20.78
C LYS C 79 -0.29 33.63 20.13
N GLU C 80 -0.03 34.15 18.94
CA GLU C 80 -1.07 34.91 18.23
C GLU C 80 -2.25 34.02 17.89
N THR C 81 -1.99 32.78 17.48
CA THR C 81 -3.08 31.83 17.21
C THR C 81 -3.91 31.60 18.47
N VAL C 82 -3.25 31.41 19.62
CA VAL C 82 -3.95 31.16 20.87
C VAL C 82 -4.86 32.34 21.20
N GLN C 83 -4.33 33.56 21.09
CA GLN C 83 -5.10 34.75 21.36
C GLN C 83 -6.27 34.93 20.38
N HIS C 84 -6.17 34.38 19.17
CA HIS C 84 -7.28 34.46 18.22
C HIS C 84 -8.34 33.40 18.45
N SER C 85 -7.97 32.24 18.99
CA SER C 85 -8.78 31.05 18.87
C SER C 85 -9.57 30.73 20.14
N ASP C 86 -10.73 30.12 19.93
CA ASP C 86 -11.48 29.42 20.98
C ASP C 86 -11.14 27.94 20.96
N VAL C 87 -11.37 27.28 19.83
CA VAL C 87 -10.98 25.90 19.64
C VAL C 87 -9.60 25.89 19.02
N LEU C 88 -8.67 25.20 19.69
CA LEU C 88 -7.25 25.23 19.32
C LEU C 88 -6.82 23.81 18.96
N PHE C 89 -6.59 23.57 17.66
CA PHE C 89 -6.13 22.28 17.19
C PHE C 89 -4.60 22.22 17.26
N LEU C 90 -4.07 21.22 17.94
CA LEU C 90 -2.63 20.97 17.95
C LEU C 90 -2.37 19.89 16.90
N ALA C 91 -1.92 20.33 15.72
CA ALA C 91 -1.66 19.39 14.63
C ALA C 91 -0.16 19.32 14.38
N VAL C 92 0.60 18.97 15.42
CA VAL C 92 2.04 18.82 15.33
C VAL C 92 2.39 17.37 15.60
N LYS C 93 3.63 17.02 15.31
CA LYS C 93 4.11 15.67 15.55
C LYS C 93 4.10 15.37 17.04
N PRO C 94 3.97 14.09 17.43
CA PRO C 94 3.87 13.77 18.87
C PRO C 94 5.03 14.30 19.71
N HIS C 95 6.26 14.21 19.19
CA HIS C 95 7.40 14.70 19.97
C HIS C 95 7.46 16.22 20.04
N ILE C 96 6.70 16.93 19.20
CA ILE C 96 6.64 18.39 19.26
C ILE C 96 5.63 18.88 20.28
N ILE C 97 4.63 18.06 20.62
CA ILE C 97 3.57 18.49 21.53
C ILE C 97 4.10 19.11 22.83
N PRO C 98 5.00 18.46 23.58
CA PRO C 98 5.42 19.07 24.86
C PRO C 98 6.08 20.43 24.71
N PHE C 99 6.71 20.68 23.57
CA PHE C 99 7.30 22.00 23.34
C PHE C 99 6.23 23.05 23.14
N ILE C 100 5.20 22.73 22.34
CA ILE C 100 4.10 23.67 22.11
C ILE C 100 3.41 24.02 23.44
N LEU C 101 3.13 22.99 24.25
CA LEU C 101 2.40 23.22 25.50
C LEU C 101 3.18 24.12 26.44
N ASP C 102 4.51 23.99 26.44
CA ASP C 102 5.31 24.87 27.28
C ASP C 102 5.33 26.30 26.76
N GLU C 103 5.19 26.48 25.45
CA GLU C 103 5.23 27.83 24.88
C GLU C 103 3.91 28.57 25.13
N ILE C 104 2.78 27.90 24.93
CA ILE C 104 1.47 28.55 24.98
C ILE C 104 0.76 28.34 26.31
N GLY C 105 1.33 27.55 27.23
CA GLY C 105 0.62 27.18 28.43
C GLY C 105 0.09 28.36 29.23
N ALA C 106 0.93 29.39 29.41
CA ALA C 106 0.50 30.56 30.17
C ALA C 106 -0.57 31.37 29.44
N ASP C 107 -0.76 31.13 28.15
CA ASP C 107 -1.70 31.87 27.33
C ASP C 107 -3.06 31.21 27.21
N ILE C 108 -3.22 30.00 27.75
CA ILE C 108 -4.51 29.32 27.75
C ILE C 108 -5.46 30.03 28.70
N GLU C 109 -6.68 30.28 28.23
CA GLU C 109 -7.73 30.92 29.02
C GLU C 109 -8.83 29.91 29.32
N ASP C 110 -9.81 30.33 30.11
CA ASP C 110 -10.97 29.47 30.37
C ASP C 110 -11.72 29.14 29.09
N ARG C 111 -11.75 30.07 28.12
CA ARG C 111 -12.52 29.88 26.91
C ARG C 111 -11.97 28.78 26.01
N HIS C 112 -10.73 28.37 26.20
CA HIS C 112 -10.06 27.51 25.23
C HIS C 112 -10.50 26.05 25.36
N ILE C 113 -10.74 25.42 24.22
CA ILE C 113 -10.75 23.96 24.12
C ILE C 113 -9.51 23.57 23.32
N VAL C 114 -8.67 22.74 23.91
CA VAL C 114 -7.40 22.32 23.32
C VAL C 114 -7.59 20.93 22.73
N VAL C 115 -7.50 20.83 21.40
CA VAL C 115 -7.75 19.58 20.67
C VAL C 115 -6.40 19.08 20.15
N SER C 116 -5.86 18.02 20.75
CA SER C 116 -4.63 17.40 20.27
C SER C 116 -4.96 16.36 19.21
N CYS C 117 -4.31 16.47 18.04
CA CYS C 117 -4.44 15.49 16.98
C CYS C 117 -3.24 14.56 16.90
N ALA C 118 -2.24 14.75 17.74
CA ALA C 118 -1.04 13.93 17.68
C ALA C 118 -1.37 12.48 18.00
N ALA C 119 -0.74 11.57 17.26
CA ALA C 119 -0.89 10.15 17.57
C ALA C 119 -0.16 9.83 18.86
N GLY C 120 -0.75 8.94 19.65
CA GLY C 120 -0.09 8.39 20.82
C GLY C 120 -0.12 9.25 22.07
N VAL C 121 -0.19 10.57 21.92
CA VAL C 121 -0.05 11.47 23.07
C VAL C 121 -1.35 11.48 23.88
N THR C 122 -1.25 11.15 25.16
CA THR C 122 -2.41 10.91 25.99
C THR C 122 -3.00 12.21 26.54
N ILE C 123 -4.30 12.18 26.82
CA ILE C 123 -4.95 13.32 27.47
C ILE C 123 -4.26 13.66 28.79
N SER C 124 -3.97 12.63 29.57
CA SER C 124 -3.41 12.91 30.89
C SER C 124 -2.06 13.60 30.80
N SER C 125 -1.26 13.27 29.77
CA SER C 125 0.03 13.94 29.62
C SER C 125 -0.14 15.40 29.20
N ILE C 126 -1.16 15.70 28.40
CA ILE C 126 -1.42 17.09 28.01
C ILE C 126 -1.98 17.88 29.20
N GLU C 127 -2.91 17.28 29.95
CA GLU C 127 -3.47 17.97 31.10
C GLU C 127 -2.41 18.24 32.15
N LYS C 128 -1.53 17.27 32.41
CA LYS C 128 -0.47 17.47 33.39
C LYS C 128 0.40 18.66 33.00
N LYS C 129 0.75 18.74 31.73
CA LYS C 129 1.57 19.84 31.22
C LYS C 129 0.87 21.18 31.42
N LEU C 130 -0.38 21.30 30.92
CA LEU C 130 -1.08 22.58 30.94
C LEU C 130 -1.49 22.99 32.35
N SER C 131 -1.71 22.02 33.24
CA SER C 131 -2.15 22.33 34.60
C SER C 131 -1.07 23.02 35.42
N ALA C 132 0.19 22.96 34.99
CA ALA C 132 1.23 23.75 35.64
C ALA C 132 0.99 25.24 35.47
N PHE C 133 0.15 25.64 34.52
CA PHE C 133 -0.14 27.04 34.24
C PHE C 133 -1.47 27.49 34.81
N ARG C 134 -2.53 26.73 34.55
CA ARG C 134 -3.87 26.99 35.05
C ARG C 134 -4.54 25.64 35.28
N PRO C 135 -5.43 25.54 36.27
CA PRO C 135 -5.77 24.20 36.82
C PRO C 135 -6.71 23.31 36.03
N ALA C 136 -7.65 23.84 35.26
CA ALA C 136 -8.67 23.02 34.62
C ALA C 136 -8.69 23.12 33.09
N PRO C 137 -7.59 22.76 32.41
CA PRO C 137 -7.58 22.88 30.95
C PRO C 137 -8.59 21.92 30.32
N ARG C 138 -9.34 22.44 29.35
CA ARG C 138 -10.34 21.65 28.64
C ARG C 138 -9.64 21.02 27.43
N VAL C 139 -9.50 19.69 27.46
CA VAL C 139 -8.65 18.98 26.50
C VAL C 139 -9.47 17.90 25.81
N ILE C 140 -9.30 17.80 24.50
CA ILE C 140 -9.89 16.74 23.71
C ILE C 140 -8.76 16.10 22.92
N ARG C 141 -8.79 14.77 22.83
CA ARG C 141 -7.84 14.04 22.01
C ARG C 141 -8.58 13.48 20.79
N CYS C 142 -7.99 13.70 19.61
CA CYS C 142 -8.59 13.41 18.32
C CYS C 142 -7.68 12.52 17.51
N MET C 143 -8.26 11.59 16.75
CA MET C 143 -7.53 10.88 15.71
C MET C 143 -8.40 10.97 14.46
N THR C 144 -7.94 11.72 13.48
CA THR C 144 -8.64 11.91 12.21
C THR C 144 -7.72 11.45 11.09
N ASN C 145 -8.06 11.76 9.83
CA ASN C 145 -7.21 11.33 8.75
C ASN C 145 -7.33 12.31 7.59
N THR C 146 -6.46 12.15 6.60
CA THR C 146 -6.36 13.17 5.56
C THR C 146 -7.61 13.33 4.69
N PRO C 147 -8.45 12.27 4.45
CA PRO C 147 -9.65 12.48 3.61
C PRO C 147 -10.66 13.51 4.16
N VAL C 148 -10.41 14.12 5.32
CA VAL C 148 -11.22 15.29 5.68
C VAL C 148 -11.11 16.35 4.60
N VAL C 149 -10.04 16.33 3.82
CA VAL C 149 -9.83 17.32 2.78
C VAL C 149 -10.92 17.23 1.71
N VAL C 150 -11.51 16.05 1.51
CA VAL C 150 -12.66 15.88 0.63
C VAL C 150 -13.93 15.58 1.42
N ARG C 151 -13.95 15.95 2.71
CA ARG C 151 -15.09 15.78 3.60
C ARG C 151 -15.54 14.32 3.70
N GLU C 152 -14.60 13.38 3.64
CA GLU C 152 -14.90 11.97 3.88
C GLU C 152 -13.90 11.38 4.86
N GLY C 153 -13.54 12.17 5.87
CA GLY C 153 -12.63 11.70 6.88
C GLY C 153 -13.29 10.69 7.80
N ALA C 154 -12.47 10.10 8.66
CA ALA C 154 -12.91 9.22 9.73
C ALA C 154 -12.24 9.72 11.00
N THR C 155 -13.05 10.21 11.94
CA THR C 155 -12.52 10.84 13.15
C THR C 155 -13.11 10.18 14.39
N VAL C 156 -12.25 9.96 15.40
CA VAL C 156 -12.75 9.64 16.73
C VAL C 156 -12.15 10.68 17.69
N TYR C 157 -12.84 10.88 18.81
CA TYR C 157 -12.32 11.79 19.81
C TYR C 157 -12.66 11.26 21.20
N ALA C 158 -11.84 11.64 22.17
CA ALA C 158 -12.10 11.37 23.58
C ALA C 158 -11.99 12.68 24.34
N THR C 159 -12.90 12.88 25.31
CA THR C 159 -12.92 14.11 26.10
C THR C 159 -12.10 13.94 27.37
N GLY C 160 -11.41 15.03 27.75
CA GLY C 160 -10.54 15.02 28.92
C GLY C 160 -11.29 15.26 30.21
N THR C 161 -10.51 15.36 31.29
CA THR C 161 -11.06 15.41 32.64
C THR C 161 -11.94 16.63 32.85
N HIS C 162 -11.54 17.77 32.28
CA HIS C 162 -12.20 19.03 32.55
C HIS C 162 -13.01 19.53 31.36
N ALA C 163 -13.05 18.75 30.27
CA ALA C 163 -13.93 19.08 29.15
C ALA C 163 -15.36 19.19 29.63
N GLN C 164 -16.02 20.28 29.26
CA GLN C 164 -17.42 20.42 29.61
C GLN C 164 -18.25 19.56 28.66
N VAL C 165 -19.46 19.19 29.11
CA VAL C 165 -20.23 18.22 28.32
C VAL C 165 -20.54 18.77 26.94
N GLU C 166 -20.66 20.09 26.80
CA GLU C 166 -20.91 20.70 25.50
C GLU C 166 -19.66 20.77 24.62
N ASP C 167 -18.47 20.62 25.20
CA ASP C 167 -17.24 20.61 24.41
C ASP C 167 -17.20 19.41 23.48
N GLY C 168 -17.62 18.24 23.97
CA GLY C 168 -17.65 17.07 23.12
C GLY C 168 -18.68 17.20 22.01
N ARG C 169 -19.86 17.73 22.35
CA ARG C 169 -20.88 17.98 21.34
C ARG C 169 -20.36 18.93 20.27
N LEU C 170 -19.67 20.00 20.69
CA LEU C 170 -19.08 20.95 19.75
C LEU C 170 -18.09 20.26 18.84
N MET C 171 -17.23 19.43 19.42
CA MET C 171 -16.21 18.71 18.66
CA MET C 171 -16.22 18.79 18.60
C MET C 171 -16.85 17.82 17.60
N GLU C 172 -17.89 17.09 17.99
CA GLU C 172 -18.54 16.16 17.08
C GLU C 172 -19.30 16.90 15.98
N GLN C 173 -19.95 18.01 16.31
CA GLN C 173 -20.59 18.81 15.27
C GLN C 173 -19.57 19.32 14.27
N LEU C 174 -18.44 19.83 14.77
CA LEU C 174 -17.40 20.34 13.88
C LEU C 174 -16.82 19.22 13.00
N LEU C 175 -16.35 18.14 13.62
CA LEU C 175 -15.66 17.13 12.82
C LEU C 175 -16.63 16.30 11.97
N SER C 176 -17.93 16.28 12.32
CA SER C 176 -18.88 15.60 11.45
C SER C 176 -19.08 16.32 10.13
N SER C 177 -18.75 17.61 10.05
CA SER C 177 -18.92 18.32 8.78
C SER C 177 -17.94 17.84 7.72
N VAL C 178 -16.86 17.17 8.13
CA VAL C 178 -15.82 16.71 7.21
C VAL C 178 -15.71 15.17 7.19
N GLY C 179 -16.71 14.46 7.68
CA GLY C 179 -16.70 13.02 7.55
C GLY C 179 -17.37 12.35 8.73
N PHE C 180 -17.09 11.06 8.89
CA PHE C 180 -17.60 10.31 10.03
C PHE C 180 -16.91 10.76 11.31
N CYS C 181 -17.68 10.87 12.39
CA CYS C 181 -17.09 11.26 13.67
C CYS C 181 -17.86 10.63 14.82
N THR C 182 -17.14 10.05 15.78
CA THR C 182 -17.82 9.48 16.94
C THR C 182 -16.91 9.57 18.16
N GLU C 183 -17.51 9.62 19.33
CA GLU C 183 -16.78 9.61 20.58
C GLU C 183 -16.36 8.19 20.93
N VAL C 184 -15.14 8.02 21.42
CA VAL C 184 -14.65 6.74 21.92
C VAL C 184 -14.01 6.94 23.29
N GLU C 185 -13.88 5.83 24.03
CA GLU C 185 -12.96 5.79 25.15
C GLU C 185 -11.55 6.02 24.63
N GLU C 186 -10.74 6.71 25.44
CA GLU C 186 -9.41 7.07 24.97
C GLU C 186 -8.54 5.85 24.69
N ASP C 187 -8.73 4.75 25.44
CA ASP C 187 -7.85 3.63 25.21
C ASP C 187 -8.15 2.87 23.91
N LEU C 188 -9.14 3.31 23.12
CA LEU C 188 -9.33 2.77 21.79
C LEU C 188 -8.59 3.56 20.71
N ILE C 189 -8.02 4.73 21.03
CA ILE C 189 -7.56 5.62 19.97
C ILE C 189 -6.29 5.10 19.30
N ASP C 190 -5.40 4.43 20.05
CA ASP C 190 -4.25 3.79 19.41
C ASP C 190 -4.69 2.78 18.35
N ALA C 191 -5.71 1.98 18.62
CA ALA C 191 -6.18 1.01 17.63
C ALA C 191 -6.84 1.71 16.44
N VAL C 192 -7.59 2.79 16.70
CA VAL C 192 -8.19 3.56 15.62
C VAL C 192 -7.10 4.14 14.73
N THR C 193 -6.03 4.61 15.36
CA THR C 193 -4.88 5.11 14.59
C THR C 193 -4.38 4.05 13.60
N GLY C 194 -4.29 2.79 14.04
CA GLY C 194 -3.79 1.75 13.15
C GLY C 194 -4.74 1.39 12.04
N LEU C 195 -6.04 1.65 12.24
CA LEU C 195 -7.06 1.29 11.27
C LEU C 195 -7.42 2.47 10.35
N SER C 196 -8.12 3.48 10.85
CA SER C 196 -8.52 4.58 9.96
C SER C 196 -7.50 5.71 9.91
N GLY C 197 -6.60 5.83 10.89
CA GLY C 197 -5.57 6.85 10.80
C GLY C 197 -4.58 6.54 9.69
N SER C 198 -4.01 5.33 9.74
CA SER C 198 -3.07 4.87 8.73
C SER C 198 -3.77 4.33 7.49
N GLY C 199 -5.07 4.01 7.60
CA GLY C 199 -5.80 3.36 6.55
C GLY C 199 -5.64 3.96 5.17
N PRO C 200 -5.75 5.29 5.04
CA PRO C 200 -5.64 5.85 3.68
C PRO C 200 -4.34 5.47 2.99
N ALA C 201 -3.22 5.39 3.73
CA ALA C 201 -1.98 4.95 3.12
C ALA C 201 -2.06 3.51 2.63
N TYR C 202 -2.74 2.63 3.38
CA TYR C 202 -2.91 1.27 2.90
C TYR C 202 -3.65 1.30 1.56
N ALA C 203 -4.67 2.15 1.50
CA ALA C 203 -5.46 2.26 0.28
C ALA C 203 -4.66 2.83 -0.87
N PHE C 204 -3.83 3.86 -0.62
CA PHE C 204 -3.02 4.42 -1.70
C PHE C 204 -2.02 3.39 -2.23
N THR C 205 -1.40 2.60 -1.34
CA THR C 205 -0.53 1.51 -1.78
C THR C 205 -1.30 0.50 -2.61
N ALA C 206 -2.48 0.11 -2.13
CA ALA C 206 -3.29 -0.87 -2.88
C ALA C 206 -3.67 -0.35 -4.25
N LEU C 207 -3.99 0.94 -4.35
CA LEU C 207 -4.44 1.50 -5.63
C LEU C 207 -3.28 1.58 -6.62
N ASP C 208 -2.09 1.91 -6.13
CA ASP C 208 -0.91 1.92 -6.99
C ASP C 208 -0.66 0.52 -7.56
N ALA C 209 -0.75 -0.49 -6.71
CA ALA C 209 -0.52 -1.89 -7.14
C ALA C 209 -1.61 -2.37 -8.07
N LEU C 210 -2.87 -2.08 -7.76
CA LEU C 210 -3.97 -2.48 -8.65
C LEU C 210 -3.80 -1.85 -10.03
N ALA C 211 -3.37 -0.58 -10.07
CA ALA C 211 -3.13 0.06 -11.36
C ALA C 211 -1.98 -0.60 -12.10
N ASP C 212 -0.90 -0.95 -11.37
CA ASP C 212 0.17 -1.76 -11.95
C ASP C 212 -0.38 -3.06 -12.52
N GLY C 213 -1.30 -3.71 -11.81
CA GLY C 213 -1.93 -4.91 -12.37
C GLY C 213 -2.69 -4.61 -13.66
N GLY C 214 -3.49 -3.54 -13.64
CA GLY C 214 -4.20 -3.14 -14.86
C GLY C 214 -3.26 -2.87 -16.02
N VAL C 215 -2.17 -2.15 -15.76
CA VAL C 215 -1.17 -1.87 -16.79
C VAL C 215 -0.53 -3.17 -17.28
N LYS C 216 -0.22 -4.10 -16.38
CA LYS C 216 0.35 -5.37 -16.84
C LYS C 216 -0.58 -6.05 -17.84
N MET C 217 -1.88 -5.99 -17.61
CA MET C 217 -2.84 -6.68 -18.48
C MET C 217 -3.29 -5.82 -19.66
N GLY C 218 -2.66 -4.67 -19.90
CA GLY C 218 -2.86 -3.93 -21.13
C GLY C 218 -3.57 -2.59 -21.02
N LEU C 219 -3.95 -2.13 -19.80
CA LEU C 219 -4.67 -0.87 -19.64
C LEU C 219 -3.69 0.31 -19.56
N PRO C 220 -4.06 1.45 -20.15
CA PRO C 220 -3.29 2.67 -19.90
C PRO C 220 -3.31 3.01 -18.41
N ARG C 221 -2.20 3.60 -17.94
CA ARG C 221 -2.01 3.87 -16.51
CA ARG C 221 -2.02 3.86 -16.51
C ARG C 221 -3.13 4.74 -15.97
N ARG C 222 -3.42 5.86 -16.64
CA ARG C 222 -4.43 6.79 -16.15
C ARG C 222 -5.79 6.11 -16.00
N LEU C 223 -6.17 5.29 -16.99
CA LEU C 223 -7.45 4.58 -16.90
C LEU C 223 -7.43 3.57 -15.76
N ALA C 224 -6.33 2.82 -15.62
CA ALA C 224 -6.23 1.81 -14.56
C ALA C 224 -6.35 2.45 -13.17
N VAL C 225 -5.73 3.60 -12.99
CA VAL C 225 -5.82 4.31 -11.70
C VAL C 225 -7.27 4.69 -11.41
N ARG C 226 -7.94 5.30 -12.40
CA ARG C 226 -9.33 5.71 -12.26
C ARG C 226 -10.24 4.53 -11.93
N LEU C 227 -10.13 3.44 -12.70
CA LEU C 227 -10.99 2.27 -12.46
C LEU C 227 -10.74 1.66 -11.09
N GLY C 228 -9.48 1.51 -10.70
CA GLY C 228 -9.19 0.97 -9.38
C GLY C 228 -9.72 1.84 -8.26
N ALA C 229 -9.54 3.16 -8.37
CA ALA C 229 -10.05 4.04 -7.31
C ALA C 229 -11.57 4.01 -7.27
N GLN C 230 -12.21 3.99 -8.44
CA GLN C 230 -13.66 3.97 -8.46
C GLN C 230 -14.20 2.66 -7.88
N ALA C 231 -13.51 1.55 -8.16
CA ALA C 231 -13.95 0.27 -7.61
C ALA C 231 -13.86 0.28 -6.10
N LEU C 232 -12.77 0.81 -5.56
CA LEU C 232 -12.58 0.91 -4.12
CA LEU C 232 -12.61 0.87 -4.12
C LEU C 232 -13.65 1.79 -3.49
N LEU C 233 -13.88 2.96 -4.09
CA LEU C 233 -14.88 3.89 -3.56
C LEU C 233 -16.26 3.26 -3.56
N GLY C 234 -16.65 2.64 -4.67
CA GLY C 234 -17.98 2.07 -4.75
C GLY C 234 -18.18 0.90 -3.79
N ALA C 235 -17.17 0.03 -3.66
CA ALA C 235 -17.27 -1.09 -2.72
C ALA C 235 -17.43 -0.59 -1.29
N ALA C 236 -16.60 0.39 -0.91
CA ALA C 236 -16.69 0.96 0.43
C ALA C 236 -18.07 1.56 0.68
N LYS C 237 -18.61 2.30 -0.31
CA LYS C 237 -19.94 2.87 -0.14
C LYS C 237 -21.01 1.78 -0.04
N MET C 238 -20.89 0.70 -0.83
CA MET C 238 -21.84 -0.40 -0.70
C MET C 238 -21.87 -0.93 0.73
N LEU C 239 -20.69 -1.16 1.31
CA LEU C 239 -20.62 -1.69 2.65
C LEU C 239 -21.22 -0.73 3.67
N LEU C 240 -20.87 0.55 3.58
CA LEU C 240 -21.42 1.54 4.49
C LEU C 240 -22.94 1.63 4.41
N HIS C 241 -23.50 1.40 3.22
CA HIS C 241 -24.94 1.50 3.02
C HIS C 241 -25.65 0.15 3.16
N SER C 242 -24.91 -0.92 3.40
CA SER C 242 -25.48 -2.26 3.54
C SER C 242 -25.56 -2.67 5.00
N GLU C 243 -26.53 -3.52 5.31
CA GLU C 243 -26.53 -4.21 6.59
C GLU C 243 -25.74 -5.51 6.55
N GLN C 244 -25.37 -5.98 5.36
CA GLN C 244 -24.81 -7.30 5.19
C GLN C 244 -23.33 -7.33 5.56
N HIS C 245 -22.88 -8.52 5.92
CA HIS C 245 -21.48 -8.75 6.21
C HIS C 245 -20.64 -8.57 4.95
N PRO C 246 -19.41 -8.05 5.08
CA PRO C 246 -18.53 -7.95 3.91
C PRO C 246 -18.30 -9.28 3.19
N GLY C 247 -18.30 -10.40 3.91
CA GLY C 247 -18.20 -11.69 3.24
C GLY C 247 -19.42 -11.98 2.40
N GLN C 248 -20.60 -11.56 2.84
CA GLN C 248 -21.80 -11.75 2.03
C GLN C 248 -21.74 -10.89 0.76
N LEU C 249 -21.23 -9.66 0.86
CA LEU C 249 -21.08 -8.86 -0.35
C LEU C 249 -20.04 -9.48 -1.28
N LYS C 250 -18.98 -10.06 -0.70
CA LYS C 250 -18.01 -10.82 -1.48
C LYS C 250 -18.67 -12.00 -2.19
N ASP C 251 -19.49 -12.77 -1.45
CA ASP C 251 -20.22 -13.88 -2.06
C ASP C 251 -21.12 -13.43 -3.20
N ASN C 252 -21.70 -12.23 -3.11
CA ASN C 252 -22.63 -11.76 -4.15
C ASN C 252 -21.92 -11.40 -5.44
N VAL C 253 -20.64 -11.04 -5.36
CA VAL C 253 -19.89 -10.63 -6.53
C VAL C 253 -19.29 -11.81 -7.30
N SER C 254 -19.11 -12.96 -6.66
CA SER C 254 -18.34 -14.08 -7.24
C SER C 254 -19.27 -15.15 -7.85
N SER C 255 -19.40 -15.13 -9.19
CA SER C 255 -20.05 -16.23 -9.89
C SER C 255 -19.26 -17.53 -9.74
N PRO C 256 -19.94 -18.67 -9.62
CA PRO C 256 -19.22 -19.95 -9.55
C PRO C 256 -18.32 -20.16 -10.77
N GLY C 257 -17.08 -20.56 -10.49
CA GLY C 257 -16.09 -20.82 -11.52
C GLY C 257 -15.55 -19.59 -12.20
N GLY C 258 -15.92 -18.39 -11.74
CA GLY C 258 -15.72 -17.18 -12.50
C GLY C 258 -14.38 -16.50 -12.23
N ALA C 259 -14.21 -15.35 -12.88
CA ALA C 259 -12.96 -14.60 -12.78
C ALA C 259 -12.69 -14.14 -11.36
N THR C 260 -13.72 -13.65 -10.67
CA THR C 260 -13.49 -13.06 -9.36
C THR C 260 -13.04 -14.10 -8.35
N ILE C 261 -13.69 -15.27 -8.32
CA ILE C 261 -13.29 -16.27 -7.34
C ILE C 261 -11.89 -16.80 -7.63
N HIS C 262 -11.47 -16.83 -8.91
CA HIS C 262 -10.09 -17.20 -9.21
C HIS C 262 -9.11 -16.18 -8.63
N ALA C 263 -9.45 -14.88 -8.73
CA ALA C 263 -8.58 -13.84 -8.23
C ALA C 263 -8.54 -13.84 -6.71
N LEU C 264 -9.69 -14.08 -6.07
CA LEU C 264 -9.69 -14.16 -4.61
C LEU C 264 -8.80 -15.29 -4.12
N HIS C 265 -8.77 -16.42 -4.84
CA HIS C 265 -7.89 -17.52 -4.45
C HIS C 265 -6.45 -17.07 -4.42
N VAL C 266 -5.98 -16.34 -5.43
CA VAL C 266 -4.57 -15.97 -5.40
C VAL C 266 -4.30 -14.94 -4.29
N LEU C 267 -5.28 -14.10 -3.94
CA LEU C 267 -5.11 -13.25 -2.76
C LEU C 267 -4.95 -14.10 -1.50
N GLU C 268 -5.82 -15.09 -1.33
CA GLU C 268 -5.76 -15.95 -0.15
C GLU C 268 -4.44 -16.70 -0.09
N SER C 269 -3.94 -17.18 -1.24
CA SER C 269 -2.71 -17.95 -1.22
C SER C 269 -1.51 -17.14 -0.74
N GLY C 270 -1.55 -15.82 -0.91
CA GLY C 270 -0.49 -14.96 -0.42
C GLY C 270 -0.73 -14.43 0.99
N GLY C 271 -1.80 -14.85 1.65
CA GLY C 271 -2.04 -14.35 3.00
C GLY C 271 -2.47 -12.90 3.05
N PHE C 272 -3.19 -12.45 2.02
CA PHE C 272 -3.61 -11.05 1.88
C PHE C 272 -4.30 -10.54 3.15
N ARG C 273 -5.24 -11.32 3.70
CA ARG C 273 -5.94 -10.88 4.90
C ARG C 273 -4.96 -10.65 6.05
N SER C 274 -4.02 -11.58 6.22
CA SER C 274 -3.08 -11.47 7.35
C SER C 274 -2.19 -10.25 7.20
N LEU C 275 -1.87 -9.82 5.97
CA LEU C 275 -1.02 -8.65 5.81
C LEU C 275 -1.73 -7.40 6.31
N LEU C 276 -3.04 -7.29 6.06
CA LEU C 276 -3.80 -6.14 6.55
C LEU C 276 -3.96 -6.18 8.06
N ILE C 277 -4.19 -7.37 8.65
CA ILE C 277 -4.17 -7.47 10.11
C ILE C 277 -2.81 -7.04 10.65
N ASN C 278 -1.73 -7.52 10.03
CA ASN C 278 -0.37 -7.17 10.46
C ASN C 278 -0.18 -5.66 10.46
N ALA C 279 -0.70 -4.98 9.43
CA ALA C 279 -0.52 -3.54 9.30
C ALA C 279 -1.25 -2.79 10.41
N VAL C 280 -2.53 -3.12 10.64
CA VAL C 280 -3.25 -2.43 11.73
C VAL C 280 -2.53 -2.64 13.04
N GLU C 281 -2.08 -3.86 13.29
CA GLU C 281 -1.36 -4.17 14.52
C GLU C 281 -0.08 -3.36 14.62
N ALA C 282 0.71 -3.33 13.52
CA ALA C 282 2.00 -2.63 13.56
C ALA C 282 1.82 -1.14 13.78
N SER C 283 0.81 -0.54 13.13
CA SER C 283 0.57 0.88 13.33
C SER C 283 0.12 1.16 14.76
N CYS C 284 -0.76 0.32 15.30
CA CYS C 284 -1.23 0.51 16.67
C CYS C 284 -0.08 0.40 17.65
N ILE C 285 0.75 -0.62 17.49
CA ILE C 285 1.86 -0.85 18.41
C ILE C 285 2.85 0.31 18.35
N ARG C 286 3.17 0.77 17.13
CA ARG C 286 4.07 1.91 17.02
C ARG C 286 3.48 3.16 17.66
N THR C 287 2.17 3.36 17.50
CA THR C 287 1.52 4.51 18.12
C THR C 287 1.73 4.52 19.63
N ARG C 288 1.59 3.34 20.27
CA ARG C 288 1.81 3.26 21.72
C ARG C 288 3.24 3.65 22.09
N GLU C 289 4.21 3.34 21.22
CA GLU C 289 5.59 3.76 21.44
C GLU C 289 5.79 5.25 21.27
N LEU C 290 4.90 5.94 20.54
CA LEU C 290 5.09 7.36 20.28
C LEU C 290 4.68 8.25 21.46
N GLN C 291 4.13 7.69 22.54
CA GLN C 291 3.81 8.51 23.71
C GLN C 291 5.05 9.27 24.14
N SER C 292 5.04 10.59 23.98
CA SER C 292 6.22 11.40 24.20
C SER C 292 6.40 11.82 25.66
N MET C 293 5.35 12.29 26.32
CA MET C 293 5.44 12.84 27.66
C MET C 293 5.11 11.80 28.72
N ALA C 294 5.30 12.19 29.98
CA ALA C 294 4.87 11.37 31.11
C ALA C 294 3.37 11.56 31.35
N ASP C 295 2.68 10.46 31.57
CA ASP C 295 1.22 10.51 31.78
C ASP C 295 0.85 11.05 33.16
N TYR D 19 -31.44 12.03 -22.89
CA TYR D 19 -32.65 12.81 -23.11
C TYR D 19 -33.81 11.91 -23.53
N PHE D 20 -33.90 10.72 -22.96
CA PHE D 20 -34.90 9.72 -23.37
C PHE D 20 -35.66 9.23 -22.14
N GLN D 21 -36.88 9.73 -21.97
CA GLN D 21 -37.84 9.21 -21.01
C GLN D 21 -38.83 8.25 -21.65
N SER D 22 -38.86 8.18 -22.98
CA SER D 22 -39.67 7.20 -23.70
C SER D 22 -39.05 5.81 -23.68
N MET D 23 -37.78 5.71 -23.29
CA MET D 23 -37.01 4.50 -23.51
C MET D 23 -37.43 3.38 -22.57
N SER D 24 -37.65 2.19 -23.14
CA SER D 24 -37.89 0.98 -22.38
C SER D 24 -36.60 0.18 -22.32
N VAL D 25 -36.33 -0.37 -21.14
CA VAL D 25 -35.12 -1.13 -20.89
C VAL D 25 -35.51 -2.52 -20.42
N GLY D 26 -34.81 -3.52 -20.93
CA GLY D 26 -35.06 -4.89 -20.54
C GLY D 26 -33.80 -5.54 -20.03
N PHE D 27 -33.99 -6.48 -19.11
CA PHE D 27 -32.93 -7.33 -18.59
C PHE D 27 -33.31 -8.77 -18.87
N ILE D 28 -32.50 -9.46 -19.66
CA ILE D 28 -32.54 -10.91 -19.73
C ILE D 28 -31.58 -11.42 -18.66
N GLY D 29 -32.14 -12.02 -17.62
CA GLY D 29 -31.43 -12.27 -16.38
C GLY D 29 -31.94 -11.32 -15.32
N ALA D 30 -32.28 -11.86 -14.15
CA ALA D 30 -32.77 -11.07 -13.02
C ALA D 30 -31.97 -11.38 -11.76
N GLY D 31 -30.64 -11.39 -11.90
CA GLY D 31 -29.74 -11.67 -10.80
C GLY D 31 -29.13 -10.40 -10.22
N GLN D 32 -27.97 -10.57 -9.57
CA GLN D 32 -27.35 -9.48 -8.83
C GLN D 32 -27.12 -8.26 -9.71
N LEU D 33 -26.67 -8.46 -10.95
CA LEU D 33 -26.33 -7.33 -11.81
C LEU D 33 -27.58 -6.62 -12.30
N ALA D 34 -28.61 -7.37 -12.71
CA ALA D 34 -29.85 -6.73 -13.15
C ALA D 34 -30.46 -5.91 -12.03
N PHE D 35 -30.52 -6.47 -10.82
CA PHE D 35 -31.03 -5.70 -9.68
C PHE D 35 -30.20 -4.45 -9.46
N ALA D 36 -28.86 -4.60 -9.42
CA ALA D 36 -28.00 -3.46 -9.11
C ALA D 36 -28.18 -2.32 -10.11
N LEU D 37 -28.26 -2.66 -11.40
CA LEU D 37 -28.45 -1.61 -12.42
C LEU D 37 -29.83 -1.00 -12.34
N ALA D 38 -30.87 -1.84 -12.24
CA ALA D 38 -32.22 -1.33 -12.10
C ALA D 38 -32.37 -0.45 -10.88
N LYS D 39 -31.79 -0.88 -9.74
CA LYS D 39 -31.84 -0.05 -8.55
C LYS D 39 -31.14 1.28 -8.80
N GLY D 40 -29.96 1.23 -9.43
CA GLY D 40 -29.21 2.46 -9.65
C GLY D 40 -29.91 3.40 -10.62
N PHE D 41 -30.40 2.85 -11.73
CA PHE D 41 -31.10 3.66 -12.73
C PHE D 41 -32.32 4.35 -12.12
N THR D 42 -33.12 3.60 -11.36
CA THR D 42 -34.31 4.18 -10.79
C THR D 42 -33.97 5.21 -9.72
N ALA D 43 -32.92 4.96 -8.92
CA ALA D 43 -32.49 5.95 -7.94
C ALA D 43 -31.94 7.19 -8.63
N ALA D 44 -31.29 7.03 -9.80
CA ALA D 44 -30.78 8.17 -10.54
C ALA D 44 -31.88 9.02 -11.14
N GLY D 45 -33.08 8.47 -11.28
CA GLY D 45 -34.18 9.17 -11.92
C GLY D 45 -34.19 9.09 -13.43
N VAL D 46 -33.26 8.35 -14.05
CA VAL D 46 -33.22 8.31 -15.50
C VAL D 46 -34.25 7.34 -16.09
N LEU D 47 -34.73 6.40 -15.29
CA LEU D 47 -35.72 5.42 -15.73
C LEU D 47 -36.78 5.27 -14.65
N ALA D 48 -38.04 5.31 -15.04
CA ALA D 48 -39.11 4.89 -14.14
C ALA D 48 -39.15 3.36 -14.12
N ALA D 49 -39.35 2.80 -12.92
CA ALA D 49 -39.30 1.36 -12.74
C ALA D 49 -40.29 0.61 -13.65
N HIS D 50 -41.42 1.23 -13.98
CA HIS D 50 -42.39 0.53 -14.84
C HIS D 50 -41.92 0.46 -16.29
N LYS D 51 -40.92 1.26 -16.67
CA LYS D 51 -40.32 1.18 -18.00
C LYS D 51 -39.25 0.11 -18.08
N ILE D 52 -39.11 -0.70 -17.02
CA ILE D 52 -38.08 -1.74 -16.93
C ILE D 52 -38.78 -3.09 -16.82
N MET D 53 -38.36 -4.04 -17.64
CA MET D 53 -38.83 -5.42 -17.57
C MET D 53 -37.64 -6.35 -17.40
N ALA D 54 -37.82 -7.42 -16.63
CA ALA D 54 -36.75 -8.37 -16.40
C ALA D 54 -37.31 -9.78 -16.47
N SER D 55 -36.53 -10.68 -17.08
CA SER D 55 -36.92 -12.07 -17.20
C SER D 55 -35.88 -12.98 -16.57
N SER D 56 -36.35 -14.07 -15.99
CA SER D 56 -35.49 -15.01 -15.30
C SER D 56 -36.11 -16.39 -15.42
N PRO D 57 -35.30 -17.44 -15.62
CA PRO D 57 -35.84 -18.81 -15.59
C PRO D 57 -36.17 -19.29 -14.19
N ASP D 58 -35.97 -18.45 -13.17
CA ASP D 58 -36.22 -18.82 -11.78
C ASP D 58 -36.82 -17.59 -11.10
N MET D 59 -38.15 -17.57 -10.98
CA MET D 59 -38.86 -16.48 -10.34
C MET D 59 -38.80 -16.55 -8.81
N ASP D 60 -37.88 -17.33 -8.24
CA ASP D 60 -37.76 -17.48 -6.80
C ASP D 60 -36.56 -16.73 -6.21
N LEU D 61 -35.70 -16.17 -7.04
CA LEU D 61 -34.52 -15.47 -6.54
C LEU D 61 -34.93 -14.28 -5.69
N ALA D 62 -34.17 -14.03 -4.61
CA ALA D 62 -34.40 -12.84 -3.81
C ALA D 62 -34.24 -11.57 -4.63
N THR D 63 -33.39 -11.62 -5.67
CA THR D 63 -33.28 -10.51 -6.59
C THR D 63 -34.56 -10.27 -7.36
N VAL D 64 -35.28 -11.34 -7.69
CA VAL D 64 -36.56 -11.22 -8.39
C VAL D 64 -37.60 -10.61 -7.45
N SER D 65 -37.61 -11.04 -6.18
CA SER D 65 -38.59 -10.51 -5.24
C SER D 65 -38.36 -9.05 -4.93
N ALA D 66 -37.11 -8.57 -5.05
CA ALA D 66 -36.83 -7.17 -4.79
C ALA D 66 -37.15 -6.30 -6.01
N LEU D 67 -36.86 -6.80 -7.21
CA LEU D 67 -37.27 -6.08 -8.41
C LEU D 67 -38.77 -5.87 -8.43
N ARG D 68 -39.53 -6.87 -7.98
CA ARG D 68 -40.98 -6.79 -7.94
C ARG D 68 -41.45 -5.62 -7.06
N LYS D 69 -40.90 -5.52 -5.85
CA LYS D 69 -41.29 -4.44 -4.95
C LYS D 69 -40.77 -3.08 -5.40
N MET D 70 -39.74 -3.07 -6.25
CA MET D 70 -39.24 -1.85 -6.87
C MET D 70 -40.19 -1.32 -7.95
N GLY D 71 -41.11 -2.14 -8.44
CA GLY D 71 -42.00 -1.74 -9.52
C GLY D 71 -41.59 -2.22 -10.89
N VAL D 72 -40.50 -3.00 -10.98
CA VAL D 72 -40.07 -3.55 -12.25
C VAL D 72 -41.04 -4.64 -12.70
N LYS D 73 -41.30 -4.70 -14.01
CA LYS D 73 -42.15 -5.75 -14.56
C LYS D 73 -41.33 -7.03 -14.70
N LEU D 74 -41.88 -8.14 -14.20
CA LEU D 74 -41.18 -9.42 -14.22
C LEU D 74 -41.96 -10.43 -15.04
N THR D 75 -41.22 -11.22 -15.81
CA THR D 75 -41.83 -12.21 -16.68
C THR D 75 -40.88 -13.39 -16.81
N PRO D 76 -41.40 -14.61 -16.97
CA PRO D 76 -40.53 -15.76 -17.23
C PRO D 76 -40.12 -15.90 -18.69
N HIS D 77 -40.64 -15.05 -19.58
CA HIS D 77 -40.46 -15.21 -21.02
C HIS D 77 -39.44 -14.18 -21.52
N ASN D 78 -38.27 -14.66 -21.93
CA ASN D 78 -37.29 -13.78 -22.54
C ASN D 78 -37.85 -13.08 -23.77
N LYS D 79 -38.71 -13.76 -24.53
CA LYS D 79 -39.35 -13.15 -25.70
C LYS D 79 -40.09 -11.88 -25.31
N GLU D 80 -40.88 -11.95 -24.24
CA GLU D 80 -41.66 -10.79 -23.79
C GLU D 80 -40.76 -9.62 -23.40
N THR D 81 -39.66 -9.91 -22.69
CA THR D 81 -38.67 -8.87 -22.40
C THR D 81 -38.18 -8.19 -23.66
N VAL D 82 -37.88 -8.98 -24.70
CA VAL D 82 -37.39 -8.40 -25.95
C VAL D 82 -38.43 -7.48 -26.58
N GLN D 83 -39.69 -7.91 -26.61
CA GLN D 83 -40.73 -7.10 -27.23
C GLN D 83 -40.99 -5.82 -26.44
N HIS D 84 -40.79 -5.86 -25.13
CA HIS D 84 -40.98 -4.70 -24.28
C HIS D 84 -39.88 -3.65 -24.47
N SER D 85 -38.68 -4.07 -24.83
CA SER D 85 -37.50 -3.25 -24.60
C SER D 85 -37.02 -2.55 -25.88
N ASP D 86 -36.38 -1.39 -25.69
CA ASP D 86 -35.55 -0.77 -26.70
C ASP D 86 -34.07 -1.07 -26.44
N VAL D 87 -33.61 -0.82 -25.23
CA VAL D 87 -32.29 -1.24 -24.79
C VAL D 87 -32.45 -2.56 -24.05
N LEU D 88 -31.68 -3.56 -24.48
CA LEU D 88 -31.77 -4.92 -23.95
C LEU D 88 -30.43 -5.29 -23.33
N PHE D 89 -30.41 -5.40 -21.99
CA PHE D 89 -29.21 -5.85 -21.28
C PHE D 89 -29.20 -7.36 -21.18
N LEU D 90 -28.09 -7.97 -21.56
CA LEU D 90 -27.89 -9.40 -21.37
C LEU D 90 -27.09 -9.56 -20.09
N ALA D 91 -27.78 -9.87 -19.00
CA ALA D 91 -27.17 -9.93 -17.68
C ALA D 91 -27.14 -11.36 -17.15
N VAL D 92 -26.74 -12.30 -18.00
CA VAL D 92 -26.69 -13.71 -17.66
C VAL D 92 -25.23 -14.15 -17.65
N LYS D 93 -25.00 -15.37 -17.17
CA LYS D 93 -23.65 -15.93 -17.17
C LYS D 93 -23.12 -16.04 -18.60
N PRO D 94 -21.80 -15.95 -18.77
CA PRO D 94 -21.21 -16.04 -20.13
C PRO D 94 -21.63 -17.26 -20.94
N HIS D 95 -21.64 -18.45 -20.33
CA HIS D 95 -21.99 -19.65 -21.09
C HIS D 95 -23.48 -19.73 -21.39
N ILE D 96 -24.30 -18.89 -20.77
CA ILE D 96 -25.72 -18.83 -21.07
C ILE D 96 -26.01 -17.92 -22.28
N ILE D 97 -25.12 -16.96 -22.58
CA ILE D 97 -25.36 -16.04 -23.69
C ILE D 97 -25.73 -16.76 -24.99
N PRO D 98 -24.99 -17.78 -25.45
CA PRO D 98 -25.37 -18.41 -26.73
C PRO D 98 -26.76 -18.99 -26.75
N PHE D 99 -27.27 -19.45 -25.61
CA PHE D 99 -28.63 -19.98 -25.58
C PHE D 99 -29.65 -18.86 -25.67
N ILE D 100 -29.38 -17.76 -24.98
CA ILE D 100 -30.23 -16.58 -25.11
C ILE D 100 -30.27 -16.13 -26.56
N LEU D 101 -29.10 -16.03 -27.20
CA LEU D 101 -29.04 -15.49 -28.55
C LEU D 101 -29.82 -16.37 -29.53
N ASP D 102 -29.69 -17.69 -29.40
CA ASP D 102 -30.50 -18.58 -30.24
C ASP D 102 -31.98 -18.44 -29.93
N GLU D 103 -32.33 -18.17 -28.67
CA GLU D 103 -33.74 -18.13 -28.28
C GLU D 103 -34.44 -16.89 -28.83
N ILE D 104 -33.81 -15.73 -28.72
CA ILE D 104 -34.48 -14.47 -29.05
C ILE D 104 -33.93 -13.81 -30.30
N GLY D 105 -32.98 -14.46 -31.00
CA GLY D 105 -32.39 -13.83 -32.17
C GLY D 105 -33.43 -13.40 -33.20
N ALA D 106 -34.46 -14.20 -33.40
CA ALA D 106 -35.44 -13.87 -34.43
C ALA D 106 -36.34 -12.72 -34.01
N ASP D 107 -36.35 -12.39 -32.73
CA ASP D 107 -37.17 -11.33 -32.19
C ASP D 107 -36.46 -9.98 -32.14
N ILE D 108 -35.17 -9.94 -32.42
CA ILE D 108 -34.45 -8.68 -32.47
C ILE D 108 -34.96 -7.85 -33.64
N GLU D 109 -35.31 -6.60 -33.36
CA GLU D 109 -35.80 -5.66 -34.36
C GLU D 109 -34.74 -4.58 -34.60
N ASP D 110 -35.03 -3.69 -35.55
CA ASP D 110 -34.06 -2.65 -35.87
C ASP D 110 -33.87 -1.66 -34.73
N ARG D 111 -34.93 -1.40 -33.96
CA ARG D 111 -34.86 -0.45 -32.85
C ARG D 111 -33.99 -0.94 -31.70
N HIS D 112 -33.57 -2.19 -31.69
CA HIS D 112 -32.95 -2.76 -30.50
C HIS D 112 -31.47 -2.41 -30.41
N ILE D 113 -31.04 -2.07 -29.19
CA ILE D 113 -29.64 -2.03 -28.82
C ILE D 113 -29.42 -3.17 -27.83
N VAL D 114 -28.56 -4.11 -28.19
CA VAL D 114 -28.30 -5.29 -27.38
C VAL D 114 -27.00 -5.04 -26.62
N VAL D 115 -27.09 -4.97 -25.29
CA VAL D 115 -25.96 -4.63 -24.45
C VAL D 115 -25.59 -5.88 -23.66
N SER D 116 -24.49 -6.51 -24.03
CA SER D 116 -24.01 -7.69 -23.32
C SER D 116 -23.14 -7.25 -22.14
N CYS D 117 -23.43 -7.78 -20.96
CA CYS D 117 -22.67 -7.49 -19.75
C CYS D 117 -21.80 -8.66 -19.33
N ALA D 118 -21.93 -9.80 -19.99
CA ALA D 118 -21.21 -11.01 -19.62
C ALA D 118 -19.71 -10.85 -19.78
N ALA D 119 -18.96 -11.32 -18.79
CA ALA D 119 -17.51 -11.30 -18.86
C ALA D 119 -17.03 -12.15 -20.03
N GLY D 120 -16.05 -11.61 -20.76
CA GLY D 120 -15.30 -12.38 -21.73
C GLY D 120 -15.97 -12.58 -23.09
N VAL D 121 -17.27 -12.36 -23.20
CA VAL D 121 -17.98 -12.70 -24.44
C VAL D 121 -17.81 -11.56 -25.44
N THR D 122 -17.29 -11.88 -26.62
CA THR D 122 -16.87 -10.87 -27.58
C THR D 122 -18.05 -10.35 -28.41
N ILE D 123 -17.91 -9.10 -28.86
CA ILE D 123 -18.91 -8.52 -29.76
C ILE D 123 -19.07 -9.36 -31.00
N SER D 124 -17.96 -9.81 -31.58
CA SER D 124 -18.08 -10.52 -32.85
C SER D 124 -18.82 -11.84 -32.67
N SER D 125 -18.62 -12.51 -31.52
CA SER D 125 -19.37 -13.74 -31.27
C SER D 125 -20.87 -13.47 -31.16
N ILE D 126 -21.25 -12.35 -30.55
CA ILE D 126 -22.66 -12.00 -30.42
C ILE D 126 -23.24 -11.61 -31.77
N GLU D 127 -22.52 -10.77 -32.53
CA GLU D 127 -22.99 -10.35 -33.84
C GLU D 127 -23.13 -11.53 -34.78
N LYS D 128 -22.20 -12.48 -34.71
CA LYS D 128 -22.27 -13.67 -35.56
C LYS D 128 -23.57 -14.43 -35.33
N LYS D 129 -23.96 -14.63 -34.07
CA LYS D 129 -25.21 -15.32 -33.76
C LYS D 129 -26.42 -14.52 -34.23
N LEU D 130 -26.50 -13.24 -33.86
CA LEU D 130 -27.69 -12.46 -34.19
C LEU D 130 -27.81 -12.19 -35.69
N SER D 131 -26.68 -12.04 -36.39
CA SER D 131 -26.71 -11.78 -37.82
C SER D 131 -27.34 -12.91 -38.62
N ALA D 132 -27.39 -14.12 -38.05
CA ALA D 132 -28.08 -15.22 -38.71
C ALA D 132 -29.57 -14.96 -38.86
N PHE D 133 -30.12 -14.02 -38.10
CA PHE D 133 -31.54 -13.70 -38.15
C PHE D 133 -31.81 -12.41 -38.92
N ARG D 134 -31.30 -11.27 -38.44
CA ARG D 134 -31.31 -9.97 -39.09
C ARG D 134 -29.88 -9.46 -39.23
N PRO D 135 -29.54 -8.84 -40.36
CA PRO D 135 -28.11 -8.70 -40.73
C PRO D 135 -27.31 -7.66 -39.94
N ALA D 136 -27.92 -6.63 -39.36
CA ALA D 136 -27.16 -5.52 -38.77
C ALA D 136 -27.53 -5.29 -37.31
N PRO D 137 -27.32 -6.28 -36.43
CA PRO D 137 -27.65 -6.06 -35.02
C PRO D 137 -26.77 -5.00 -34.40
N ARG D 138 -27.37 -4.14 -33.57
CA ARG D 138 -26.69 -3.07 -32.85
C ARG D 138 -26.27 -3.62 -31.50
N VAL D 139 -24.97 -3.87 -31.32
CA VAL D 139 -24.45 -4.58 -30.16
C VAL D 139 -23.47 -3.67 -29.44
N ILE D 140 -23.61 -3.60 -28.12
CA ILE D 140 -22.63 -2.93 -27.26
C ILE D 140 -22.19 -3.94 -26.21
N ARG D 141 -20.88 -3.96 -25.92
CA ARG D 141 -20.35 -4.80 -24.87
C ARG D 141 -19.93 -3.92 -23.71
N CYS D 142 -20.30 -4.32 -22.50
CA CYS D 142 -19.90 -3.51 -21.37
C CYS D 142 -19.38 -4.41 -20.24
N MET D 143 -18.62 -3.79 -19.36
CA MET D 143 -18.18 -4.40 -18.11
C MET D 143 -18.46 -3.38 -17.02
N THR D 144 -19.36 -3.71 -16.10
CA THR D 144 -19.68 -2.79 -15.01
C THR D 144 -19.46 -3.56 -13.71
N ASN D 145 -19.96 -3.05 -12.59
CA ASN D 145 -19.75 -3.76 -11.33
C ASN D 145 -20.92 -3.47 -10.39
N THR D 146 -20.95 -4.17 -9.25
CA THR D 146 -22.11 -4.11 -8.37
CA THR D 146 -22.14 -4.10 -8.41
C THR D 146 -22.33 -2.74 -7.75
N PRO D 147 -21.27 -1.92 -7.48
CA PRO D 147 -21.54 -0.61 -6.87
C PRO D 147 -22.40 0.36 -7.71
N VAL D 148 -22.84 -0.03 -8.91
CA VAL D 148 -23.89 0.77 -9.55
C VAL D 148 -25.13 0.85 -8.65
N VAL D 149 -25.29 -0.11 -7.72
CA VAL D 149 -26.47 -0.13 -6.87
C VAL D 149 -26.49 1.07 -5.92
N VAL D 150 -25.34 1.69 -5.63
CA VAL D 150 -25.25 2.95 -4.90
C VAL D 150 -24.71 4.06 -5.79
N ARG D 151 -24.84 3.90 -7.12
CA ARG D 151 -24.53 4.93 -8.12
C ARG D 151 -23.05 5.34 -8.07
N GLU D 152 -22.17 4.39 -7.75
CA GLU D 152 -20.73 4.57 -7.79
C GLU D 152 -20.07 3.43 -8.52
N GLY D 153 -20.72 2.94 -9.58
CA GLY D 153 -20.13 1.90 -10.38
C GLY D 153 -18.95 2.41 -11.19
N ALA D 154 -18.27 1.44 -11.81
CA ALA D 154 -17.19 1.72 -12.75
C ALA D 154 -17.51 0.91 -14.00
N THR D 155 -17.85 1.59 -15.09
CA THR D 155 -18.33 0.93 -16.30
C THR D 155 -17.49 1.33 -17.50
N VAL D 156 -17.11 0.35 -18.33
CA VAL D 156 -16.60 0.64 -19.65
C VAL D 156 -17.49 -0.05 -20.68
N TYR D 157 -17.44 0.45 -21.90
CA TYR D 157 -18.21 -0.16 -22.99
C TYR D 157 -17.44 -0.02 -24.29
N ALA D 158 -17.71 -0.95 -25.22
CA ALA D 158 -17.21 -0.86 -26.59
C ALA D 158 -18.39 -1.04 -27.54
N THR D 159 -18.38 -0.29 -28.64
CA THR D 159 -19.50 -0.32 -29.59
C THR D 159 -19.21 -1.32 -30.71
N GLY D 160 -20.25 -2.02 -31.15
CA GLY D 160 -20.12 -3.04 -32.17
C GLY D 160 -20.09 -2.48 -33.57
N THR D 161 -20.06 -3.40 -34.55
CA THR D 161 -19.90 -3.03 -35.95
C THR D 161 -21.02 -2.13 -36.43
N HIS D 162 -22.26 -2.42 -36.02
CA HIS D 162 -23.43 -1.75 -36.55
C HIS D 162 -24.05 -0.78 -35.55
N ALA D 163 -23.42 -0.61 -34.39
CA ALA D 163 -23.81 0.45 -33.48
C ALA D 163 -23.82 1.78 -34.22
N GLN D 164 -24.92 2.52 -34.08
CA GLN D 164 -24.96 3.88 -34.59
C GLN D 164 -24.21 4.80 -33.64
N VAL D 165 -23.77 5.95 -34.16
CA VAL D 165 -22.94 6.83 -33.34
C VAL D 165 -23.69 7.32 -32.11
N GLU D 166 -25.01 7.51 -32.22
CA GLU D 166 -25.81 7.89 -31.07
C GLU D 166 -25.97 6.74 -30.07
N ASP D 167 -25.73 5.49 -30.49
CA ASP D 167 -25.89 4.36 -29.59
C ASP D 167 -24.88 4.40 -28.45
N GLY D 168 -23.62 4.73 -28.77
CA GLY D 168 -22.62 4.85 -27.73
C GLY D 168 -22.86 6.05 -26.82
N ARG D 169 -23.27 7.17 -27.41
CA ARG D 169 -23.59 8.34 -26.60
C ARG D 169 -24.73 8.04 -25.64
N LEU D 170 -25.76 7.34 -26.13
CA LEU D 170 -26.89 6.96 -25.28
C LEU D 170 -26.46 6.04 -24.15
N MET D 171 -25.63 5.05 -24.49
CA MET D 171 -25.12 4.10 -23.50
CA MET D 171 -25.20 4.12 -23.46
C MET D 171 -24.34 4.81 -22.41
N GLU D 172 -23.45 5.73 -22.82
CA GLU D 172 -22.65 6.45 -21.84
C GLU D 172 -23.52 7.36 -20.98
N GLN D 173 -24.53 8.00 -21.56
CA GLN D 173 -25.42 8.83 -20.77
C GLN D 173 -26.15 7.99 -19.72
N LEU D 174 -26.64 6.82 -20.12
CA LEU D 174 -27.36 5.94 -19.20
C LEU D 174 -26.45 5.41 -18.08
N LEU D 175 -25.28 4.90 -18.45
CA LEU D 175 -24.41 4.29 -17.46
C LEU D 175 -23.67 5.32 -16.60
N SER D 176 -23.48 6.54 -17.10
CA SER D 176 -22.88 7.58 -16.27
C SER D 176 -23.79 7.98 -15.12
N SER D 177 -25.09 7.72 -15.23
CA SER D 177 -25.97 8.08 -14.13
C SER D 177 -25.77 7.21 -12.91
N VAL D 178 -25.07 6.07 -13.05
CA VAL D 178 -24.87 5.15 -11.93
C VAL D 178 -23.39 4.98 -11.60
N GLY D 179 -22.52 5.83 -12.12
CA GLY D 179 -21.12 5.75 -11.78
C GLY D 179 -20.25 6.28 -12.91
N PHE D 180 -18.96 5.99 -12.81
CA PHE D 180 -18.02 6.31 -13.88
C PHE D 180 -18.34 5.47 -15.11
N CYS D 181 -18.22 6.09 -16.29
CA CYS D 181 -18.46 5.38 -17.54
C CYS D 181 -17.60 5.97 -18.64
N THR D 182 -16.90 5.12 -19.38
CA THR D 182 -16.17 5.61 -20.54
C THR D 182 -16.11 4.53 -21.60
N GLU D 183 -15.94 4.97 -22.85
CA GLU D 183 -15.78 4.05 -23.96
C GLU D 183 -14.34 3.55 -24.01
N VAL D 184 -14.16 2.27 -24.35
CA VAL D 184 -12.83 1.71 -24.57
C VAL D 184 -12.86 0.89 -25.84
N GLU D 185 -11.67 0.68 -26.41
CA GLU D 185 -11.48 -0.39 -27.37
C GLU D 185 -11.83 -1.72 -26.72
N GLU D 186 -12.47 -2.61 -27.49
CA GLU D 186 -12.92 -3.87 -26.90
C GLU D 186 -11.77 -4.67 -26.31
N ASP D 187 -10.57 -4.58 -26.88
CA ASP D 187 -9.51 -5.44 -26.38
C ASP D 187 -9.00 -5.03 -24.99
N LEU D 188 -9.55 -3.97 -24.38
CA LEU D 188 -9.22 -3.63 -23.01
C LEU D 188 -10.20 -4.24 -22.00
N ILE D 189 -11.31 -4.83 -22.45
CA ILE D 189 -12.38 -5.11 -21.50
C ILE D 189 -12.05 -6.30 -20.60
N ASP D 190 -11.31 -7.29 -21.11
CA ASP D 190 -10.89 -8.39 -20.24
C ASP D 190 -10.03 -7.87 -19.08
N ALA D 191 -9.10 -6.96 -19.36
CA ALA D 191 -8.30 -6.36 -18.29
C ALA D 191 -9.17 -5.55 -17.33
N VAL D 192 -10.12 -4.77 -17.86
CA VAL D 192 -11.00 -4.00 -16.99
C VAL D 192 -11.75 -4.95 -16.07
N THR D 193 -12.15 -6.10 -16.59
CA THR D 193 -12.85 -7.10 -15.79
C THR D 193 -12.02 -7.51 -14.58
N GLY D 194 -10.72 -7.72 -14.77
CA GLY D 194 -9.85 -8.09 -13.65
C GLY D 194 -9.62 -6.99 -12.65
N LEU D 195 -9.79 -5.73 -13.07
CA LEU D 195 -9.52 -4.59 -12.23
C LEU D 195 -10.79 -4.06 -11.57
N SER D 196 -11.68 -3.38 -12.31
CA SER D 196 -12.89 -2.84 -11.69
C SER D 196 -14.05 -3.82 -11.63
N GLY D 197 -14.08 -4.84 -12.49
CA GLY D 197 -15.15 -5.82 -12.39
C GLY D 197 -15.05 -6.65 -11.12
N SER D 198 -13.88 -7.24 -10.91
CA SER D 198 -13.62 -8.03 -9.71
C SER D 198 -13.20 -7.17 -8.53
N GLY D 199 -12.81 -5.92 -8.80
CA GLY D 199 -12.28 -5.04 -7.78
C GLY D 199 -13.07 -4.96 -6.49
N PRO D 200 -14.39 -4.79 -6.57
CA PRO D 200 -15.16 -4.69 -5.31
C PRO D 200 -14.96 -5.88 -4.39
N ALA D 201 -14.80 -7.09 -4.94
CA ALA D 201 -14.56 -8.27 -4.11
C ALA D 201 -13.21 -8.18 -3.41
N TYR D 202 -12.18 -7.67 -4.11
CA TYR D 202 -10.90 -7.43 -3.42
C TYR D 202 -11.10 -6.48 -2.24
N ALA D 203 -11.91 -5.45 -2.43
CA ALA D 203 -12.13 -4.46 -1.37
C ALA D 203 -12.91 -5.04 -0.21
N PHE D 204 -13.94 -5.85 -0.49
CA PHE D 204 -14.69 -6.48 0.59
C PHE D 204 -13.79 -7.41 1.42
N THR D 205 -12.92 -8.18 0.75
CA THR D 205 -11.94 -8.99 1.46
C THR D 205 -11.04 -8.12 2.33
N ALA D 206 -10.50 -7.04 1.76
CA ALA D 206 -9.61 -6.16 2.51
C ALA D 206 -10.32 -5.56 3.71
N LEU D 207 -11.60 -5.20 3.56
CA LEU D 207 -12.33 -4.54 4.64
C LEU D 207 -12.63 -5.52 5.76
N ASP D 208 -12.96 -6.76 5.42
CA ASP D 208 -13.11 -7.81 6.43
C ASP D 208 -11.81 -8.01 7.21
N ALA D 209 -10.68 -8.06 6.51
CA ALA D 209 -9.39 -8.24 7.17
C ALA D 209 -9.01 -7.05 8.02
N LEU D 210 -9.19 -5.83 7.50
CA LEU D 210 -8.89 -4.63 8.27
C LEU D 210 -9.71 -4.60 9.55
N ALA D 211 -10.98 -4.98 9.46
CA ALA D 211 -11.83 -5.02 10.65
C ALA D 211 -11.34 -6.06 11.65
N ASP D 212 -10.91 -7.26 11.16
CA ASP D 212 -10.26 -8.23 12.05
C ASP D 212 -9.05 -7.62 12.74
N GLY D 213 -8.26 -6.82 12.02
CA GLY D 213 -7.13 -6.14 12.64
C GLY D 213 -7.56 -5.16 13.72
N GLY D 214 -8.60 -4.37 13.43
CA GLY D 214 -9.13 -3.46 14.44
C GLY D 214 -9.64 -4.20 15.66
N VAL D 215 -10.33 -5.32 15.44
CA VAL D 215 -10.83 -6.12 16.56
C VAL D 215 -9.69 -6.72 17.36
N LYS D 216 -8.64 -7.21 16.68
CA LYS D 216 -7.48 -7.74 17.40
C LYS D 216 -6.91 -6.70 18.36
N MET D 217 -6.85 -5.44 17.93
CA MET D 217 -6.24 -4.38 18.72
C MET D 217 -7.23 -3.71 19.66
N GLY D 218 -8.45 -4.25 19.79
CA GLY D 218 -9.35 -3.87 20.86
C GLY D 218 -10.61 -3.14 20.43
N LEU D 219 -10.85 -2.97 19.13
CA LEU D 219 -12.04 -2.23 18.71
C LEU D 219 -13.25 -3.15 18.63
N PRO D 220 -14.42 -2.65 18.99
CA PRO D 220 -15.67 -3.36 18.65
C PRO D 220 -15.76 -3.61 17.15
N ARG D 221 -16.35 -4.76 16.79
CA ARG D 221 -16.45 -5.14 15.39
CA ARG D 221 -16.43 -5.13 15.39
C ARG D 221 -17.18 -4.09 14.57
N ARG D 222 -18.34 -3.65 15.06
CA ARG D 222 -19.13 -2.70 14.27
C ARG D 222 -18.36 -1.42 13.99
N LEU D 223 -17.64 -0.91 15.01
CA LEU D 223 -16.85 0.29 14.82
C LEU D 223 -15.70 0.04 13.84
N ALA D 224 -15.03 -1.10 13.97
CA ALA D 224 -13.89 -1.40 13.09
C ALA D 224 -14.33 -1.45 11.62
N VAL D 225 -15.50 -2.04 11.34
CA VAL D 225 -15.99 -2.11 9.96
C VAL D 225 -16.26 -0.72 9.41
N ARG D 226 -16.98 0.10 10.18
CA ARG D 226 -17.31 1.47 9.80
C ARG D 226 -16.05 2.27 9.52
N LEU D 227 -15.09 2.23 10.46
CA LEU D 227 -13.86 3.00 10.30
C LEU D 227 -13.06 2.55 9.08
N GLY D 228 -12.95 1.24 8.87
CA GLY D 228 -12.16 0.76 7.76
C GLY D 228 -12.81 1.10 6.43
N ALA D 229 -14.12 0.96 6.35
CA ALA D 229 -14.83 1.30 5.12
C ALA D 229 -14.77 2.81 4.87
N GLN D 230 -14.88 3.62 5.93
CA GLN D 230 -14.77 5.06 5.73
C GLN D 230 -13.36 5.45 5.29
N ALA D 231 -12.33 4.80 5.85
CA ALA D 231 -10.95 5.06 5.43
C ALA D 231 -10.75 4.78 3.94
N LEU D 232 -11.25 3.62 3.49
CA LEU D 232 -11.11 3.23 2.09
CA LEU D 232 -11.07 3.26 2.08
C LEU D 232 -11.86 4.19 1.16
N LEU D 233 -13.10 4.52 1.53
CA LEU D 233 -13.90 5.46 0.74
C LEU D 233 -13.21 6.82 0.63
N GLY D 234 -12.75 7.36 1.76
CA GLY D 234 -12.14 8.68 1.72
C GLY D 234 -10.85 8.71 0.94
N ALA D 235 -10.02 7.69 1.09
CA ALA D 235 -8.77 7.61 0.34
C ALA D 235 -9.04 7.55 -1.16
N ALA D 236 -10.00 6.71 -1.56
CA ALA D 236 -10.36 6.59 -2.97
C ALA D 236 -10.85 7.92 -3.52
N LYS D 237 -11.71 8.62 -2.76
CA LYS D 237 -12.18 9.93 -3.20
C LYS D 237 -11.05 10.94 -3.27
N MET D 238 -10.13 10.93 -2.29
CA MET D 238 -8.97 11.82 -2.35
C MET D 238 -8.22 11.65 -3.66
N LEU D 239 -7.93 10.41 -4.05
CA LEU D 239 -7.20 10.15 -5.29
C LEU D 239 -8.02 10.59 -6.49
N LEU D 240 -9.32 10.29 -6.51
CA LEU D 240 -10.15 10.67 -7.66
C LEU D 240 -10.22 12.17 -7.83
N HIS D 241 -10.08 12.94 -6.75
CA HIS D 241 -10.16 14.39 -6.79
C HIS D 241 -8.81 15.07 -6.81
N SER D 242 -7.72 14.30 -6.84
CA SER D 242 -6.36 14.82 -6.78
C SER D 242 -5.70 14.68 -8.16
N GLU D 243 -4.78 15.58 -8.45
CA GLU D 243 -3.93 15.40 -9.62
C GLU D 243 -2.66 14.62 -9.31
N GLN D 244 -2.53 14.09 -8.10
CA GLN D 244 -1.26 13.56 -7.63
C GLN D 244 -1.21 12.05 -7.77
N HIS D 245 0.00 11.55 -7.90
CA HIS D 245 0.24 10.13 -7.98
C HIS D 245 -0.17 9.46 -6.67
N PRO D 246 -0.74 8.25 -6.69
CA PRO D 246 -1.04 7.58 -5.42
C PRO D 246 0.18 7.42 -4.50
N GLY D 247 1.38 7.30 -5.06
CA GLY D 247 2.56 7.26 -4.21
C GLY D 247 2.83 8.57 -3.51
N GLN D 248 2.51 9.69 -4.17
CA GLN D 248 2.65 11.00 -3.54
C GLN D 248 1.69 11.17 -2.37
N LEU D 249 0.44 10.74 -2.54
CA LEU D 249 -0.51 10.82 -1.43
C LEU D 249 -0.07 9.91 -0.30
N LYS D 250 0.45 8.73 -0.63
CA LYS D 250 1.08 7.88 0.38
C LYS D 250 2.17 8.63 1.13
N ASP D 251 3.08 9.29 0.39
CA ASP D 251 4.15 10.06 1.03
C ASP D 251 3.59 11.12 1.97
N ASN D 252 2.51 11.80 1.55
CA ASN D 252 1.93 12.88 2.37
C ASN D 252 1.34 12.36 3.67
N VAL D 253 0.88 11.10 3.71
CA VAL D 253 0.28 10.51 4.91
C VAL D 253 1.34 10.15 5.96
N SER D 254 2.55 9.76 5.54
CA SER D 254 3.50 9.05 6.42
C SER D 254 4.52 10.02 7.06
N SER D 255 4.28 10.38 8.32
CA SER D 255 5.28 11.12 9.08
C SER D 255 6.54 10.27 9.31
N PRO D 256 7.72 10.88 9.32
CA PRO D 256 8.95 10.13 9.58
C PRO D 256 8.92 9.45 10.94
N GLY D 257 9.33 8.19 10.96
CA GLY D 257 9.33 7.39 12.16
C GLY D 257 7.97 6.97 12.67
N GLY D 258 6.88 7.35 11.99
CA GLY D 258 5.55 7.24 12.54
C GLY D 258 4.88 5.88 12.38
N ALA D 259 3.62 5.84 12.80
CA ALA D 259 2.88 4.58 12.83
C ALA D 259 2.61 4.07 11.41
N THR D 260 2.25 4.97 10.51
CA THR D 260 1.87 4.57 9.16
C THR D 260 3.05 3.94 8.42
N ILE D 261 4.22 4.58 8.46
CA ILE D 261 5.34 4.03 7.71
C ILE D 261 5.78 2.69 8.27
N HIS D 262 5.63 2.47 9.60
CA HIS D 262 5.87 1.14 10.16
C HIS D 262 4.90 0.11 9.58
N ALA D 263 3.62 0.48 9.47
CA ALA D 263 2.64 -0.45 8.92
C ALA D 263 2.86 -0.70 7.43
N LEU D 264 3.26 0.32 6.68
CA LEU D 264 3.58 0.12 5.26
C LEU D 264 4.73 -0.85 5.08
N HIS D 265 5.73 -0.80 5.98
CA HIS D 265 6.82 -1.76 5.91
C HIS D 265 6.30 -3.18 6.03
N VAL D 266 5.40 -3.46 6.99
CA VAL D 266 4.98 -4.85 7.11
C VAL D 266 4.13 -5.28 5.91
N LEU D 267 3.37 -4.36 5.30
CA LEU D 267 2.70 -4.72 4.02
C LEU D 267 3.72 -5.09 2.97
N GLU D 268 4.76 -4.25 2.79
CA GLU D 268 5.78 -4.54 1.79
C GLU D 268 6.46 -5.89 2.05
N SER D 269 6.76 -6.19 3.32
CA SER D 269 7.45 -7.44 3.62
C SER D 269 6.65 -8.66 3.18
N GLY D 270 5.32 -8.57 3.15
CA GLY D 270 4.55 -9.69 2.68
C GLY D 270 4.23 -9.63 1.20
N GLY D 271 4.77 -8.67 0.46
CA GLY D 271 4.49 -8.63 -0.98
C GLY D 271 3.08 -8.20 -1.30
N PHE D 272 2.49 -7.34 -0.46
CA PHE D 272 1.13 -6.83 -0.63
C PHE D 272 0.85 -6.34 -2.05
N ARG D 273 1.74 -5.49 -2.60
CA ARG D 273 1.55 -4.99 -3.96
C ARG D 273 1.45 -6.13 -4.95
N SER D 274 2.36 -7.12 -4.85
CA SER D 274 2.35 -8.23 -5.81
C SER D 274 1.05 -9.03 -5.75
N LEU D 275 0.44 -9.14 -4.56
CA LEU D 275 -0.79 -9.93 -4.46
C LEU D 275 -1.91 -9.30 -5.25
N LEU D 276 -2.01 -7.97 -5.20
CA LEU D 276 -3.03 -7.27 -5.96
C LEU D 276 -2.74 -7.33 -7.46
N ILE D 277 -1.47 -7.25 -7.86
CA ILE D 277 -1.15 -7.49 -9.28
C ILE D 277 -1.55 -8.91 -9.68
N ASN D 278 -1.24 -9.90 -8.83
CA ASN D 278 -1.60 -11.29 -9.12
C ASN D 278 -3.10 -11.44 -9.32
N ALA D 279 -3.88 -10.74 -8.50
CA ALA D 279 -5.33 -10.84 -8.56
C ALA D 279 -5.87 -10.29 -9.86
N VAL D 280 -5.45 -9.07 -10.24
CA VAL D 280 -5.95 -8.50 -11.50
C VAL D 280 -5.57 -9.42 -12.66
N GLU D 281 -4.33 -9.91 -12.64
CA GLU D 281 -3.88 -10.82 -13.69
C GLU D 281 -4.72 -12.10 -13.71
N ALA D 282 -4.96 -12.70 -12.53
CA ALA D 282 -5.70 -13.97 -12.51
C ALA D 282 -7.14 -13.79 -12.99
N SER D 283 -7.77 -12.68 -12.59
CA SER D 283 -9.14 -12.46 -13.03
C SER D 283 -9.21 -12.22 -14.54
N CYS D 284 -8.27 -11.43 -15.07
CA CYS D 284 -8.23 -11.17 -16.50
C CYS D 284 -7.99 -12.45 -17.29
N ILE D 285 -7.03 -13.26 -16.83
CA ILE D 285 -6.71 -14.50 -17.54
C ILE D 285 -7.90 -15.45 -17.52
N ARG D 286 -8.57 -15.57 -16.37
CA ARG D 286 -9.75 -16.43 -16.30
C ARG D 286 -10.86 -15.93 -17.22
N THR D 287 -11.05 -14.60 -17.26
CA THR D 287 -12.06 -14.03 -18.13
C THR D 287 -11.82 -14.43 -19.58
N ARG D 288 -10.55 -14.41 -20.00
N ARG D 288 -10.55 -14.42 -20.01
CA ARG D 288 -10.25 -14.83 -21.37
CA ARG D 288 -10.24 -14.85 -21.37
C ARG D 288 -10.59 -16.30 -21.62
C ARG D 288 -10.64 -16.30 -21.60
N GLU D 289 -10.47 -17.15 -20.58
CA GLU D 289 -10.86 -18.55 -20.70
C GLU D 289 -12.38 -18.75 -20.72
N LEU D 290 -13.16 -17.77 -20.28
CA LEU D 290 -14.61 -17.92 -20.28
C LEU D 290 -15.26 -17.61 -21.61
N GLN D 291 -14.48 -17.32 -22.67
N GLN D 291 -14.48 -17.38 -22.68
CA GLN D 291 -15.07 -17.23 -23.99
CA GLN D 291 -15.07 -17.19 -24.01
C GLN D 291 -15.82 -18.52 -24.28
C GLN D 291 -15.80 -18.44 -24.46
N SER D 292 -17.14 -18.40 -24.47
CA SER D 292 -17.98 -19.56 -24.73
C SER D 292 -18.23 -19.77 -26.22
N MET D 293 -18.49 -18.69 -26.96
CA MET D 293 -18.87 -18.79 -28.36
C MET D 293 -17.67 -18.59 -29.27
N ALA D 294 -17.80 -19.15 -30.48
CA ALA D 294 -16.88 -18.82 -31.55
C ALA D 294 -17.08 -17.36 -31.95
N ASP D 295 -15.99 -16.61 -32.00
CA ASP D 295 -16.07 -15.20 -32.33
C ASP D 295 -16.49 -14.95 -33.77
N MET E 23 -36.01 -24.13 40.38
CA MET E 23 -34.82 -23.32 40.62
C MET E 23 -34.73 -22.16 39.64
N SER E 24 -33.99 -21.12 40.03
CA SER E 24 -33.95 -19.85 39.31
C SER E 24 -32.53 -19.55 38.86
N VAL E 25 -32.40 -19.05 37.62
CA VAL E 25 -31.11 -18.81 36.99
C VAL E 25 -31.05 -17.35 36.54
N GLY E 26 -29.89 -16.73 36.74
CA GLY E 26 -29.69 -15.35 36.32
C GLY E 26 -28.39 -15.19 35.55
N PHE E 27 -28.39 -14.21 34.65
CA PHE E 27 -27.24 -13.87 33.83
C PHE E 27 -26.85 -12.42 34.08
N ILE E 28 -25.61 -12.20 34.53
CA ILE E 28 -25.01 -10.87 34.58
C ILE E 28 -24.14 -10.72 33.34
N GLY E 29 -24.48 -9.73 32.50
CA GLY E 29 -23.98 -9.68 31.13
C GLY E 29 -25.03 -10.21 30.18
N ALA E 30 -25.23 -9.56 29.04
CA ALA E 30 -26.28 -9.95 28.10
C ALA E 30 -25.72 -10.02 26.69
N GLY E 31 -24.56 -10.65 26.54
CA GLY E 31 -23.89 -10.75 25.26
C GLY E 31 -24.22 -12.03 24.53
N GLN E 32 -23.31 -12.42 23.63
CA GLN E 32 -23.52 -13.60 22.81
C GLN E 32 -23.70 -14.85 23.66
N LEU E 33 -22.88 -15.01 24.70
CA LEU E 33 -22.90 -16.26 25.46
C LEU E 33 -24.16 -16.37 26.31
N ALA E 34 -24.52 -15.30 27.02
CA ALA E 34 -25.74 -15.33 27.83
C ALA E 34 -26.96 -15.68 26.98
N PHE E 35 -27.08 -15.05 25.81
CA PHE E 35 -28.18 -15.41 24.92
C PHE E 35 -28.12 -16.87 24.54
N ALA E 36 -26.93 -17.35 24.15
CA ALA E 36 -26.82 -18.73 23.67
C ALA E 36 -27.20 -19.72 24.76
N LEU E 37 -26.76 -19.47 25.99
CA LEU E 37 -27.09 -20.36 27.09
C LEU E 37 -28.57 -20.30 27.42
N ALA E 38 -29.12 -19.09 27.50
CA ALA E 38 -30.55 -18.95 27.75
C ALA E 38 -31.37 -19.68 26.69
N LYS E 39 -31.02 -19.47 25.41
CA LYS E 39 -31.74 -20.14 24.33
C LYS E 39 -31.63 -21.65 24.44
N GLY E 40 -30.42 -22.16 24.69
CA GLY E 40 -30.25 -23.60 24.80
C GLY E 40 -31.00 -24.19 25.99
N PHE E 41 -30.88 -23.55 27.16
CA PHE E 41 -31.58 -24.00 28.35
C PHE E 41 -33.07 -24.13 28.10
N THR E 42 -33.67 -23.07 27.55
CA THR E 42 -35.11 -23.08 27.32
C THR E 42 -35.50 -24.05 26.23
N ALA E 43 -34.65 -24.21 25.20
CA ALA E 43 -34.93 -25.21 24.16
C ALA E 43 -34.83 -26.62 24.72
N ALA E 44 -33.91 -26.85 25.66
CA ALA E 44 -33.83 -28.13 26.35
C ALA E 44 -35.01 -28.39 27.26
N GLY E 45 -35.81 -27.37 27.58
CA GLY E 45 -36.93 -27.56 28.47
C GLY E 45 -36.55 -27.75 29.91
N VAL E 46 -35.30 -27.49 30.28
CA VAL E 46 -34.89 -27.64 31.68
C VAL E 46 -35.18 -26.40 32.51
N LEU E 47 -35.38 -25.24 31.88
CA LEU E 47 -35.74 -24.02 32.58
C LEU E 47 -36.82 -23.30 31.79
N ALA E 48 -37.82 -22.79 32.52
CA ALA E 48 -38.80 -21.90 31.90
C ALA E 48 -38.17 -20.52 31.68
N ALA E 49 -38.46 -19.93 30.52
CA ALA E 49 -37.83 -18.68 30.14
C ALA E 49 -38.10 -17.56 31.16
N HIS E 50 -39.23 -17.62 31.85
CA HIS E 50 -39.54 -16.60 32.86
C HIS E 50 -38.79 -16.81 34.17
N LYS E 51 -38.26 -18.00 34.42
CA LYS E 51 -37.38 -18.24 35.56
C LYS E 51 -35.95 -17.78 35.31
N ILE E 52 -35.72 -17.03 34.22
CA ILE E 52 -34.40 -16.55 33.84
C ILE E 52 -34.45 -15.03 33.80
N MET E 53 -33.45 -14.38 34.40
CA MET E 53 -33.32 -12.93 34.35
C MET E 53 -31.93 -12.57 33.89
N ALA E 54 -31.82 -11.57 33.02
CA ALA E 54 -30.54 -11.12 32.51
C ALA E 54 -30.43 -9.61 32.67
N SER E 55 -29.22 -9.15 33.00
CA SER E 55 -28.97 -7.73 33.19
C SER E 55 -27.76 -7.29 32.37
N SER E 56 -27.79 -6.03 31.95
CA SER E 56 -26.75 -5.40 31.17
C SER E 56 -26.95 -3.89 31.17
N PRO E 57 -25.92 -3.11 31.51
CA PRO E 57 -26.02 -1.66 31.32
C PRO E 57 -26.19 -1.28 29.86
N ASP E 58 -25.77 -2.14 28.95
CA ASP E 58 -25.94 -1.94 27.51
C ASP E 58 -27.23 -2.64 27.09
N MET E 59 -28.35 -1.93 27.29
CA MET E 59 -29.64 -2.43 26.85
C MET E 59 -29.80 -2.37 25.33
N ASP E 60 -28.92 -1.64 24.64
CA ASP E 60 -29.01 -1.47 23.19
C ASP E 60 -28.65 -2.73 22.42
N LEU E 61 -28.20 -3.79 23.08
CA LEU E 61 -27.74 -4.98 22.38
C LEU E 61 -28.88 -5.61 21.59
N ALA E 62 -28.62 -5.93 20.32
CA ALA E 62 -29.58 -6.71 19.55
C ALA E 62 -29.83 -8.05 20.20
N THR E 63 -28.87 -8.54 20.99
CA THR E 63 -29.10 -9.69 21.85
C THR E 63 -30.33 -9.49 22.71
N VAL E 64 -30.41 -8.33 23.37
CA VAL E 64 -31.51 -8.05 24.29
C VAL E 64 -32.85 -7.93 23.56
N SER E 65 -32.83 -7.59 22.27
CA SER E 65 -34.09 -7.52 21.52
C SER E 65 -34.75 -8.89 21.41
N ALA E 66 -33.95 -9.95 21.31
CA ALA E 66 -34.47 -11.30 21.16
C ALA E 66 -34.79 -11.96 22.50
N LEU E 67 -34.19 -11.49 23.60
CA LEU E 67 -34.48 -12.08 24.90
C LEU E 67 -35.91 -11.76 25.34
N ARG E 68 -36.35 -10.52 25.15
CA ARG E 68 -37.72 -10.16 25.51
C ARG E 68 -38.73 -11.02 24.76
N LYS E 69 -38.46 -11.31 23.48
CA LYS E 69 -39.32 -12.21 22.73
C LYS E 69 -39.33 -13.60 23.35
N MET E 70 -38.15 -14.10 23.73
CA MET E 70 -38.04 -15.45 24.28
C MET E 70 -38.77 -15.59 25.61
N GLY E 71 -39.11 -14.49 26.27
CA GLY E 71 -39.72 -14.53 27.58
C GLY E 71 -38.76 -14.35 28.73
N VAL E 72 -37.52 -13.96 28.47
CA VAL E 72 -36.52 -13.78 29.51
C VAL E 72 -36.75 -12.42 30.16
N LYS E 73 -36.88 -12.41 31.49
CA LYS E 73 -36.94 -11.16 32.23
C LYS E 73 -35.64 -10.40 32.07
N LEU E 74 -35.75 -9.08 31.88
CA LEU E 74 -34.59 -8.22 31.66
C LEU E 74 -34.64 -7.05 32.63
N THR E 75 -33.46 -6.64 33.10
CA THR E 75 -33.36 -5.52 34.02
C THR E 75 -32.02 -4.83 33.77
N PRO E 76 -31.95 -3.51 33.97
CA PRO E 76 -30.66 -2.83 33.87
C PRO E 76 -29.78 -2.98 35.10
N HIS E 77 -30.31 -3.51 36.20
CA HIS E 77 -29.64 -3.50 37.49
C HIS E 77 -29.17 -4.89 37.85
N ASN E 78 -27.86 -5.06 38.02
CA ASN E 78 -27.30 -6.37 38.36
C ASN E 78 -27.80 -6.85 39.72
N LYS E 79 -28.09 -5.92 40.64
CA LYS E 79 -28.56 -6.34 41.96
C LYS E 79 -29.91 -7.03 41.88
N GLU E 80 -30.80 -6.56 40.99
CA GLU E 80 -32.07 -7.27 40.77
C GLU E 80 -31.84 -8.71 40.35
N THR E 81 -30.91 -8.93 39.40
CA THR E 81 -30.64 -10.28 38.94
C THR E 81 -30.21 -11.19 40.09
N VAL E 82 -29.31 -10.72 40.94
CA VAL E 82 -28.85 -11.51 42.07
C VAL E 82 -30.00 -11.86 43.00
N GLN E 83 -30.86 -10.87 43.30
CA GLN E 83 -31.98 -11.10 44.20
C GLN E 83 -33.02 -12.06 43.63
N HIS E 84 -33.06 -12.22 42.31
CA HIS E 84 -33.98 -13.17 41.69
C HIS E 84 -33.39 -14.57 41.54
N SER E 85 -32.07 -14.67 41.47
CA SER E 85 -31.41 -15.89 41.01
C SER E 85 -30.84 -16.71 42.16
N ASP E 86 -30.84 -18.03 41.95
CA ASP E 86 -30.07 -18.98 42.77
C ASP E 86 -28.73 -19.26 42.12
N VAL E 87 -28.75 -19.76 40.88
CA VAL E 87 -27.54 -19.95 40.08
C VAL E 87 -27.30 -18.67 39.28
N LEU E 88 -26.08 -18.14 39.37
CA LEU E 88 -25.76 -16.82 38.86
C LEU E 88 -24.61 -16.94 37.86
N PHE E 89 -24.91 -16.77 36.56
CA PHE E 89 -23.89 -16.83 35.54
C PHE E 89 -23.27 -15.45 35.35
N LEU E 90 -21.95 -15.38 35.40
CA LEU E 90 -21.22 -14.16 35.07
C LEU E 90 -20.69 -14.34 33.65
N ALA E 91 -21.43 -13.82 32.68
CA ALA E 91 -21.06 -13.95 31.28
C ALA E 91 -20.59 -12.60 30.75
N VAL E 92 -19.61 -12.01 31.42
CA VAL E 92 -19.08 -10.70 31.07
C VAL E 92 -17.61 -10.87 30.67
N LYS E 93 -17.04 -9.79 30.15
CA LYS E 93 -15.65 -9.79 29.74
C LYS E 93 -14.74 -9.96 30.96
N PRO E 94 -13.59 -10.63 30.79
CA PRO E 94 -12.68 -10.85 31.93
C PRO E 94 -12.33 -9.59 32.71
N HIS E 95 -12.00 -8.48 32.05
CA HIS E 95 -11.63 -7.27 32.76
C HIS E 95 -12.82 -6.62 33.46
N ILE E 96 -14.03 -7.11 33.21
CA ILE E 96 -15.23 -6.60 33.88
C ILE E 96 -15.57 -7.39 35.14
N ILE E 97 -15.13 -8.65 35.24
CA ILE E 97 -15.44 -9.49 36.41
C ILE E 97 -15.17 -8.78 37.73
N PRO E 98 -14.00 -8.18 37.98
CA PRO E 98 -13.78 -7.55 39.29
C PRO E 98 -14.75 -6.43 39.59
N PHE E 99 -15.20 -5.70 38.56
CA PHE E 99 -16.17 -4.63 38.79
C PHE E 99 -17.52 -5.21 39.20
N ILE E 100 -17.94 -6.31 38.57
CA ILE E 100 -19.19 -6.95 38.94
C ILE E 100 -19.12 -7.49 40.36
N LEU E 101 -18.01 -8.14 40.71
CA LEU E 101 -17.88 -8.75 42.03
C LEU E 101 -17.95 -7.70 43.12
N ASP E 102 -17.35 -6.53 42.91
CA ASP E 102 -17.45 -5.45 43.89
C ASP E 102 -18.85 -4.88 43.96
N GLU E 103 -19.58 -4.88 42.84
CA GLU E 103 -20.89 -4.26 42.80
C GLU E 103 -21.91 -5.08 43.60
N ILE E 104 -21.87 -6.40 43.47
CA ILE E 104 -22.90 -7.27 44.05
C ILE E 104 -22.37 -8.15 45.17
N GLY E 105 -21.10 -7.98 45.57
CA GLY E 105 -20.55 -8.86 46.58
C GLY E 105 -21.36 -8.90 47.86
N ALA E 106 -21.88 -7.75 48.28
CA ALA E 106 -22.67 -7.69 49.50
C ALA E 106 -24.04 -8.32 49.35
N ASP E 107 -24.48 -8.55 48.12
CA ASP E 107 -25.79 -9.15 47.85
C ASP E 107 -25.75 -10.67 47.72
N ILE E 108 -24.56 -11.28 47.74
CA ILE E 108 -24.46 -12.73 47.70
C ILE E 108 -25.06 -13.31 48.97
N GLU E 109 -25.79 -14.41 48.83
CA GLU E 109 -26.39 -15.12 49.96
C GLU E 109 -25.86 -16.55 49.99
N ASP E 110 -26.30 -17.29 51.00
CA ASP E 110 -25.90 -18.69 51.13
C ASP E 110 -26.33 -19.50 49.93
N ARG E 111 -27.55 -19.26 49.43
CA ARG E 111 -28.13 -20.10 48.39
C ARG E 111 -27.40 -19.97 47.05
N HIS E 112 -26.63 -18.90 46.85
CA HIS E 112 -26.11 -18.60 45.53
C HIS E 112 -24.97 -19.52 45.13
N ILE E 113 -25.00 -19.95 43.87
CA ILE E 113 -23.85 -20.55 43.19
C ILE E 113 -23.41 -19.55 42.13
N VAL E 114 -22.20 -19.05 42.25
CA VAL E 114 -21.67 -18.06 41.32
C VAL E 114 -20.83 -18.79 40.28
N VAL E 115 -21.30 -18.76 39.03
CA VAL E 115 -20.67 -19.49 37.92
C VAL E 115 -20.03 -18.46 36.99
N SER E 116 -18.70 -18.40 36.99
CA SER E 116 -17.97 -17.48 36.13
C SER E 116 -17.66 -18.15 34.80
N CYS E 117 -18.02 -17.47 33.71
CA CYS E 117 -17.75 -17.94 32.36
C CYS E 117 -16.59 -17.20 31.72
N ALA E 118 -16.02 -16.21 32.40
CA ALA E 118 -14.97 -15.40 31.80
C ALA E 118 -13.72 -16.22 31.53
N ALA E 119 -13.13 -15.99 30.36
CA ALA E 119 -11.88 -16.64 30.01
C ALA E 119 -10.77 -16.18 30.94
N GLY E 120 -9.97 -17.13 31.42
CA GLY E 120 -8.77 -16.83 32.14
C GLY E 120 -8.93 -16.51 33.62
N VAL E 121 -10.11 -16.07 34.07
CA VAL E 121 -10.27 -15.56 35.43
C VAL E 121 -10.33 -16.72 36.42
N THR E 122 -9.46 -16.68 37.43
CA THR E 122 -9.30 -17.83 38.32
C THR E 122 -10.36 -17.84 39.42
N ILE E 123 -10.73 -19.07 39.83
CA ILE E 123 -11.60 -19.25 41.00
C ILE E 123 -11.06 -18.51 42.20
N SER E 124 -9.75 -18.57 42.42
CA SER E 124 -9.20 -17.96 43.63
C SER E 124 -9.33 -16.45 43.60
N SER E 125 -9.18 -15.84 42.42
CA SER E 125 -9.36 -14.40 42.30
C SER E 125 -10.82 -14.01 42.59
N ILE E 126 -11.77 -14.83 42.15
CA ILE E 126 -13.17 -14.56 42.39
C ILE E 126 -13.50 -14.75 43.88
N GLU E 127 -13.04 -15.86 44.45
CA GLU E 127 -13.30 -16.14 45.86
C GLU E 127 -12.69 -15.07 46.75
N LYS E 128 -11.53 -14.54 46.38
CA LYS E 128 -10.89 -13.50 47.18
C LYS E 128 -11.77 -12.26 47.27
N LYS E 129 -12.25 -11.77 46.12
CA LYS E 129 -13.14 -10.61 46.10
C LYS E 129 -14.41 -10.87 46.90
N LEU E 130 -15.09 -11.99 46.62
CA LEU E 130 -16.39 -12.25 47.24
C LEU E 130 -16.26 -12.54 48.73
N SER E 131 -15.13 -13.13 49.16
CA SER E 131 -14.97 -13.46 50.57
C SER E 131 -14.83 -12.22 51.43
N ALA E 132 -14.41 -11.09 50.85
CA ALA E 132 -14.36 -9.84 51.60
C ALA E 132 -15.74 -9.43 52.09
N PHE E 133 -16.81 -9.99 51.53
CA PHE E 133 -18.17 -9.67 51.93
C PHE E 133 -18.79 -10.76 52.82
N ARG E 134 -18.73 -12.02 52.38
CA ARG E 134 -19.23 -13.17 53.14
C ARG E 134 -18.24 -14.31 52.96
N PRO E 135 -18.01 -15.10 54.01
CA PRO E 135 -16.78 -15.92 54.04
C PRO E 135 -16.70 -17.06 53.05
N ALA E 136 -17.80 -17.78 52.75
CA ALA E 136 -17.72 -19.04 52.01
C ALA E 136 -18.52 -18.98 50.71
N PRO E 137 -18.14 -18.13 49.76
CA PRO E 137 -18.88 -18.07 48.50
C PRO E 137 -18.71 -19.35 47.70
N ARG E 138 -19.81 -19.79 47.09
CA ARG E 138 -19.82 -21.00 46.27
C ARG E 138 -19.55 -20.60 44.83
N VAL E 139 -18.37 -20.95 44.33
CA VAL E 139 -17.90 -20.47 43.04
C VAL E 139 -17.61 -21.65 42.14
N ILE E 140 -18.09 -21.57 40.90
CA ILE E 140 -17.75 -22.52 39.85
C ILE E 140 -17.21 -21.73 38.68
N ARG E 141 -16.14 -22.24 38.06
CA ARG E 141 -15.60 -21.65 36.85
C ARG E 141 -15.90 -22.57 35.68
N CYS E 142 -16.37 -22.00 34.57
CA CYS E 142 -16.64 -22.83 33.42
C CYS E 142 -16.12 -22.16 32.16
N MET E 143 -15.90 -23.00 31.14
CA MET E 143 -15.56 -22.54 29.81
C MET E 143 -16.47 -23.30 28.87
N THR E 144 -17.34 -22.56 28.17
CA THR E 144 -18.32 -23.15 27.27
C THR E 144 -18.18 -22.46 25.93
N ASN E 145 -19.12 -22.65 25.00
CA ASN E 145 -18.96 -22.02 23.71
C ASN E 145 -20.34 -21.74 23.13
N THR E 146 -20.38 -20.96 22.05
CA THR E 146 -21.65 -20.50 21.51
CA THR E 146 -21.66 -20.50 21.53
C THR E 146 -22.56 -21.63 21.00
N PRO E 147 -22.05 -22.78 20.51
CA PRO E 147 -22.98 -23.83 20.04
C PRO E 147 -23.93 -24.39 21.10
N VAL E 148 -23.83 -23.94 22.36
CA VAL E 148 -24.90 -24.25 23.30
C VAL E 148 -26.23 -23.73 22.76
N VAL E 149 -26.21 -22.74 21.85
CA VAL E 149 -27.46 -22.20 21.34
C VAL E 149 -28.21 -23.21 20.48
N VAL E 150 -27.53 -24.21 19.92
CA VAL E 150 -28.16 -25.34 19.24
C VAL E 150 -27.99 -26.63 20.04
N ARG E 151 -27.67 -26.47 21.33
CA ARG E 151 -27.54 -27.59 22.27
C ARG E 151 -26.45 -28.56 21.86
N GLU E 152 -25.37 -28.04 21.29
CA GLU E 152 -24.20 -28.83 20.99
C GLU E 152 -22.93 -28.12 21.45
N GLY E 153 -22.99 -27.48 22.61
CA GLY E 153 -21.82 -26.85 23.16
C GLY E 153 -20.83 -27.87 23.70
N ALA E 154 -19.64 -27.37 24.00
CA ALA E 154 -18.62 -28.11 24.72
C ALA E 154 -18.29 -27.30 25.97
N THR E 155 -18.61 -27.84 27.14
CA THR E 155 -18.44 -27.14 28.40
C THR E 155 -17.56 -27.96 29.34
N VAL E 156 -16.59 -27.31 29.98
CA VAL E 156 -15.89 -27.87 31.14
C VAL E 156 -16.09 -26.93 32.32
N TYR E 157 -15.98 -27.48 33.52
CA TYR E 157 -16.12 -26.68 34.72
C TYR E 157 -15.22 -27.23 35.81
N ALA E 158 -14.85 -26.35 36.73
CA ALA E 158 -14.12 -26.73 37.94
C ALA E 158 -14.81 -26.11 39.14
N THR E 159 -14.87 -26.85 40.23
CA THR E 159 -15.58 -26.41 41.43
C THR E 159 -14.63 -25.70 42.38
N GLY E 160 -15.15 -24.67 43.06
CA GLY E 160 -14.36 -23.85 43.94
C GLY E 160 -14.22 -24.42 45.34
N THR E 161 -13.58 -23.62 46.21
CA THR E 161 -13.23 -24.08 47.54
C THR E 161 -14.44 -24.46 48.37
N HIS E 162 -15.52 -23.69 48.26
CA HIS E 162 -16.69 -23.87 49.12
C HIS E 162 -17.86 -24.46 48.37
N ALA E 163 -17.64 -24.94 47.16
CA ALA E 163 -18.68 -25.62 46.39
C ALA E 163 -19.16 -26.85 47.16
N GLN E 164 -20.44 -26.85 47.53
CA GLN E 164 -21.01 -27.94 48.30
C GLN E 164 -21.05 -29.21 47.45
N VAL E 165 -21.41 -30.32 48.11
CA VAL E 165 -21.27 -31.65 47.50
C VAL E 165 -21.98 -31.71 46.16
N GLU E 166 -23.19 -31.17 46.09
CA GLU E 166 -24.08 -31.30 44.95
C GLU E 166 -23.92 -30.19 43.93
N ASP E 167 -23.14 -29.14 44.22
CA ASP E 167 -23.07 -28.01 43.32
C ASP E 167 -22.51 -28.40 41.96
N GLY E 168 -21.46 -29.24 41.95
CA GLY E 168 -20.90 -29.68 40.69
C GLY E 168 -21.87 -30.54 39.89
N ARG E 169 -22.54 -31.46 40.58
CA ARG E 169 -23.54 -32.30 39.93
C ARG E 169 -24.68 -31.47 39.36
N LEU E 170 -25.12 -30.45 40.09
CA LEU E 170 -26.17 -29.57 39.58
C LEU E 170 -25.70 -28.83 38.34
N MET E 171 -24.48 -28.29 38.38
CA MET E 171 -23.92 -27.59 37.24
CA MET E 171 -23.99 -27.57 37.22
C MET E 171 -23.82 -28.51 36.02
N GLU E 172 -23.36 -29.74 36.24
CA GLU E 172 -23.21 -30.65 35.12
C GLU E 172 -24.57 -31.07 34.55
N GLN E 173 -25.57 -31.26 35.41
CA GLN E 173 -26.91 -31.53 34.90
C GLN E 173 -27.41 -30.37 34.03
N LEU E 174 -27.23 -29.15 34.52
CA LEU E 174 -27.68 -27.98 33.78
C LEU E 174 -26.96 -27.85 32.44
N LEU E 175 -25.63 -27.94 32.46
CA LEU E 175 -24.87 -27.69 31.25
C LEU E 175 -24.84 -28.88 30.29
N SER E 176 -25.11 -30.09 30.79
CA SER E 176 -25.24 -31.22 29.88
C SER E 176 -26.47 -31.10 29.00
N SER E 177 -27.49 -30.34 29.43
CA SER E 177 -28.68 -30.18 28.62
C SER E 177 -28.40 -29.43 27.32
N VAL E 178 -27.25 -28.77 27.19
CA VAL E 178 -26.93 -27.98 26.01
C VAL E 178 -25.63 -28.44 25.34
N GLY E 179 -25.17 -29.63 25.64
CA GLY E 179 -24.03 -30.19 24.94
C GLY E 179 -23.22 -31.09 25.85
N PHE E 180 -21.98 -31.32 25.44
CA PHE E 180 -21.02 -32.03 26.27
C PHE E 180 -20.63 -31.19 27.48
N CYS E 181 -20.55 -31.84 28.64
CA CYS E 181 -20.11 -31.16 29.86
C CYS E 181 -19.31 -32.14 30.71
N THR E 182 -18.15 -31.71 31.22
CA THR E 182 -17.41 -32.56 32.12
C THR E 182 -16.60 -31.70 33.08
N GLU E 183 -16.30 -32.27 34.24
CA GLU E 183 -15.47 -31.59 35.23
C GLU E 183 -14.00 -31.73 34.86
N VAL E 184 -13.24 -30.67 35.07
CA VAL E 184 -11.79 -30.69 34.87
C VAL E 184 -11.12 -30.04 36.07
N GLU E 185 -9.86 -30.37 36.27
CA GLU E 185 -9.03 -29.54 37.14
C GLU E 185 -8.94 -28.15 36.54
N GLU E 186 -8.90 -27.14 37.42
CA GLU E 186 -8.93 -25.77 36.91
C GLU E 186 -7.72 -25.46 36.03
N ASP E 187 -6.57 -26.11 36.27
CA ASP E 187 -5.40 -25.73 35.49
C ASP E 187 -5.47 -26.15 34.03
N LEU E 188 -6.52 -26.89 33.61
CA LEU E 188 -6.70 -27.21 32.20
C LEU E 188 -7.58 -26.21 31.45
N ILE E 189 -8.22 -25.26 32.14
CA ILE E 189 -9.31 -24.53 31.50
C ILE E 189 -8.79 -23.53 30.47
N ASP E 190 -7.62 -22.92 30.71
CA ASP E 190 -7.04 -22.05 29.67
C ASP E 190 -6.78 -22.82 28.37
N ALA E 191 -6.29 -24.06 28.46
CA ALA E 191 -6.07 -24.85 27.24
C ALA E 191 -7.38 -25.23 26.58
N VAL E 192 -8.39 -25.59 27.37
CA VAL E 192 -9.72 -25.83 26.82
C VAL E 192 -10.21 -24.59 26.07
N THR E 193 -9.95 -23.41 26.63
CA THR E 193 -10.33 -22.17 25.96
C THR E 193 -9.73 -22.09 24.56
N GLY E 194 -8.46 -22.47 24.41
CA GLY E 194 -7.84 -22.43 23.08
C GLY E 194 -8.40 -23.47 22.11
N LEU E 195 -8.99 -24.55 22.62
CA LEU E 195 -9.44 -25.64 21.78
C LEU E 195 -10.93 -25.53 21.50
N SER E 196 -11.79 -25.79 22.50
CA SER E 196 -13.23 -25.73 22.23
C SER E 196 -13.84 -24.36 22.49
N GLY E 197 -13.20 -23.50 23.28
CA GLY E 197 -13.71 -22.14 23.42
C GLY E 197 -13.60 -21.36 22.12
N SER E 198 -12.40 -21.32 21.55
CA SER E 198 -12.18 -20.65 20.27
C SER E 198 -12.53 -21.51 19.08
N GLY E 199 -12.63 -22.83 19.27
CA GLY E 199 -12.83 -23.77 18.18
C GLY E 199 -13.88 -23.42 17.15
N PRO E 200 -15.08 -23.01 17.58
CA PRO E 200 -16.12 -22.70 16.59
C PRO E 200 -15.69 -21.64 15.58
N ALA E 201 -14.89 -20.66 15.99
CA ALA E 201 -14.37 -19.66 15.06
C ALA E 201 -13.40 -20.26 14.06
N TYR E 202 -12.58 -21.22 14.47
CA TYR E 202 -11.77 -21.95 13.50
C TYR E 202 -12.67 -22.63 12.47
N ALA E 203 -13.73 -23.28 12.96
CA ALA E 203 -14.67 -23.97 12.08
C ALA E 203 -15.37 -23.01 11.13
N PHE E 204 -15.84 -21.85 11.62
CA PHE E 204 -16.51 -20.90 10.73
C PHE E 204 -15.58 -20.39 9.64
N THR E 205 -14.33 -20.11 10.00
CA THR E 205 -13.31 -19.75 9.00
C THR E 205 -13.12 -20.87 7.99
N ALA E 206 -13.04 -22.11 8.47
CA ALA E 206 -12.80 -23.23 7.56
C ALA E 206 -13.98 -23.42 6.61
N LEU E 207 -15.20 -23.20 7.11
CA LEU E 207 -16.39 -23.38 6.29
C LEU E 207 -16.51 -22.29 5.23
N ASP E 208 -16.17 -21.05 5.58
CA ASP E 208 -16.14 -19.97 4.59
C ASP E 208 -15.17 -20.32 3.47
N ALA E 209 -13.98 -20.81 3.84
CA ALA E 209 -12.97 -21.15 2.84
C ALA E 209 -13.37 -22.36 2.01
N LEU E 210 -13.90 -23.40 2.65
CA LEU E 210 -14.36 -24.57 1.91
C LEU E 210 -15.44 -24.20 0.93
N ALA E 211 -16.34 -23.30 1.31
CA ALA E 211 -17.37 -22.83 0.39
C ALA E 211 -16.74 -22.05 -0.76
N ASP E 212 -15.75 -21.19 -0.48
CA ASP E 212 -15.01 -20.54 -1.56
C ASP E 212 -14.42 -21.55 -2.54
N GLY E 213 -13.87 -22.65 -2.02
CA GLY E 213 -13.36 -23.69 -2.88
C GLY E 213 -14.45 -24.33 -3.73
N GLY E 214 -15.58 -24.65 -3.11
CA GLY E 214 -16.71 -25.15 -3.88
C GLY E 214 -17.13 -24.20 -4.97
N VAL E 215 -17.21 -22.90 -4.65
CA VAL E 215 -17.64 -21.89 -5.63
C VAL E 215 -16.62 -21.79 -6.75
N LYS E 216 -15.33 -21.84 -6.40
CA LYS E 216 -14.30 -21.82 -7.46
C LYS E 216 -14.49 -22.97 -8.42
N MET E 217 -14.89 -24.15 -7.93
CA MET E 217 -15.03 -25.30 -8.82
C MET E 217 -16.41 -25.40 -9.44
N GLY E 218 -17.26 -24.39 -9.26
CA GLY E 218 -18.49 -24.28 -10.04
C GLY E 218 -19.77 -24.45 -9.27
N LEU E 219 -19.72 -24.62 -7.90
CA LEU E 219 -20.94 -24.79 -7.12
C LEU E 219 -21.54 -23.43 -6.76
N PRO E 220 -22.87 -23.37 -6.71
CA PRO E 220 -23.52 -22.20 -6.13
C PRO E 220 -23.11 -22.03 -4.67
N ARG E 221 -23.00 -20.77 -4.23
CA ARG E 221 -22.52 -20.48 -2.88
CA ARG E 221 -22.51 -20.49 -2.88
C ARG E 221 -23.39 -21.14 -1.82
N ARG E 222 -24.71 -21.01 -1.95
CA ARG E 222 -25.60 -21.57 -0.94
C ARG E 222 -25.40 -23.07 -0.79
N LEU E 223 -25.30 -23.78 -1.92
CA LEU E 223 -25.08 -25.21 -1.87
C LEU E 223 -23.71 -25.53 -1.29
N ALA E 224 -22.67 -24.80 -1.70
CA ALA E 224 -21.34 -25.10 -1.18
C ALA E 224 -21.27 -24.94 0.34
N VAL E 225 -21.94 -23.90 0.88
CA VAL E 225 -21.94 -23.70 2.33
C VAL E 225 -22.61 -24.87 3.04
N ARG E 226 -23.78 -25.29 2.54
CA ARG E 226 -24.51 -26.37 3.22
C ARG E 226 -23.74 -27.68 3.14
N LEU E 227 -23.16 -27.98 1.97
CA LEU E 227 -22.39 -29.22 1.81
C LEU E 227 -21.17 -29.23 2.72
N GLY E 228 -20.41 -28.13 2.75
CA GLY E 228 -19.23 -28.06 3.61
C GLY E 228 -19.59 -28.20 5.08
N ALA E 229 -20.66 -27.53 5.52
CA ALA E 229 -21.06 -27.63 6.91
C ALA E 229 -21.57 -29.04 7.22
N GLN E 230 -22.33 -29.64 6.31
CA GLN E 230 -22.79 -31.00 6.56
C GLN E 230 -21.62 -31.98 6.59
N ALA E 231 -20.61 -31.78 5.74
CA ALA E 231 -19.42 -32.63 5.78
C ALA E 231 -18.74 -32.55 7.13
N LEU E 232 -18.58 -31.32 7.63
CA LEU E 232 -17.95 -31.10 8.92
CA LEU E 232 -17.92 -31.14 8.92
C LEU E 232 -18.74 -31.75 10.05
N LEU E 233 -20.05 -31.51 10.05
CA LEU E 233 -20.90 -32.08 11.09
C LEU E 233 -20.83 -33.60 11.11
N GLY E 234 -21.00 -34.23 9.95
CA GLY E 234 -21.05 -35.69 9.93
C GLY E 234 -19.72 -36.32 10.31
N ALA E 235 -18.62 -35.73 9.88
CA ALA E 235 -17.32 -36.27 10.26
C ALA E 235 -17.09 -36.14 11.76
N ALA E 236 -17.43 -34.99 12.33
CA ALA E 236 -17.27 -34.82 13.77
C ALA E 236 -18.13 -35.82 14.52
N LYS E 237 -19.36 -36.04 14.04
CA LYS E 237 -20.21 -37.04 14.68
C LYS E 237 -19.62 -38.45 14.52
N MET E 238 -19.07 -38.76 13.34
CA MET E 238 -18.44 -40.07 13.15
C MET E 238 -17.36 -40.31 14.19
N LEU E 239 -16.47 -39.32 14.39
CA LEU E 239 -15.39 -39.49 15.35
C LEU E 239 -15.95 -39.62 16.77
N LEU E 240 -16.97 -38.84 17.12
CA LEU E 240 -17.51 -38.91 18.47
C LEU E 240 -18.13 -40.26 18.76
N HIS E 241 -18.66 -40.93 17.74
CA HIS E 241 -19.26 -42.25 17.91
C HIS E 241 -18.31 -43.39 17.59
N SER E 242 -17.11 -43.07 17.08
CA SER E 242 -16.14 -44.09 16.73
C SER E 242 -15.20 -44.37 17.90
N GLU E 243 -14.75 -45.62 17.98
CA GLU E 243 -13.66 -45.95 18.89
C GLU E 243 -12.30 -45.72 18.24
N GLN E 244 -12.28 -45.37 16.97
CA GLN E 244 -11.05 -45.36 16.20
C GLN E 244 -10.37 -43.99 16.22
N HIS E 245 -9.07 -44.01 15.95
CA HIS E 245 -8.28 -42.80 15.85
C HIS E 245 -8.70 -41.97 14.64
N PRO E 246 -8.66 -40.63 14.74
CA PRO E 246 -8.94 -39.80 13.55
C PRO E 246 -8.08 -40.15 12.34
N GLY E 247 -6.82 -40.54 12.55
CA GLY E 247 -6.02 -41.01 11.42
C GLY E 247 -6.57 -42.26 10.78
N GLN E 248 -7.15 -43.15 11.59
CA GLN E 248 -7.76 -44.36 11.01
C GLN E 248 -8.99 -44.02 10.19
N LEU E 249 -9.81 -43.08 10.67
CA LEU E 249 -10.95 -42.66 9.88
C LEU E 249 -10.48 -41.97 8.60
N LYS E 250 -9.40 -41.18 8.69
CA LYS E 250 -8.80 -40.59 7.50
C LYS E 250 -8.38 -41.66 6.51
N ASP E 251 -7.69 -42.70 6.99
CA ASP E 251 -7.31 -43.82 6.14
C ASP E 251 -8.53 -44.47 5.47
N ASN E 252 -9.62 -44.63 6.22
CA ASN E 252 -10.79 -45.32 5.70
C ASN E 252 -11.40 -44.59 4.50
N VAL E 253 -11.28 -43.26 4.44
CA VAL E 253 -11.94 -42.51 3.37
C VAL E 253 -11.06 -42.31 2.14
N SER E 254 -9.76 -42.63 2.22
CA SER E 254 -8.81 -42.30 1.15
C SER E 254 -8.47 -43.54 0.31
N SER E 255 -9.22 -43.73 -0.79
CA SER E 255 -8.89 -44.75 -1.79
C SER E 255 -7.51 -44.51 -2.40
N PRO E 256 -6.75 -45.56 -2.69
CA PRO E 256 -5.43 -45.38 -3.32
C PRO E 256 -5.53 -44.65 -4.66
N GLY E 257 -4.68 -43.64 -4.83
CA GLY E 257 -4.63 -42.85 -6.04
C GLY E 257 -5.76 -41.87 -6.20
N GLY E 258 -6.68 -41.77 -5.22
CA GLY E 258 -7.95 -41.12 -5.42
C GLY E 258 -7.94 -39.62 -5.16
N ALA E 259 -9.14 -39.03 -5.30
CA ALA E 259 -9.29 -37.59 -5.13
C ALA E 259 -8.91 -37.15 -3.74
N THR E 260 -9.36 -37.88 -2.71
CA THR E 260 -9.16 -37.42 -1.34
C THR E 260 -7.68 -37.40 -0.96
N ILE E 261 -6.93 -38.45 -1.31
CA ILE E 261 -5.51 -38.46 -0.93
C ILE E 261 -4.74 -37.37 -1.66
N HIS E 262 -5.15 -37.02 -2.88
CA HIS E 262 -4.53 -35.88 -3.56
C HIS E 262 -4.79 -34.57 -2.81
N ALA E 263 -6.02 -34.40 -2.32
CA ALA E 263 -6.35 -33.19 -1.59
C ALA E 263 -5.62 -33.13 -0.26
N LEU E 264 -5.48 -34.28 0.43
CA LEU E 264 -4.77 -34.30 1.69
C LEU E 264 -3.31 -33.88 1.50
N HIS E 265 -2.71 -34.27 0.37
CA HIS E 265 -1.33 -33.88 0.11
C HIS E 265 -1.19 -32.36 0.06
N VAL E 266 -2.07 -31.67 -0.66
CA VAL E 266 -1.90 -30.22 -0.73
C VAL E 266 -2.16 -29.58 0.64
N LEU E 267 -3.04 -30.16 1.47
CA LEU E 267 -3.16 -29.66 2.85
C LEU E 267 -1.85 -29.82 3.60
N GLU E 268 -1.23 -31.00 3.49
CA GLU E 268 0.04 -31.24 4.15
C GLU E 268 1.13 -30.30 3.66
N SER E 269 1.15 -30.02 2.34
CA SER E 269 2.22 -29.18 1.80
C SER E 269 2.14 -27.75 2.35
N GLY E 270 0.97 -27.29 2.76
CA GLY E 270 0.89 -25.98 3.35
C GLY E 270 1.01 -25.98 4.87
N GLY E 271 1.29 -27.14 5.47
CA GLY E 271 1.42 -27.19 6.93
C GLY E 271 0.10 -26.99 7.65
N PHE E 272 -0.99 -27.46 7.05
CA PHE E 272 -2.34 -27.33 7.59
C PHE E 272 -2.40 -27.75 9.05
N ARG E 273 -1.81 -28.92 9.38
CA ARG E 273 -1.86 -29.39 10.77
C ARG E 273 -1.20 -28.37 11.71
N SER E 274 -0.01 -27.89 11.36
CA SER E 274 0.68 -26.93 12.22
C SER E 274 -0.12 -25.63 12.45
N LEU E 275 -0.91 -25.20 11.47
CA LEU E 275 -1.68 -23.97 11.63
C LEU E 275 -2.71 -24.12 12.74
N LEU E 276 -3.35 -25.29 12.79
CA LEU E 276 -4.35 -25.54 13.83
C LEU E 276 -3.69 -25.70 15.20
N ILE E 277 -2.51 -26.33 15.26
CA ILE E 277 -1.77 -26.35 16.52
C ILE E 277 -1.44 -24.91 16.94
N ASN E 278 -0.93 -24.11 16.00
CA ASN E 278 -0.60 -22.70 16.26
C ASN E 278 -1.77 -21.95 16.86
N ALA E 279 -2.97 -22.19 16.33
CA ALA E 279 -4.17 -21.48 16.77
C ALA E 279 -4.52 -21.85 18.21
N VAL E 280 -4.58 -23.15 18.51
CA VAL E 280 -4.88 -23.58 19.88
C VAL E 280 -3.86 -22.97 20.84
N GLU E 281 -2.58 -23.04 20.47
CA GLU E 281 -1.53 -22.45 21.30
C GLU E 281 -1.75 -20.95 21.48
N ALA E 282 -2.00 -20.24 20.38
CA ALA E 282 -2.11 -18.78 20.46
C ALA E 282 -3.29 -18.36 21.32
N SER E 283 -4.42 -19.05 21.18
CA SER E 283 -5.58 -18.71 22.00
C SER E 283 -5.32 -19.02 23.48
N CYS E 284 -4.69 -20.16 23.76
CA CYS E 284 -4.38 -20.49 25.16
C CYS E 284 -3.43 -19.46 25.76
N ILE E 285 -2.39 -19.08 25.02
CA ILE E 285 -1.41 -18.14 25.55
C ILE E 285 -2.04 -16.78 25.80
N ARG E 286 -2.90 -16.32 24.88
CA ARG E 286 -3.57 -15.04 25.07
C ARG E 286 -4.50 -15.09 26.27
N THR E 287 -5.17 -16.22 26.47
CA THR E 287 -6.04 -16.39 27.63
C THR E 287 -5.25 -16.22 28.93
N ARG E 288 -4.04 -16.80 28.98
CA ARG E 288 -3.20 -16.67 30.17
C ARG E 288 -2.78 -15.22 30.39
N GLU E 289 -2.54 -14.46 29.31
CA GLU E 289 -2.19 -13.05 29.45
C GLU E 289 -3.33 -12.23 30.04
N LEU E 290 -4.57 -12.62 29.78
CA LEU E 290 -5.74 -11.83 30.14
C LEU E 290 -6.13 -11.93 31.62
N GLN E 291 -5.26 -12.43 32.51
CA GLN E 291 -5.62 -12.46 33.92
C GLN E 291 -5.87 -11.02 34.39
N SER E 292 -7.13 -10.70 34.72
CA SER E 292 -7.47 -9.34 35.06
C SER E 292 -7.16 -9.03 36.52
N MET E 293 -7.56 -9.92 37.41
CA MET E 293 -7.39 -9.75 38.85
C MET E 293 -6.12 -10.44 39.33
N ALA E 294 -5.77 -10.14 40.57
CA ALA E 294 -4.78 -10.91 41.32
C ALA E 294 -5.50 -12.01 42.08
N ASP E 295 -4.90 -13.20 42.08
CA ASP E 295 -5.55 -14.37 42.68
C ASP E 295 -5.55 -14.33 44.21
C1 EDO F . 38.05 3.96 6.21
O1 EDO F . 38.24 5.04 5.27
C2 EDO F . 38.14 2.65 5.45
O2 EDO F . 39.44 2.57 4.86
C01 A1JKN G . 10.24 0.32 -22.30
C02 A1JKN G . 11.77 0.39 -22.28
C03 A1JKN G . 12.25 -0.96 -22.76
C04 A1JKN G . 11.00 -1.80 -22.98
N05 A1JKN G . 9.83 -0.93 -22.93
O07 A1JKN G . 8.02 -2.77 -23.56
O08 A1JKN G . 7.25 -0.46 -23.10
O09 A1JKN G . 8.01 -1.93 -21.27
S06 A1JKN G . 8.24 -1.51 -22.72
C1 EDO H . 11.96 4.86 13.82
O1 EDO H . 11.94 3.60 13.12
C2 EDO H . 13.35 5.07 14.43
O2 EDO H . 13.62 3.95 15.27
C1 EDO I . 5.71 5.55 -25.89
O1 EDO I . 6.79 6.46 -25.64
C2 EDO I . 4.42 6.19 -25.43
O2 EDO I . 4.49 6.48 -24.03
C1 EDO J . 28.25 -8.05 15.10
O1 EDO J . 28.72 -8.35 13.78
C2 EDO J . 29.32 -8.44 16.12
O2 EDO J . 30.58 -8.53 15.45
C01 A1JKN K . 30.54 3.45 5.86
C02 A1JKN K . 29.58 4.43 5.19
C03 A1JKN K . 28.31 4.43 6.03
C04 A1JKN K . 28.52 3.39 7.13
N05 A1JKN K . 29.91 2.93 7.07
O07 A1JKN K . 30.13 1.57 9.31
O08 A1JKN K . 31.89 1.28 7.51
O09 A1JKN K . 29.63 0.29 7.32
S06 A1JKN K . 30.43 1.49 7.83
C1 EDO L . 0.84 -16.70 3.08
O1 EDO L . 2.08 -16.30 3.65
C2 EDO L . 0.89 -18.19 2.83
O2 EDO L . 1.49 -18.77 3.99
C1 EDO M . 1.13 15.98 9.63
O1 EDO M . 0.37 17.17 9.46
C2 EDO M . 1.97 15.74 8.37
O2 EDO M . 2.75 16.91 8.09
C01 A1JKN N . -18.00 -10.38 -11.95
C02 A1JKN N . -17.61 -9.00 -12.46
C03 A1JKN N . -16.26 -9.19 -13.10
C04 A1JKN N . -16.18 -10.69 -13.42
N05 A1JKN N . -17.32 -11.36 -12.80
O07 A1JKN N . -17.03 -13.80 -13.70
O08 A1JKN N . -18.70 -13.41 -11.87
O09 A1JKN N . -16.28 -13.45 -11.47
S06 A1JKN N . -17.36 -13.03 -12.45
C1 EDO O . -11.90 -24.35 -12.76
O1 EDO O . -12.37 -23.65 -11.60
C2 EDO O . -13.05 -25.07 -13.45
O2 EDO O . -13.94 -25.58 -12.46
C1 EDO P . 7.63 -11.34 -0.10
O1 EDO P . 6.57 -12.27 -0.30
C2 EDO P . 8.91 -12.14 0.02
O2 EDO P . 8.90 -13.13 -1.02
C1 EDO Q . -25.40 -12.36 -12.29
O1 EDO Q . -25.80 -11.01 -12.02
C2 EDO Q . -26.32 -13.28 -11.51
O2 EDO Q . -26.40 -12.77 -10.17
C01 A1JKN R . -0.80 9.54 10.46
C02 A1JKN R . -2.28 9.27 10.74
C03 A1JKN R . -2.30 8.09 11.70
C04 A1JKN R . -0.87 7.98 12.25
N05 A1JKN R . -0.04 8.98 11.57
O07 A1JKN R . 2.19 8.66 12.96
O08 A1JKN R . 2.24 10.11 10.89
O09 A1JKN R . 2.16 7.69 10.79
S06 A1JKN R . 1.66 8.90 11.55
C1 EDO S . -19.79 -11.69 24.26
O1 EDO S . -20.78 -10.86 23.61
C2 EDO S . -20.12 -11.82 25.74
O2 EDO S . -21.18 -12.77 25.89
C01 A1JKN T . -13.93 -40.49 -1.43
C02 A1JKN T . -15.24 -39.71 -1.48
C03 A1JKN T . -15.02 -38.63 -2.53
C04 A1JKN T . -13.81 -39.09 -3.36
N05 A1JKN T . -13.26 -40.29 -2.70
O07 A1JKN T . -11.84 -41.29 -4.67
O08 A1JKN T . -11.73 -42.37 -2.37
O09 A1JKN T . -10.57 -40.29 -2.98
S06 A1JKN T . -11.84 -41.10 -3.18
#